data_4C2B
#
_entry.id   4C2B
#
_cell.length_a   96.530
_cell.length_b   103.840
_cell.length_c   119.930
_cell.angle_alpha   90.00
_cell.angle_beta   90.05
_cell.angle_gamma   90.00
#
_symmetry.space_group_name_H-M   'P 1 21 1'
#
loop_
_entity.id
_entity.type
_entity.pdbx_description
1 polymer 'VON WILLEBRAND FACTOR'
2 polymer 'PLATELET GLYCOPROTEIN IB ALPHA CHAIN'
3 non-polymer 'SULFATE ION'
4 non-polymer '2-(N-MORPHOLINO)-ETHANESULFONIC ACID'
5 non-polymer DI(HYDROXYETHYL)ETHER
6 water water
#
loop_
_entity_poly.entity_id
_entity_poly.type
_entity_poly.pdbx_seq_one_letter_code
_entity_poly.pdbx_strand_id
1 'polypeptide(L)'
;MEPPLHDFCRSRLLDLVFLLDGSSRLSEAEFEVLKAFVVDMMERLRISQKWVRVAVVEYHDGSHAYIGLKDRKRPSELRR
IASQVKYAGSQVASTSEVLKYTLFQIFSKIDRPEASRIALLLMASQEPQRMSRNFVRYVQGLKKKKVIVIPVGIGPHANL
KQIRLIEKQAPENKAFVLSSVDELEQQRDEIVSYLCDLAPEAPPPTLPPHHHHHH
;
A,C,E,G
2 'polypeptide(L)'
;HPICEVSKVASHLEVNCDKRRLTALPPDLPKDTTILHLSENLLYTFSLATLMPYTRLTQLNLDRCELTKLQVDGTLPVLG
TLDLSHNQLQSLPLLGQTLPALTVLDVSFNRLTSLPLGALRGLGELQELYLKGNELKTLPPGLLTPTPKLEKLSLANNRL
TELPAGLLNGLENLDTLLLQENSLYTIPKGFFGSHLLPFAFLHGNPWLCNCEILYFRRWLQDNAENVYVWKQVVDVKAVT
SNVASVQCDNSDKFPVYKYPGKGCPTLGDEGDTDLYDYYPEEDTEGDKVRG
;
B,D,F,H
#
# COMPACT_ATOMS: atom_id res chain seq x y z
N LEU A 5 21.40 -24.71 -50.40
CA LEU A 5 22.40 -24.90 -49.35
C LEU A 5 23.65 -25.57 -49.90
N HIS A 6 24.81 -25.16 -49.38
CA HIS A 6 26.09 -25.67 -49.85
C HIS A 6 26.26 -27.16 -49.60
N ASP A 7 27.03 -27.81 -50.47
CA ASP A 7 27.31 -29.24 -50.34
C ASP A 7 28.39 -29.48 -49.29
N PHE A 8 29.17 -28.44 -49.01
CA PHE A 8 30.29 -28.54 -48.08
C PHE A 8 29.89 -28.02 -46.70
N CYS A 9 28.79 -27.28 -46.64
CA CYS A 9 28.44 -26.56 -45.42
C CYS A 9 27.08 -26.97 -44.85
N ARG A 10 26.66 -28.20 -45.12
CA ARG A 10 25.39 -28.68 -44.59
C ARG A 10 25.58 -29.32 -43.22
N SER A 11 26.63 -30.12 -43.08
CA SER A 11 26.91 -30.82 -41.84
C SER A 11 27.84 -30.02 -40.93
N ARG A 12 28.02 -28.75 -41.24
CA ARG A 12 28.91 -27.89 -40.47
C ARG A 12 28.21 -27.25 -39.28
N LEU A 13 28.95 -27.09 -38.18
CA LEU A 13 28.45 -26.44 -36.99
C LEU A 13 29.18 -25.11 -36.78
N LEU A 14 28.45 -24.01 -36.89
CA LEU A 14 29.06 -22.69 -36.86
C LEU A 14 28.09 -21.61 -36.38
N ASP A 15 28.62 -20.64 -35.63
CA ASP A 15 27.85 -19.47 -35.23
C ASP A 15 28.41 -18.22 -35.88
N LEU A 16 27.77 -17.78 -36.96
CA LEU A 16 28.26 -16.65 -37.74
C LEU A 16 27.60 -15.34 -37.31
N VAL A 17 28.40 -14.27 -37.24
CA VAL A 17 27.89 -12.96 -36.87
C VAL A 17 28.25 -11.91 -37.92
N PHE A 18 27.24 -11.26 -38.47
CA PHE A 18 27.44 -10.25 -39.50
C PHE A 18 27.58 -8.85 -38.91
N LEU A 19 28.72 -8.22 -39.16
CA LEU A 19 28.95 -6.85 -38.69
C LEU A 19 29.05 -5.91 -39.89
N LEU A 20 27.95 -5.23 -40.20
CA LEU A 20 27.86 -4.39 -41.40
C LEU A 20 28.31 -2.96 -41.16
N ASP A 21 29.23 -2.48 -41.99
CA ASP A 21 29.73 -1.11 -41.90
C ASP A 21 28.65 -0.11 -42.28
N GLY A 22 28.38 0.84 -41.38
CA GLY A 22 27.35 1.83 -41.61
C GLY A 22 27.88 3.25 -41.72
N SER A 23 29.05 3.40 -42.34
CA SER A 23 29.67 4.70 -42.50
C SER A 23 29.19 5.39 -43.78
N SER A 24 29.68 6.61 -44.00
CA SER A 24 29.34 7.36 -45.20
C SER A 24 30.30 7.03 -46.34
N ARG A 25 31.29 6.20 -46.04
CA ARG A 25 32.25 5.76 -47.05
C ARG A 25 31.55 4.96 -48.13
N LEU A 26 30.54 4.20 -47.74
CA LEU A 26 29.72 3.45 -48.68
C LEU A 26 28.35 4.13 -48.83
N SER A 27 27.98 4.44 -50.06
CA SER A 27 26.70 5.11 -50.32
C SER A 27 25.53 4.16 -50.06
N GLU A 28 24.32 4.71 -50.07
CA GLU A 28 23.12 3.92 -49.81
C GLU A 28 22.92 2.83 -50.87
N ALA A 29 23.43 3.09 -52.07
CA ALA A 29 23.37 2.11 -53.16
C ALA A 29 24.44 1.04 -52.97
N GLU A 30 25.62 1.46 -52.52
CA GLU A 30 26.72 0.53 -52.27
C GLU A 30 26.45 -0.32 -51.03
N PHE A 31 25.69 0.24 -50.09
CA PHE A 31 25.33 -0.47 -48.88
C PHE A 31 24.27 -1.52 -49.17
N GLU A 32 23.48 -1.28 -50.22
CA GLU A 32 22.43 -2.20 -50.62
C GLU A 32 23.05 -3.46 -51.24
N VAL A 33 24.20 -3.28 -51.89
CA VAL A 33 24.93 -4.41 -52.46
C VAL A 33 25.54 -5.26 -51.36
N LEU A 34 25.98 -4.58 -50.30
CA LEU A 34 26.54 -5.26 -49.13
C LEU A 34 25.47 -6.12 -48.45
N LYS A 35 24.24 -5.62 -48.43
CA LYS A 35 23.11 -6.35 -47.86
C LYS A 35 22.77 -7.54 -48.75
N ALA A 36 22.80 -7.32 -50.07
CA ALA A 36 22.51 -8.40 -51.02
C ALA A 36 23.56 -9.49 -50.92
N PHE A 37 24.78 -9.09 -50.55
CA PHE A 37 25.87 -10.04 -50.36
C PHE A 37 25.58 -10.95 -49.16
N VAL A 38 25.13 -10.34 -48.07
CA VAL A 38 24.82 -11.08 -46.85
C VAL A 38 23.66 -12.05 -47.03
N VAL A 39 22.62 -11.59 -47.74
CA VAL A 39 21.44 -12.43 -48.00
C VAL A 39 21.81 -13.66 -48.83
N ASP A 40 22.55 -13.43 -49.91
CA ASP A 40 23.01 -14.52 -50.76
C ASP A 40 24.00 -15.41 -50.03
N MET A 41 24.66 -14.84 -49.03
CA MET A 41 25.62 -15.59 -48.21
C MET A 41 24.90 -16.60 -47.33
N MET A 42 23.73 -16.22 -46.84
CA MET A 42 22.96 -17.06 -45.94
C MET A 42 22.14 -18.12 -46.68
N GLU A 43 21.86 -17.86 -47.95
CA GLU A 43 21.07 -18.79 -48.77
C GLU A 43 21.82 -20.08 -49.03
N ARG A 44 23.15 -20.02 -48.94
CA ARG A 44 23.98 -21.20 -49.18
C ARG A 44 24.44 -21.83 -47.87
N LEU A 45 23.98 -21.26 -46.76
CA LEU A 45 24.28 -21.82 -45.44
C LEU A 45 23.03 -22.43 -44.82
N ARG A 46 23.19 -23.60 -44.20
CA ARG A 46 22.07 -24.26 -43.55
C ARG A 46 21.72 -23.56 -42.24
N ILE A 47 20.77 -22.63 -42.32
CA ILE A 47 20.39 -21.83 -41.16
C ILE A 47 19.47 -22.60 -40.21
N SER A 48 20.02 -23.00 -39.07
CA SER A 48 19.25 -23.73 -38.06
C SER A 48 19.88 -23.59 -36.68
N GLN A 49 19.10 -23.91 -35.65
CA GLN A 49 19.58 -23.85 -34.27
C GLN A 49 20.61 -24.93 -33.99
N LYS A 50 20.48 -26.05 -34.70
CA LYS A 50 21.38 -27.19 -34.50
C LYS A 50 22.64 -27.05 -35.35
N TRP A 51 22.52 -26.39 -36.49
CA TRP A 51 23.62 -26.28 -37.44
C TRP A 51 24.29 -24.92 -37.41
N VAL A 52 23.80 -24.00 -38.23
CA VAL A 52 24.41 -22.67 -38.34
C VAL A 52 23.47 -21.56 -37.87
N ARG A 53 23.90 -20.83 -36.86
CA ARG A 53 23.15 -19.68 -36.36
C ARG A 53 23.74 -18.39 -36.88
N VAL A 54 22.88 -17.42 -37.20
CA VAL A 54 23.33 -16.15 -37.76
C VAL A 54 23.04 -14.98 -36.85
N ALA A 55 23.77 -13.89 -37.04
CA ALA A 55 23.57 -12.67 -36.28
C ALA A 55 23.92 -11.45 -37.12
N VAL A 56 22.91 -10.62 -37.40
CA VAL A 56 23.11 -9.43 -38.22
C VAL A 56 23.18 -8.17 -37.36
N VAL A 57 24.34 -7.51 -37.38
CA VAL A 57 24.53 -6.28 -36.63
C VAL A 57 25.10 -5.16 -37.50
N GLU A 58 24.28 -4.14 -37.74
CA GLU A 58 24.72 -2.97 -38.49
C GLU A 58 25.33 -1.95 -37.53
N TYR A 59 26.60 -1.65 -37.72
CA TYR A 59 27.31 -0.79 -36.78
C TYR A 59 27.85 0.49 -37.42
N HIS A 60 27.85 1.56 -36.63
CA HIS A 60 28.53 2.80 -37.02
C HIS A 60 29.19 3.42 -35.80
N ASP A 61 28.53 4.40 -35.17
CA ASP A 61 29.05 4.96 -33.93
C ASP A 61 28.78 3.98 -32.79
N GLY A 62 27.74 3.17 -32.98
CA GLY A 62 27.38 2.13 -32.03
C GLY A 62 27.13 0.82 -32.75
N SER A 63 26.17 0.04 -32.26
CA SER A 63 25.83 -1.23 -32.89
C SER A 63 24.33 -1.52 -32.82
N HIS A 64 23.71 -1.66 -33.98
CA HIS A 64 22.29 -2.00 -34.06
C HIS A 64 22.10 -3.48 -34.35
N ALA A 65 21.51 -4.20 -33.41
CA ALA A 65 21.31 -5.63 -33.55
C ALA A 65 19.96 -5.96 -34.19
N TYR A 66 20.00 -6.48 -35.40
CA TYR A 66 18.78 -6.88 -36.10
C TYR A 66 18.44 -8.34 -35.83
N ILE A 67 19.46 -9.19 -35.85
CA ILE A 67 19.28 -10.62 -35.64
C ILE A 67 20.23 -11.14 -34.57
N GLY A 68 19.70 -11.90 -33.62
CA GLY A 68 20.51 -12.52 -32.59
C GLY A 68 20.70 -14.00 -32.83
N LEU A 69 21.72 -14.58 -32.20
CA LEU A 69 22.02 -16.00 -32.38
C LEU A 69 20.97 -16.89 -31.74
N LYS A 70 20.31 -16.38 -30.71
CA LYS A 70 19.30 -17.15 -29.98
C LYS A 70 17.89 -16.91 -30.52
N ASP A 71 17.80 -16.33 -31.72
CA ASP A 71 16.51 -16.07 -32.35
C ASP A 71 15.92 -17.33 -32.96
N ARG A 72 14.64 -17.56 -32.71
CA ARG A 72 13.95 -18.73 -33.23
C ARG A 72 13.01 -18.39 -34.38
N LYS A 73 13.59 -18.12 -35.55
CA LYS A 73 12.80 -17.76 -36.73
C LYS A 73 13.23 -18.58 -37.95
N ARG A 74 12.32 -18.71 -38.91
CA ARG A 74 12.63 -19.42 -40.15
C ARG A 74 13.69 -18.67 -40.94
N PRO A 75 14.54 -19.41 -41.69
CA PRO A 75 15.57 -18.81 -42.54
C PRO A 75 15.02 -17.76 -43.53
N SER A 76 13.78 -17.92 -43.97
CA SER A 76 13.15 -16.92 -44.85
C SER A 76 12.91 -15.62 -44.10
N GLU A 77 12.52 -15.73 -42.84
CA GLU A 77 12.27 -14.55 -42.00
C GLU A 77 13.59 -13.82 -41.70
N LEU A 78 14.65 -14.58 -41.50
CA LEU A 78 15.96 -14.03 -41.19
C LEU A 78 16.60 -13.33 -42.39
N ARG A 79 16.11 -13.65 -43.59
CA ARG A 79 16.65 -13.06 -44.80
C ARG A 79 15.99 -11.71 -45.12
N ARG A 80 14.73 -11.57 -44.73
CA ARG A 80 14.01 -10.33 -44.97
C ARG A 80 14.52 -9.20 -44.08
N ILE A 81 14.79 -9.53 -42.82
CA ILE A 81 15.32 -8.57 -41.87
C ILE A 81 16.71 -8.11 -42.29
N ALA A 82 17.47 -9.04 -42.87
CA ALA A 82 18.80 -8.73 -43.37
C ALA A 82 18.74 -7.87 -44.62
N SER A 83 17.66 -8.02 -45.38
CA SER A 83 17.49 -7.25 -46.62
C SER A 83 16.78 -5.93 -46.35
N GLN A 84 16.30 -5.74 -45.13
CA GLN A 84 15.60 -4.51 -44.76
C GLN A 84 16.38 -3.71 -43.71
N VAL A 85 17.69 -3.92 -43.65
CA VAL A 85 18.55 -3.17 -42.75
C VAL A 85 18.63 -1.72 -43.21
N LYS A 86 18.16 -0.82 -42.36
CA LYS A 86 18.14 0.61 -42.68
C LYS A 86 19.53 1.20 -42.83
N TYR A 87 19.75 1.93 -43.92
CA TYR A 87 21.03 2.56 -44.19
C TYR A 87 21.26 3.75 -43.27
N ALA A 88 22.29 3.65 -42.42
CA ALA A 88 22.62 4.73 -41.52
C ALA A 88 23.50 5.78 -42.22
N GLY A 89 24.66 5.35 -42.67
CA GLY A 89 25.59 6.24 -43.36
C GLY A 89 26.13 7.32 -42.44
N SER A 90 26.53 6.91 -41.24
CA SER A 90 27.04 7.85 -40.25
C SER A 90 28.43 8.37 -40.63
N GLN A 91 28.88 9.39 -39.91
CA GLN A 91 30.18 10.00 -40.17
C GLN A 91 31.30 9.10 -39.70
N VAL A 92 31.04 8.36 -38.62
CA VAL A 92 32.05 7.49 -38.01
C VAL A 92 31.54 6.06 -37.81
N ALA A 93 32.28 5.09 -38.32
CA ALA A 93 31.96 3.69 -38.11
C ALA A 93 32.98 3.05 -37.17
N SER A 94 32.70 3.09 -35.87
CA SER A 94 33.61 2.57 -34.87
C SER A 94 33.68 1.04 -34.90
N THR A 95 34.86 0.52 -35.24
CA THR A 95 35.08 -0.92 -35.28
C THR A 95 35.45 -1.44 -33.89
N SER A 96 35.85 -0.52 -33.01
CA SER A 96 36.21 -0.88 -31.64
C SER A 96 34.95 -1.06 -30.78
N GLU A 97 33.93 -0.28 -31.08
CA GLU A 97 32.65 -0.37 -30.36
C GLU A 97 31.90 -1.64 -30.69
N VAL A 98 31.97 -2.06 -31.96
CA VAL A 98 31.25 -3.24 -32.41
C VAL A 98 31.92 -4.54 -31.94
N LEU A 99 33.24 -4.48 -31.76
CA LEU A 99 33.99 -5.63 -31.27
C LEU A 99 33.91 -5.74 -29.75
N LYS A 100 33.79 -4.59 -29.09
CA LYS A 100 33.58 -4.56 -27.66
C LYS A 100 32.18 -5.11 -27.36
N TYR A 101 31.27 -4.86 -28.28
CA TYR A 101 29.91 -5.38 -28.18
C TYR A 101 29.88 -6.87 -28.50
N THR A 102 30.75 -7.29 -29.41
CA THR A 102 30.81 -8.68 -29.83
C THR A 102 31.46 -9.56 -28.77
N LEU A 103 32.44 -8.99 -28.06
CA LEU A 103 33.18 -9.73 -27.05
C LEU A 103 32.39 -9.92 -25.76
N PHE A 104 31.71 -8.88 -25.32
CA PHE A 104 31.03 -8.90 -24.02
C PHE A 104 29.55 -9.24 -24.10
N GLN A 105 28.87 -8.79 -25.15
CA GLN A 105 27.42 -8.97 -25.24
C GLN A 105 27.02 -10.21 -26.06
N ILE A 106 27.78 -10.51 -27.11
CA ILE A 106 27.45 -11.64 -27.97
C ILE A 106 28.22 -12.90 -27.58
N PHE A 107 29.52 -12.76 -27.33
CA PHE A 107 30.36 -13.89 -26.99
C PHE A 107 30.81 -13.85 -25.53
N SER A 108 29.85 -13.73 -24.62
CA SER A 108 30.14 -13.68 -23.19
C SER A 108 30.43 -15.07 -22.64
N LYS A 109 29.71 -16.06 -23.15
CA LYS A 109 29.86 -17.44 -22.68
C LYS A 109 30.02 -18.40 -23.84
N ILE A 110 30.56 -19.59 -23.55
CA ILE A 110 30.72 -20.61 -24.58
C ILE A 110 29.54 -21.58 -24.54
N ASP A 111 28.51 -21.28 -25.32
CA ASP A 111 27.31 -22.10 -25.35
C ASP A 111 27.46 -23.30 -26.28
N ARG A 112 28.26 -23.12 -27.33
CA ARG A 112 28.49 -24.20 -28.30
C ARG A 112 29.98 -24.43 -28.52
N PRO A 113 30.62 -25.21 -27.64
CA PRO A 113 32.03 -25.54 -27.78
C PRO A 113 32.27 -26.55 -28.90
N GLU A 114 31.21 -27.24 -29.31
CA GLU A 114 31.30 -28.23 -30.38
C GLU A 114 31.24 -27.56 -31.75
N ALA A 115 30.94 -26.26 -31.76
CA ALA A 115 30.83 -25.50 -32.99
C ALA A 115 31.85 -24.38 -33.04
N SER A 116 32.27 -24.01 -34.26
CA SER A 116 33.20 -22.90 -34.42
C SER A 116 32.50 -21.56 -34.23
N ARG A 117 33.28 -20.53 -33.95
CA ARG A 117 32.72 -19.22 -33.68
C ARG A 117 33.42 -18.15 -34.52
N ILE A 118 32.71 -17.63 -35.51
CA ILE A 118 33.30 -16.67 -36.45
C ILE A 118 32.58 -15.33 -36.45
N ALA A 119 33.34 -14.26 -36.27
CA ALA A 119 32.80 -12.91 -36.33
C ALA A 119 33.19 -12.24 -37.63
N LEU A 120 32.28 -12.27 -38.61
CA LEU A 120 32.55 -11.70 -39.92
C LEU A 120 32.46 -10.18 -39.89
N LEU A 121 33.61 -9.52 -39.80
CA LEU A 121 33.65 -8.06 -39.72
C LEU A 121 33.74 -7.45 -41.11
N LEU A 122 32.68 -6.74 -41.51
CA LEU A 122 32.67 -6.05 -42.80
C LEU A 122 33.06 -4.59 -42.62
N MET A 123 34.30 -4.27 -42.97
CA MET A 123 34.82 -2.91 -42.77
C MET A 123 35.14 -2.21 -44.09
N ALA A 124 34.89 -0.90 -44.14
CA ALA A 124 35.16 -0.12 -45.33
C ALA A 124 35.59 1.30 -44.98
N SER A 125 35.76 1.55 -43.67
CA SER A 125 36.14 2.87 -43.19
C SER A 125 37.28 2.77 -42.19
N GLN A 126 37.57 3.89 -41.53
CA GLN A 126 38.60 3.93 -40.49
C GLN A 126 38.20 4.86 -39.36
N GLU A 127 37.94 4.28 -38.19
CA GLU A 127 37.56 5.05 -37.01
C GLU A 127 38.71 5.94 -36.55
N PRO A 128 38.38 7.06 -35.91
CA PRO A 128 39.40 7.96 -35.34
C PRO A 128 40.28 7.22 -34.32
N GLN A 129 41.51 7.70 -34.14
CA GLN A 129 42.46 7.05 -33.25
C GLN A 129 42.04 7.19 -31.79
N ARG A 130 41.14 8.11 -31.51
CA ARG A 130 40.63 8.33 -30.16
C ARG A 130 39.77 7.17 -29.68
N MET A 131 39.38 6.30 -30.62
CA MET A 131 38.53 5.16 -30.29
C MET A 131 39.31 3.84 -30.42
N SER A 132 40.48 3.91 -31.05
CA SER A 132 41.29 2.71 -31.28
C SER A 132 42.30 2.48 -30.16
N ARG A 133 41.85 2.65 -28.91
CA ARG A 133 42.73 2.47 -27.76
C ARG A 133 42.85 0.99 -27.38
N ASN A 134 41.71 0.33 -27.19
CA ASN A 134 41.69 -1.05 -26.75
C ASN A 134 41.29 -2.03 -27.84
N PHE A 135 41.63 -1.69 -29.09
CA PHE A 135 41.30 -2.55 -30.22
C PHE A 135 42.02 -3.88 -30.14
N VAL A 136 43.33 -3.82 -29.92
CA VAL A 136 44.16 -5.03 -29.85
C VAL A 136 43.70 -5.95 -28.73
N ARG A 137 43.34 -5.36 -27.59
CA ARG A 137 42.88 -6.14 -26.44
C ARG A 137 41.56 -6.85 -26.74
N TYR A 138 40.71 -6.21 -27.55
CA TYR A 138 39.44 -6.80 -27.93
C TYR A 138 39.64 -7.93 -28.94
N VAL A 139 40.69 -7.83 -29.74
CA VAL A 139 41.01 -8.85 -30.72
C VAL A 139 41.61 -10.09 -30.06
N GLN A 140 42.55 -9.87 -29.16
CA GLN A 140 43.20 -10.97 -28.43
C GLN A 140 42.23 -11.58 -27.43
N GLY A 141 41.25 -10.80 -27.00
CA GLY A 141 40.23 -11.28 -26.07
C GLY A 141 39.31 -12.28 -26.73
N LEU A 142 39.00 -12.05 -28.00
CA LEU A 142 38.18 -12.97 -28.77
C LEU A 142 38.97 -14.23 -29.12
N LYS A 143 40.28 -14.10 -29.19
CA LYS A 143 41.15 -15.24 -29.47
C LYS A 143 41.16 -16.20 -28.28
N LYS A 144 41.13 -15.64 -27.08
CA LYS A 144 41.09 -16.43 -25.85
C LYS A 144 39.74 -17.13 -25.72
N LYS A 145 38.71 -16.50 -26.26
CA LYS A 145 37.38 -17.09 -26.30
C LYS A 145 37.24 -18.01 -27.51
N LYS A 146 38.35 -18.16 -28.25
CA LYS A 146 38.41 -18.94 -29.47
C LYS A 146 37.36 -18.47 -30.49
N VAL A 147 37.56 -17.26 -30.99
CA VAL A 147 36.67 -16.68 -32.00
C VAL A 147 37.47 -16.22 -33.20
N ILE A 148 37.22 -16.85 -34.35
CA ILE A 148 37.92 -16.50 -35.58
C ILE A 148 37.36 -15.21 -36.16
N VAL A 149 38.16 -14.14 -36.10
CA VAL A 149 37.75 -12.84 -36.62
C VAL A 149 38.23 -12.67 -38.06
N ILE A 150 37.28 -12.47 -38.97
CA ILE A 150 37.60 -12.31 -40.38
C ILE A 150 37.25 -10.93 -40.90
N PRO A 151 38.27 -10.08 -41.08
CA PRO A 151 38.11 -8.72 -41.60
C PRO A 151 37.78 -8.73 -43.09
N VAL A 152 36.78 -7.96 -43.48
CA VAL A 152 36.42 -7.83 -44.89
C VAL A 152 36.52 -6.38 -45.34
N GLY A 153 37.61 -6.05 -46.01
CA GLY A 153 37.85 -4.69 -46.47
C GLY A 153 37.19 -4.39 -47.79
N ILE A 154 36.50 -3.25 -47.85
CA ILE A 154 35.81 -2.83 -49.07
C ILE A 154 36.23 -1.43 -49.48
N GLY A 155 37.07 -1.32 -50.50
CA GLY A 155 37.52 -0.03 -50.98
C GLY A 155 38.86 0.38 -50.40
N PRO A 156 39.36 1.55 -50.83
CA PRO A 156 40.66 2.07 -50.39
C PRO A 156 40.59 2.75 -49.03
N HIS A 157 39.38 3.02 -48.55
CA HIS A 157 39.20 3.72 -47.28
C HIS A 157 39.10 2.76 -46.10
N ALA A 158 39.30 1.47 -46.37
CA ALA A 158 39.23 0.45 -45.33
C ALA A 158 40.40 0.60 -44.35
N ASN A 159 40.13 0.33 -43.08
CA ASN A 159 41.16 0.44 -42.04
C ASN A 159 42.19 -0.68 -42.19
N LEU A 160 43.24 -0.40 -42.98
CA LEU A 160 44.26 -1.40 -43.25
C LEU A 160 45.09 -1.76 -42.02
N LYS A 161 45.24 -0.81 -41.10
CA LYS A 161 45.99 -1.05 -39.88
C LYS A 161 45.29 -2.06 -38.99
N GLN A 162 43.99 -1.87 -38.78
CA GLN A 162 43.21 -2.78 -37.95
C GLN A 162 43.06 -4.16 -38.60
N ILE A 163 43.23 -4.21 -39.92
CA ILE A 163 43.23 -5.47 -40.64
C ILE A 163 44.45 -6.31 -40.28
N ARG A 164 45.61 -5.65 -40.28
CA ARG A 164 46.87 -6.33 -40.00
C ARG A 164 46.97 -6.75 -38.52
N LEU A 165 46.30 -6.01 -37.66
CA LEU A 165 46.32 -6.30 -36.22
C LEU A 165 45.63 -7.62 -35.91
N ILE A 166 44.55 -7.91 -36.62
CA ILE A 166 43.79 -9.13 -36.41
C ILE A 166 44.51 -10.33 -37.04
N GLU A 167 45.14 -10.09 -38.19
CA GLU A 167 45.77 -11.16 -38.95
C GLU A 167 47.10 -11.62 -38.35
N LYS A 168 47.71 -10.77 -37.53
CA LYS A 168 49.03 -11.07 -36.98
C LYS A 168 48.97 -11.82 -35.65
N GLN A 169 47.82 -11.77 -34.99
CA GLN A 169 47.68 -12.39 -33.68
C GLN A 169 47.30 -13.88 -33.77
N ALA A 170 46.38 -14.19 -34.67
CA ALA A 170 45.93 -15.57 -34.86
C ALA A 170 46.10 -16.03 -36.29
N PRO A 171 46.55 -17.29 -36.48
CA PRO A 171 46.77 -17.85 -37.82
C PRO A 171 45.47 -18.12 -38.57
N GLU A 172 44.37 -18.28 -37.84
CA GLU A 172 43.07 -18.56 -38.46
C GLU A 172 42.35 -17.29 -38.90
N ASN A 173 42.82 -16.15 -38.41
CA ASN A 173 42.21 -14.87 -38.77
C ASN A 173 42.71 -14.33 -40.11
N LYS A 174 42.07 -14.78 -41.19
CA LYS A 174 42.40 -14.33 -42.53
C LYS A 174 41.50 -13.17 -42.93
N ALA A 175 42.06 -12.21 -43.69
CA ALA A 175 41.33 -11.01 -44.06
C ALA A 175 40.94 -11.00 -45.54
N PHE A 176 39.89 -10.25 -45.86
CA PHE A 176 39.44 -10.09 -47.23
C PHE A 176 39.45 -8.62 -47.65
N VAL A 177 40.36 -8.26 -48.55
CA VAL A 177 40.45 -6.88 -49.02
C VAL A 177 39.89 -6.74 -50.43
N LEU A 178 38.77 -6.05 -50.55
CA LEU A 178 38.11 -5.85 -51.85
C LEU A 178 38.16 -4.39 -52.26
N SER A 179 38.12 -4.15 -53.58
CA SER A 179 38.17 -2.80 -54.10
C SER A 179 36.78 -2.16 -54.16
N SER A 180 35.76 -3.00 -54.22
CA SER A 180 34.38 -2.51 -54.29
C SER A 180 33.40 -3.53 -53.74
N VAL A 181 32.13 -3.14 -53.64
CA VAL A 181 31.08 -4.02 -53.16
C VAL A 181 30.68 -5.02 -54.24
N ASP A 182 31.10 -4.77 -55.47
CA ASP A 182 30.79 -5.64 -56.59
C ASP A 182 31.70 -6.86 -56.61
N GLU A 183 32.77 -6.82 -55.82
CA GLU A 183 33.68 -7.95 -55.72
C GLU A 183 33.20 -8.95 -54.67
N LEU A 184 32.23 -8.53 -53.88
CA LEU A 184 31.60 -9.40 -52.90
C LEU A 184 30.84 -10.52 -53.59
N GLU A 185 30.25 -10.20 -54.74
CA GLU A 185 29.49 -11.15 -55.53
C GLU A 185 30.42 -12.18 -56.17
N GLN A 186 31.68 -11.79 -56.34
CA GLN A 186 32.68 -12.67 -56.95
C GLN A 186 33.31 -13.61 -55.92
N GLN A 187 33.51 -13.10 -54.71
CA GLN A 187 34.21 -13.84 -53.67
C GLN A 187 33.29 -14.60 -52.73
N ARG A 188 31.98 -14.49 -52.95
CA ARG A 188 30.99 -15.11 -52.07
C ARG A 188 31.11 -16.63 -52.02
N ASP A 189 31.61 -17.22 -53.09
CA ASP A 189 31.79 -18.67 -53.15
C ASP A 189 33.13 -19.09 -52.55
N GLU A 190 34.00 -18.11 -52.33
CA GLU A 190 35.34 -18.40 -51.81
C GLU A 190 35.42 -18.20 -50.30
N ILE A 191 34.71 -17.20 -49.80
CA ILE A 191 34.68 -16.92 -48.37
C ILE A 191 34.02 -18.07 -47.61
N VAL A 192 32.96 -18.62 -48.19
CA VAL A 192 32.26 -19.75 -47.57
C VAL A 192 33.13 -21.00 -47.57
N SER A 193 34.07 -21.07 -48.50
CA SER A 193 34.99 -22.20 -48.58
C SER A 193 35.99 -22.16 -47.42
N TYR A 194 36.08 -21.01 -46.77
CA TYR A 194 36.97 -20.85 -45.63
C TYR A 194 36.18 -20.79 -44.33
N LEU A 195 34.98 -20.21 -44.38
CA LEU A 195 34.11 -20.13 -43.22
C LEU A 195 33.69 -21.52 -42.73
N CYS A 196 33.32 -22.37 -43.68
CA CYS A 196 32.82 -23.70 -43.35
C CYS A 196 33.94 -24.70 -43.09
N ASP A 197 35.13 -24.40 -43.61
CA ASP A 197 36.29 -25.27 -43.42
C ASP A 197 36.78 -25.21 -41.98
N LEU A 198 36.50 -24.10 -41.30
CA LEU A 198 36.91 -23.92 -39.91
C LEU A 198 35.86 -24.47 -38.95
N ALA A 199 34.74 -24.91 -39.48
CA ALA A 199 33.66 -25.45 -38.66
C ALA A 199 33.67 -26.98 -38.63
N PRO A 200 33.42 -27.56 -37.44
CA PRO A 200 33.39 -29.02 -37.27
C PRO A 200 32.22 -29.64 -38.03
N GLU A 201 32.28 -30.95 -38.24
CA GLU A 201 31.20 -31.66 -38.92
C GLU A 201 30.39 -32.51 -37.94
N ALA A 202 29.21 -32.94 -38.38
CA ALA A 202 28.34 -33.75 -37.55
C ALA A 202 28.34 -35.21 -37.99
N PRO A 203 28.52 -36.14 -37.05
CA PRO A 203 28.53 -37.58 -37.31
C PRO A 203 27.22 -38.06 -37.92
N PRO B 2 5.87 -38.45 -30.32
CA PRO B 2 4.49 -38.20 -30.74
C PRO B 2 4.18 -36.72 -30.88
N ILE B 3 4.32 -35.97 -29.78
CA ILE B 3 4.02 -34.54 -29.79
C ILE B 3 5.30 -33.71 -29.73
N CYS B 4 6.20 -34.08 -28.82
CA CYS B 4 7.47 -33.38 -28.67
C CYS B 4 8.52 -33.89 -29.64
N GLU B 5 9.43 -33.00 -30.03
CA GLU B 5 10.49 -33.35 -30.96
C GLU B 5 11.80 -33.67 -30.25
N VAL B 6 12.39 -34.80 -30.59
CA VAL B 6 13.67 -35.21 -30.01
C VAL B 6 14.76 -35.25 -31.08
N SER B 7 15.80 -34.44 -30.90
CA SER B 7 16.88 -34.37 -31.87
C SER B 7 18.23 -34.73 -31.25
N LYS B 8 19.13 -35.28 -32.07
CA LYS B 8 20.45 -35.66 -31.61
C LYS B 8 21.54 -34.79 -32.24
N VAL B 9 21.89 -33.70 -31.56
CA VAL B 9 22.98 -32.85 -32.01
C VAL B 9 24.23 -33.11 -31.18
N ALA B 10 25.32 -33.45 -31.86
CA ALA B 10 26.56 -33.86 -31.20
C ALA B 10 26.34 -35.05 -30.28
N SER B 11 26.73 -34.91 -29.02
CA SER B 11 26.57 -35.97 -28.05
C SER B 11 25.28 -35.82 -27.24
N HIS B 12 24.95 -34.58 -26.89
CA HIS B 12 23.77 -34.30 -26.08
C HIS B 12 22.49 -34.42 -26.90
N LEU B 13 21.36 -34.53 -26.21
CA LEU B 13 20.06 -34.60 -26.86
C LEU B 13 19.19 -33.41 -26.44
N GLU B 14 18.54 -32.79 -27.42
CA GLU B 14 17.72 -31.60 -27.16
C GLU B 14 16.26 -31.84 -27.55
N VAL B 15 15.35 -31.55 -26.61
CA VAL B 15 13.93 -31.76 -26.84
C VAL B 15 13.18 -30.44 -26.91
N ASN B 16 12.41 -30.26 -27.97
CA ASN B 16 11.65 -29.02 -28.16
C ASN B 16 10.14 -29.23 -28.01
N CYS B 17 9.58 -28.72 -26.92
CA CYS B 17 8.15 -28.80 -26.69
C CYS B 17 7.53 -27.41 -26.59
N ASP B 18 7.92 -26.54 -27.52
CA ASP B 18 7.42 -25.17 -27.53
C ASP B 18 6.09 -25.06 -28.27
N LYS B 19 5.16 -24.32 -27.67
CA LYS B 19 3.81 -24.12 -28.21
C LYS B 19 3.11 -25.43 -28.53
N ARG B 20 2.71 -26.15 -27.49
CA ARG B 20 1.99 -27.42 -27.66
C ARG B 20 0.84 -27.52 -26.68
N ARG B 21 0.47 -26.39 -26.09
CA ARG B 21 -0.65 -26.30 -25.15
C ARG B 21 -0.49 -27.28 -23.99
N LEU B 22 0.75 -27.45 -23.54
CA LEU B 22 1.05 -28.38 -22.46
C LEU B 22 0.72 -27.78 -21.10
N THR B 23 -0.06 -28.51 -20.31
CA THR B 23 -0.43 -28.06 -18.97
C THR B 23 0.54 -28.59 -17.93
N ALA B 24 1.32 -29.60 -18.29
CA ALA B 24 2.29 -30.19 -17.39
C ALA B 24 3.41 -30.89 -18.17
N LEU B 25 4.27 -31.60 -17.45
CA LEU B 25 5.39 -32.32 -18.07
C LEU B 25 4.90 -33.59 -18.74
N PRO B 26 5.12 -33.69 -20.06
CA PRO B 26 4.71 -34.86 -20.86
C PRO B 26 5.40 -36.14 -20.40
N PRO B 27 4.68 -37.28 -20.45
CA PRO B 27 5.21 -38.58 -20.07
C PRO B 27 6.23 -39.11 -21.08
N ASP B 28 6.81 -40.27 -20.76
CA ASP B 28 7.80 -40.94 -21.62
C ASP B 28 8.84 -40.04 -22.29
N LEU B 29 9.50 -39.20 -21.49
CA LEU B 29 10.58 -38.36 -21.98
C LEU B 29 11.92 -39.04 -21.73
N PRO B 30 12.86 -38.90 -22.68
CA PRO B 30 14.19 -39.51 -22.58
C PRO B 30 14.99 -38.93 -21.42
N LYS B 31 15.62 -39.81 -20.63
CA LYS B 31 16.37 -39.40 -19.45
C LYS B 31 17.73 -38.83 -19.81
N ASP B 32 18.20 -39.11 -21.03
CA ASP B 32 19.49 -38.60 -21.48
C ASP B 32 19.33 -37.25 -22.18
N THR B 33 18.39 -36.44 -21.70
CA THR B 33 18.14 -35.13 -22.27
C THR B 33 18.98 -34.07 -21.57
N THR B 34 19.63 -33.22 -22.35
CA THR B 34 20.50 -32.17 -21.80
C THR B 34 19.81 -30.81 -21.85
N ILE B 35 19.06 -30.57 -22.91
CA ILE B 35 18.35 -29.30 -23.09
C ILE B 35 16.85 -29.52 -23.27
N LEU B 36 16.04 -28.86 -22.45
CA LEU B 36 14.59 -28.99 -22.52
C LEU B 36 13.93 -27.65 -22.83
N HIS B 37 13.18 -27.60 -23.93
CA HIS B 37 12.47 -26.39 -24.32
C HIS B 37 10.97 -26.51 -24.06
N LEU B 38 10.47 -25.69 -23.15
CA LEU B 38 9.04 -25.67 -22.82
C LEU B 38 8.49 -24.27 -22.96
N SER B 39 8.96 -23.55 -23.98
CA SER B 39 8.57 -22.15 -24.19
C SER B 39 7.12 -22.00 -24.64
N GLU B 40 6.44 -21.00 -24.08
CA GLU B 40 5.06 -20.67 -24.43
C GLU B 40 4.09 -21.83 -24.28
N ASN B 41 3.68 -22.09 -23.04
CA ASN B 41 2.69 -23.13 -22.74
C ASN B 41 1.67 -22.66 -21.72
N LEU B 42 0.94 -23.60 -21.14
CA LEU B 42 -0.08 -23.28 -20.14
C LEU B 42 0.27 -23.87 -18.78
N LEU B 43 1.36 -23.37 -18.19
CA LEU B 43 1.82 -23.87 -16.90
C LEU B 43 1.38 -22.97 -15.76
N TYR B 44 0.36 -23.40 -15.03
CA TYR B 44 -0.13 -22.67 -13.88
C TYR B 44 0.91 -22.70 -12.76
N THR B 45 1.31 -23.91 -12.37
CA THR B 45 2.38 -24.10 -11.42
C THR B 45 3.35 -25.16 -11.94
N PHE B 46 4.58 -25.15 -11.42
CA PHE B 46 5.59 -26.10 -11.88
C PHE B 46 6.60 -26.44 -10.78
N SER B 47 6.90 -27.72 -10.65
CA SER B 47 7.86 -28.19 -9.66
C SER B 47 9.12 -28.73 -10.34
N LEU B 48 10.28 -28.35 -9.81
CA LEU B 48 11.56 -28.79 -10.38
C LEU B 48 11.87 -30.24 -10.05
N ALA B 49 11.15 -30.80 -9.09
CA ALA B 49 11.36 -32.18 -8.68
C ALA B 49 10.96 -33.18 -9.76
N THR B 50 10.12 -32.73 -10.68
CA THR B 50 9.64 -33.58 -11.77
C THR B 50 10.69 -33.75 -12.85
N LEU B 51 11.77 -32.98 -12.75
CA LEU B 51 12.84 -33.02 -13.74
C LEU B 51 14.07 -33.74 -13.21
N MET B 52 13.97 -34.27 -12.00
CA MET B 52 15.07 -35.00 -11.37
C MET B 52 15.58 -36.25 -12.10
N PRO B 53 14.67 -37.10 -12.65
CA PRO B 53 15.16 -38.28 -13.37
C PRO B 53 16.09 -37.95 -14.55
N TYR B 54 16.00 -36.73 -15.06
CA TYR B 54 16.87 -36.30 -16.16
C TYR B 54 18.13 -35.67 -15.59
N THR B 55 19.15 -36.50 -15.34
CA THR B 55 20.38 -36.05 -14.72
C THR B 55 21.38 -35.48 -15.73
N ARG B 56 20.95 -35.36 -16.98
CA ARG B 56 21.80 -34.82 -18.04
C ARG B 56 21.41 -33.38 -18.35
N LEU B 57 20.26 -32.96 -17.83
CA LEU B 57 19.71 -31.64 -18.08
C LEU B 57 20.61 -30.53 -17.52
N THR B 58 20.97 -29.58 -18.38
CA THR B 58 21.82 -28.46 -17.97
C THR B 58 21.18 -27.12 -18.33
N GLN B 59 20.18 -27.15 -19.21
CA GLN B 59 19.50 -25.94 -19.64
C GLN B 59 17.99 -26.13 -19.68
N LEU B 60 17.25 -25.14 -19.17
CA LEU B 60 15.80 -25.21 -19.12
C LEU B 60 15.13 -23.89 -19.50
N ASN B 61 14.07 -23.97 -20.28
CA ASN B 61 13.32 -22.79 -20.68
C ASN B 61 11.83 -22.88 -20.32
N LEU B 62 11.40 -22.02 -19.42
CA LEU B 62 10.00 -21.97 -19.00
C LEU B 62 9.41 -20.59 -19.23
N ASP B 63 9.91 -19.91 -20.26
CA ASP B 63 9.48 -18.55 -20.56
C ASP B 63 8.09 -18.50 -21.18
N ARG B 64 7.35 -17.44 -20.84
CA ARG B 64 6.03 -17.18 -21.41
C ARG B 64 5.03 -18.31 -21.16
N CYS B 65 5.06 -18.87 -19.96
CA CYS B 65 4.17 -19.98 -19.62
C CYS B 65 3.13 -19.57 -18.58
N GLU B 66 3.07 -18.27 -18.29
CA GLU B 66 2.14 -17.72 -17.30
C GLU B 66 2.31 -18.40 -15.95
N LEU B 67 3.56 -18.66 -15.58
CA LEU B 67 3.86 -19.34 -14.32
C LEU B 67 3.62 -18.41 -13.13
N THR B 68 2.81 -18.87 -12.18
CA THR B 68 2.48 -18.08 -11.00
C THR B 68 3.31 -18.50 -9.79
N LYS B 69 3.64 -19.79 -9.73
CA LYS B 69 4.41 -20.32 -8.61
C LYS B 69 5.35 -21.44 -9.05
N LEU B 70 6.64 -21.25 -8.80
CA LEU B 70 7.64 -22.26 -9.12
C LEU B 70 8.10 -22.97 -7.86
N GLN B 71 7.59 -24.17 -7.63
CA GLN B 71 7.95 -24.95 -6.46
C GLN B 71 9.34 -25.56 -6.63
N VAL B 72 10.21 -25.30 -5.66
CA VAL B 72 11.61 -25.73 -5.74
C VAL B 72 11.91 -26.97 -4.90
N ASP B 73 11.38 -28.11 -5.32
CA ASP B 73 11.63 -29.37 -4.63
C ASP B 73 12.72 -30.18 -5.31
N GLY B 74 13.41 -31.00 -4.54
CA GLY B 74 14.47 -31.84 -5.07
C GLY B 74 15.73 -31.06 -5.40
N THR B 75 16.60 -31.65 -6.21
CA THR B 75 17.85 -31.00 -6.58
C THR B 75 18.28 -31.33 -8.02
N LEU B 76 18.89 -30.35 -8.67
CA LEU B 76 19.42 -30.53 -10.02
C LEU B 76 20.90 -30.16 -10.05
N PRO B 77 21.77 -31.15 -9.80
CA PRO B 77 23.21 -30.97 -9.63
C PRO B 77 23.93 -30.29 -10.80
N VAL B 78 23.47 -30.54 -12.03
CA VAL B 78 24.19 -30.05 -13.20
C VAL B 78 23.43 -29.00 -14.02
N LEU B 79 22.32 -28.51 -13.48
CA LEU B 79 21.56 -27.47 -14.18
C LEU B 79 22.28 -26.13 -14.07
N GLY B 80 22.50 -25.49 -15.21
CA GLY B 80 23.23 -24.25 -15.25
C GLY B 80 22.43 -23.06 -15.75
N THR B 81 21.42 -23.33 -16.57
CA THR B 81 20.61 -22.27 -17.16
C THR B 81 19.13 -22.44 -16.88
N LEU B 82 18.50 -21.39 -16.34
CA LEU B 82 17.07 -21.40 -16.08
C LEU B 82 16.42 -20.12 -16.59
N ASP B 83 15.43 -20.27 -17.46
CA ASP B 83 14.73 -19.13 -18.03
C ASP B 83 13.28 -19.09 -17.59
N LEU B 84 12.90 -18.03 -16.89
CA LEU B 84 11.54 -17.89 -16.37
C LEU B 84 10.95 -16.54 -16.78
N SER B 85 11.42 -16.00 -17.90
CA SER B 85 11.02 -14.67 -18.33
C SER B 85 9.57 -14.62 -18.81
N HIS B 86 8.98 -13.43 -18.71
CA HIS B 86 7.61 -13.17 -19.18
C HIS B 86 6.58 -14.10 -18.54
N ASN B 87 6.57 -14.14 -17.22
CA ASN B 87 5.57 -14.93 -16.48
C ASN B 87 4.85 -14.11 -15.43
N GLN B 88 4.11 -14.80 -14.56
CA GLN B 88 3.30 -14.14 -13.55
C GLN B 88 3.83 -14.37 -12.13
N LEU B 89 5.14 -14.47 -12.01
CA LEU B 89 5.77 -14.69 -10.71
C LEU B 89 5.74 -13.42 -9.86
N GLN B 90 4.97 -13.47 -8.77
CA GLN B 90 4.88 -12.33 -7.87
C GLN B 90 5.95 -12.39 -6.80
N SER B 91 6.59 -13.55 -6.67
CA SER B 91 7.67 -13.74 -5.71
C SER B 91 8.80 -14.56 -6.32
N LEU B 92 10.03 -14.23 -5.96
CA LEU B 92 11.20 -14.93 -6.48
C LEU B 92 11.53 -16.15 -5.63
N PRO B 93 11.42 -17.35 -6.23
CA PRO B 93 11.72 -18.60 -5.52
C PRO B 93 13.21 -18.76 -5.26
N LEU B 94 13.56 -19.44 -4.17
CA LEU B 94 14.96 -19.65 -3.82
C LEU B 94 15.54 -20.83 -4.61
N LEU B 95 16.62 -20.55 -5.34
CA LEU B 95 17.26 -21.55 -6.18
C LEU B 95 18.62 -21.95 -5.64
N GLY B 96 18.90 -21.56 -4.40
CA GLY B 96 20.20 -21.82 -3.80
C GLY B 96 20.44 -23.27 -3.46
N GLN B 97 19.47 -23.89 -2.79
CA GLN B 97 19.62 -25.27 -2.33
C GLN B 97 19.12 -26.29 -3.36
N THR B 98 18.71 -25.81 -4.53
CA THR B 98 18.21 -26.69 -5.56
C THR B 98 19.11 -26.66 -6.80
N LEU B 99 19.58 -25.47 -7.16
CA LEU B 99 20.43 -25.30 -8.33
C LEU B 99 21.80 -24.76 -7.94
N PRO B 100 22.73 -25.66 -7.57
CA PRO B 100 24.07 -25.27 -7.12
C PRO B 100 25.00 -24.88 -8.27
N ALA B 101 24.77 -25.45 -9.45
CA ALA B 101 25.63 -25.20 -10.59
C ALA B 101 25.02 -24.21 -11.58
N LEU B 102 23.99 -23.49 -11.13
CA LEU B 102 23.32 -22.50 -11.96
C LEU B 102 24.26 -21.36 -12.32
N THR B 103 24.43 -21.10 -13.62
CA THR B 103 25.31 -20.04 -14.07
C THR B 103 24.55 -18.90 -14.74
N VAL B 104 23.35 -19.20 -15.24
CA VAL B 104 22.53 -18.19 -15.90
C VAL B 104 21.08 -18.26 -15.40
N LEU B 105 20.59 -17.13 -14.88
CA LEU B 105 19.21 -17.05 -14.40
C LEU B 105 18.50 -15.85 -15.02
N ASP B 106 17.35 -16.12 -15.66
CA ASP B 106 16.59 -15.07 -16.32
C ASP B 106 15.15 -15.03 -15.81
N VAL B 107 14.87 -14.06 -14.95
CA VAL B 107 13.51 -13.86 -14.43
C VAL B 107 13.03 -12.46 -14.81
N SER B 108 13.04 -12.17 -16.10
CA SER B 108 12.70 -10.83 -16.58
C SER B 108 11.22 -10.70 -16.93
N PHE B 109 10.74 -9.45 -16.91
CA PHE B 109 9.37 -9.13 -17.28
C PHE B 109 8.32 -9.88 -16.48
N ASN B 110 8.54 -9.99 -15.17
CA ASN B 110 7.56 -10.57 -14.26
C ASN B 110 6.96 -9.49 -13.38
N ARG B 111 6.47 -9.90 -12.20
CA ARG B 111 5.86 -8.95 -11.27
C ARG B 111 6.45 -9.08 -9.87
N LEU B 112 7.77 -8.99 -9.78
CA LEU B 112 8.46 -9.05 -8.49
C LEU B 112 8.33 -7.71 -7.76
N THR B 113 7.56 -7.70 -6.69
CA THR B 113 7.33 -6.49 -5.92
C THR B 113 8.48 -6.22 -4.94
N SER B 114 9.07 -7.29 -4.44
CA SER B 114 10.17 -7.19 -3.48
C SER B 114 11.04 -8.44 -3.47
N LEU B 115 12.23 -8.33 -2.90
CA LEU B 115 13.14 -9.46 -2.80
C LEU B 115 13.51 -9.74 -1.35
N PRO B 116 13.36 -11.00 -0.92
CA PRO B 116 13.63 -11.40 0.46
C PRO B 116 15.12 -11.40 0.79
N LEU B 117 15.44 -11.47 2.08
CA LEU B 117 16.83 -11.49 2.52
C LEU B 117 17.51 -12.79 2.12
N GLY B 118 18.63 -12.67 1.41
CA GLY B 118 19.40 -13.82 0.98
C GLY B 118 18.63 -14.66 -0.03
N ALA B 119 18.21 -14.02 -1.12
CA ALA B 119 17.44 -14.70 -2.15
C ALA B 119 18.34 -15.44 -3.14
N LEU B 120 19.64 -15.18 -3.06
CA LEU B 120 20.60 -15.79 -3.97
C LEU B 120 21.67 -16.59 -3.21
N ARG B 121 21.43 -16.85 -1.93
CA ARG B 121 22.37 -17.61 -1.12
C ARG B 121 22.47 -19.06 -1.59
N GLY B 122 23.64 -19.44 -2.08
CA GLY B 122 23.86 -20.80 -2.56
C GLY B 122 24.14 -20.85 -4.05
N LEU B 123 24.18 -19.68 -4.68
CA LEU B 123 24.44 -19.57 -6.11
C LEU B 123 25.86 -19.08 -6.36
N GLY B 124 26.85 -19.84 -5.91
CA GLY B 124 28.25 -19.47 -6.04
C GLY B 124 28.74 -19.46 -7.47
N GLU B 125 28.15 -20.31 -8.31
CA GLU B 125 28.56 -20.42 -9.70
C GLU B 125 27.74 -19.53 -10.62
N LEU B 126 26.90 -18.69 -10.03
CA LEU B 126 26.05 -17.78 -10.81
C LEU B 126 26.89 -16.67 -11.43
N GLN B 127 26.59 -16.34 -12.68
CA GLN B 127 27.33 -15.31 -13.40
C GLN B 127 26.44 -14.20 -13.94
N GLU B 128 25.17 -14.53 -14.21
CA GLU B 128 24.24 -13.55 -14.75
C GLU B 128 22.88 -13.58 -14.04
N LEU B 129 22.31 -12.40 -13.83
CA LEU B 129 20.99 -12.28 -13.24
C LEU B 129 20.17 -11.22 -13.97
N TYR B 130 19.01 -11.61 -14.47
CA TYR B 130 18.15 -10.71 -15.22
C TYR B 130 16.81 -10.46 -14.53
N LEU B 131 16.64 -9.24 -14.02
CA LEU B 131 15.39 -8.86 -13.36
C LEU B 131 14.80 -7.63 -14.04
N LYS B 132 14.77 -7.65 -15.37
CA LYS B 132 14.31 -6.51 -16.15
C LYS B 132 12.81 -6.58 -16.44
N GLY B 133 12.10 -5.49 -16.17
CA GLY B 133 10.68 -5.41 -16.46
C GLY B 133 9.80 -5.83 -15.30
N ASN B 134 10.33 -5.67 -14.08
CA ASN B 134 9.57 -5.99 -12.88
C ASN B 134 9.11 -4.75 -12.14
N GLU B 135 8.93 -4.87 -10.83
CA GLU B 135 8.48 -3.75 -10.01
C GLU B 135 9.33 -3.62 -8.74
N LEU B 136 10.63 -3.85 -8.89
CA LEU B 136 11.55 -3.72 -7.76
C LEU B 136 11.72 -2.27 -7.36
N LYS B 137 11.39 -1.95 -6.11
CA LYS B 137 11.54 -0.60 -5.60
C LYS B 137 12.78 -0.49 -4.72
N THR B 138 13.06 -1.54 -3.97
CA THR B 138 14.23 -1.59 -3.10
C THR B 138 14.98 -2.91 -3.28
N LEU B 139 16.16 -2.98 -2.68
CA LEU B 139 16.99 -4.19 -2.76
C LEU B 139 17.50 -4.58 -1.37
N PRO B 140 17.50 -5.89 -1.07
CA PRO B 140 17.99 -6.39 0.22
C PRO B 140 19.51 -6.27 0.35
N PRO B 141 20.00 -5.96 1.57
CA PRO B 141 21.42 -5.81 1.85
C PRO B 141 22.20 -7.09 1.58
N GLY B 142 23.32 -6.97 0.87
CA GLY B 142 24.15 -8.12 0.55
C GLY B 142 23.44 -9.10 -0.36
N LEU B 143 22.85 -8.60 -1.43
CA LEU B 143 22.11 -9.44 -2.36
C LEU B 143 23.04 -10.25 -3.26
N LEU B 144 24.09 -9.59 -3.78
CA LEU B 144 25.02 -10.24 -4.69
C LEU B 144 26.28 -10.73 -3.98
N THR B 145 26.22 -10.81 -2.66
CA THR B 145 27.33 -11.31 -1.86
C THR B 145 27.69 -12.78 -2.13
N PRO B 146 26.68 -13.68 -2.14
CA PRO B 146 27.07 -15.08 -2.39
C PRO B 146 27.36 -15.36 -3.86
N THR B 147 27.29 -14.34 -4.71
CA THR B 147 27.57 -14.49 -6.14
C THR B 147 28.74 -13.60 -6.56
N PRO B 148 29.97 -14.05 -6.28
CA PRO B 148 31.18 -13.25 -6.59
C PRO B 148 31.57 -13.36 -8.05
N LYS B 149 31.14 -14.42 -8.73
CA LYS B 149 31.52 -14.64 -10.12
C LYS B 149 30.53 -14.01 -11.10
N LEU B 150 29.66 -13.16 -10.58
CA LEU B 150 28.64 -12.52 -11.41
C LEU B 150 29.27 -11.56 -12.42
N GLU B 151 28.76 -11.58 -13.65
CA GLU B 151 29.31 -10.77 -14.73
C GLU B 151 28.29 -9.77 -15.26
N LYS B 152 27.04 -10.18 -15.38
CA LYS B 152 25.99 -9.31 -15.88
C LYS B 152 24.83 -9.19 -14.90
N LEU B 153 24.45 -7.95 -14.59
CA LEU B 153 23.32 -7.69 -13.71
C LEU B 153 22.30 -6.78 -14.40
N SER B 154 21.06 -7.25 -14.50
CA SER B 154 20.01 -6.48 -15.15
C SER B 154 18.91 -6.10 -14.17
N LEU B 155 18.86 -4.82 -13.83
CA LEU B 155 17.81 -4.29 -12.96
C LEU B 155 17.07 -3.17 -13.68
N ALA B 156 17.01 -3.28 -15.00
CA ALA B 156 16.43 -2.23 -15.84
C ALA B 156 14.90 -2.26 -15.84
N ASN B 157 14.31 -1.12 -16.21
CA ASN B 157 12.86 -1.00 -16.34
C ASN B 157 12.07 -1.39 -15.09
N ASN B 158 12.66 -1.13 -13.92
CA ASN B 158 11.97 -1.35 -12.65
C ASN B 158 11.50 -0.02 -12.06
N ARG B 159 11.21 -0.03 -10.76
CA ARG B 159 10.77 1.16 -10.07
C ARG B 159 11.70 1.49 -8.90
N LEU B 160 12.97 1.17 -9.08
CA LEU B 160 13.97 1.43 -8.05
C LEU B 160 14.15 2.92 -7.78
N THR B 161 14.08 3.30 -6.51
CA THR B 161 14.26 4.69 -6.12
C THR B 161 15.56 4.87 -5.35
N GLU B 162 16.00 3.80 -4.69
CA GLU B 162 17.24 3.83 -3.92
C GLU B 162 18.12 2.63 -4.26
N LEU B 163 19.41 2.74 -3.96
CA LEU B 163 20.36 1.66 -4.22
C LEU B 163 21.27 1.40 -3.03
N PRO B 164 21.49 0.11 -2.70
CA PRO B 164 22.45 -0.28 -1.67
C PRO B 164 23.86 0.11 -2.07
N ALA B 165 24.63 0.68 -1.14
CA ALA B 165 25.98 1.15 -1.44
C ALA B 165 26.94 0.01 -1.73
N GLY B 166 26.68 -1.15 -1.13
CA GLY B 166 27.54 -2.31 -1.33
C GLY B 166 26.92 -3.35 -2.23
N LEU B 167 26.23 -2.90 -3.28
CA LEU B 167 25.57 -3.80 -4.21
C LEU B 167 26.58 -4.47 -5.14
N LEU B 168 27.59 -3.72 -5.55
CA LEU B 168 28.60 -4.24 -6.48
C LEU B 168 29.84 -4.76 -5.75
N ASN B 169 29.76 -4.84 -4.43
CA ASN B 169 30.87 -5.31 -3.62
C ASN B 169 31.17 -6.80 -3.85
N GLY B 170 32.43 -7.12 -4.10
CA GLY B 170 32.85 -8.48 -4.32
C GLY B 170 32.93 -8.84 -5.80
N LEU B 171 32.19 -8.11 -6.61
CA LEU B 171 32.14 -8.36 -8.05
C LEU B 171 33.43 -7.91 -8.74
N GLU B 172 34.24 -8.88 -9.16
CA GLU B 172 35.48 -8.60 -9.86
C GLU B 172 35.38 -8.99 -11.33
N ASN B 173 34.25 -9.58 -11.70
CA ASN B 173 34.03 -10.01 -13.08
C ASN B 173 32.89 -9.25 -13.75
N LEU B 174 32.34 -8.26 -13.05
CA LEU B 174 31.22 -7.48 -13.55
C LEU B 174 31.64 -6.66 -14.77
N ASP B 175 30.93 -6.86 -15.89
CA ASP B 175 31.25 -6.17 -17.13
C ASP B 175 30.05 -5.42 -17.71
N THR B 176 28.85 -5.80 -17.27
CA THR B 176 27.63 -5.16 -17.77
C THR B 176 26.69 -4.80 -16.61
N LEU B 177 26.22 -3.56 -16.61
CA LEU B 177 25.32 -3.09 -15.57
C LEU B 177 24.12 -2.33 -16.15
N LEU B 178 22.96 -2.97 -16.13
CA LEU B 178 21.74 -2.38 -16.66
C LEU B 178 20.88 -1.77 -15.55
N LEU B 179 20.83 -0.44 -15.51
CA LEU B 179 20.08 0.26 -14.47
C LEU B 179 19.22 1.38 -15.03
N GLN B 180 18.83 1.28 -16.30
CA GLN B 180 18.05 2.33 -16.94
C GLN B 180 16.55 2.17 -16.69
N GLU B 181 15.80 3.24 -16.98
CA GLU B 181 14.34 3.25 -16.85
C GLU B 181 13.86 2.96 -15.44
N ASN B 182 14.40 3.69 -14.47
CA ASN B 182 13.97 3.56 -13.08
C ASN B 182 13.54 4.91 -12.49
N SER B 183 13.65 5.03 -11.18
CA SER B 183 13.32 6.28 -10.49
C SER B 183 14.45 6.70 -9.56
N LEU B 184 15.68 6.37 -9.95
CA LEU B 184 16.86 6.71 -9.16
C LEU B 184 17.17 8.19 -9.26
N TYR B 185 17.55 8.80 -8.14
CA TYR B 185 17.87 10.22 -8.10
C TYR B 185 19.32 10.50 -7.72
N THR B 186 19.95 9.58 -7.00
CA THR B 186 21.34 9.74 -6.61
C THR B 186 22.12 8.43 -6.70
N ILE B 187 23.44 8.53 -6.62
CA ILE B 187 24.31 7.36 -6.58
C ILE B 187 25.09 7.35 -5.27
N PRO B 188 25.01 6.22 -4.54
CA PRO B 188 25.69 6.05 -3.24
C PRO B 188 27.19 6.29 -3.35
N LYS B 189 27.79 6.81 -2.28
CA LYS B 189 29.22 7.09 -2.25
C LYS B 189 30.02 5.80 -2.28
N GLY B 190 31.00 5.73 -3.18
CA GLY B 190 31.82 4.54 -3.32
C GLY B 190 31.02 3.34 -3.78
N PHE B 191 30.21 3.55 -4.81
CA PHE B 191 29.34 2.49 -5.32
C PHE B 191 30.06 1.60 -6.33
N PHE B 192 30.79 2.23 -7.25
CA PHE B 192 31.48 1.49 -8.29
C PHE B 192 32.85 0.98 -7.84
N GLY B 193 33.42 1.65 -6.83
CA GLY B 193 34.72 1.26 -6.32
C GLY B 193 35.84 1.57 -7.27
N SER B 194 36.85 0.71 -7.29
CA SER B 194 38.00 0.90 -8.18
C SER B 194 38.06 -0.18 -9.25
N HIS B 195 36.90 -0.77 -9.55
CA HIS B 195 36.81 -1.81 -10.57
C HIS B 195 36.42 -1.22 -11.93
N LEU B 196 37.03 -1.74 -12.98
CA LEU B 196 36.72 -1.29 -14.33
C LEU B 196 35.44 -1.93 -14.84
N LEU B 197 34.45 -1.10 -15.16
CA LEU B 197 33.16 -1.57 -15.64
C LEU B 197 32.93 -1.13 -17.09
N PRO B 198 33.17 -2.04 -18.04
CA PRO B 198 33.10 -1.78 -19.48
C PRO B 198 31.75 -1.23 -19.94
N PHE B 199 30.67 -1.69 -19.33
CA PHE B 199 29.33 -1.25 -19.72
C PHE B 199 28.51 -0.77 -18.52
N ALA B 200 27.86 0.38 -18.68
CA ALA B 200 27.04 0.94 -17.61
C ALA B 200 25.90 1.76 -18.18
N PHE B 201 24.68 1.22 -18.08
CA PHE B 201 23.49 1.90 -18.57
C PHE B 201 22.80 2.64 -17.42
N LEU B 202 22.92 3.97 -17.42
CA LEU B 202 22.41 4.76 -16.30
C LEU B 202 21.47 5.88 -16.75
N HIS B 203 21.02 5.81 -18.00
CA HIS B 203 20.11 6.82 -18.53
C HIS B 203 18.67 6.53 -18.12
N GLY B 204 17.76 7.45 -18.47
CA GLY B 204 16.35 7.28 -18.16
C GLY B 204 16.05 7.38 -16.67
N ASN B 205 16.99 7.96 -15.92
CA ASN B 205 16.80 8.13 -14.48
C ASN B 205 16.77 9.60 -14.07
N PRO B 206 15.80 9.97 -13.23
CA PRO B 206 15.66 11.34 -12.74
C PRO B 206 16.72 11.68 -11.69
N TRP B 207 17.97 11.76 -12.11
CA TRP B 207 19.07 12.03 -11.20
C TRP B 207 18.99 13.42 -10.58
N LEU B 208 18.88 13.47 -9.25
CA LEU B 208 18.86 14.73 -8.53
C LEU B 208 20.29 15.26 -8.39
N CYS B 209 20.59 16.32 -9.13
CA CYS B 209 21.95 16.85 -9.19
C CYS B 209 22.21 17.89 -8.11
N ASN B 210 22.62 17.43 -6.94
CA ASN B 210 23.00 18.32 -5.84
C ASN B 210 24.47 18.13 -5.45
N CYS B 211 24.73 18.08 -4.15
CA CYS B 211 26.10 17.87 -3.67
C CYS B 211 26.39 16.40 -3.47
N GLU B 212 25.34 15.58 -3.41
CA GLU B 212 25.49 14.14 -3.20
C GLU B 212 25.90 13.43 -4.49
N ILE B 213 25.66 14.08 -5.62
CA ILE B 213 25.91 13.47 -6.92
C ILE B 213 27.33 13.75 -7.41
N LEU B 214 28.13 14.37 -6.55
CA LEU B 214 29.51 14.74 -6.88
C LEU B 214 30.36 13.52 -7.22
N TYR B 215 30.21 12.44 -6.44
CA TYR B 215 30.94 11.21 -6.70
C TYR B 215 30.56 10.60 -8.03
N PHE B 216 29.28 10.71 -8.37
CA PHE B 216 28.77 10.18 -9.64
C PHE B 216 29.43 10.89 -10.81
N ARG B 217 29.49 12.21 -10.73
CA ARG B 217 30.13 13.01 -11.79
C ARG B 217 31.60 12.65 -11.92
N ARG B 218 32.25 12.41 -10.79
CA ARG B 218 33.66 12.02 -10.77
C ARG B 218 33.88 10.69 -11.48
N TRP B 219 32.89 9.81 -11.37
CA TRP B 219 32.96 8.50 -12.01
C TRP B 219 32.63 8.59 -13.50
N LEU B 220 31.72 9.48 -13.84
CA LEU B 220 31.30 9.67 -15.23
C LEU B 220 32.38 10.33 -16.07
N GLN B 221 33.19 11.19 -15.43
CA GLN B 221 34.26 11.89 -16.14
C GLN B 221 35.45 10.96 -16.42
N ASP B 222 35.58 9.92 -15.61
CA ASP B 222 36.67 8.96 -15.79
C ASP B 222 36.21 7.73 -16.57
N ASN B 223 34.91 7.50 -16.57
CA ASN B 223 34.34 6.34 -17.27
C ASN B 223 33.28 6.76 -18.29
N ALA B 224 33.56 7.81 -19.05
CA ALA B 224 32.63 8.30 -20.06
C ALA B 224 32.58 7.36 -21.26
N GLU B 225 33.65 6.60 -21.45
CA GLU B 225 33.74 5.68 -22.57
C GLU B 225 33.02 4.37 -22.26
N ASN B 226 32.58 4.22 -21.02
CA ASN B 226 31.92 2.99 -20.58
C ASN B 226 30.43 3.16 -20.31
N VAL B 227 29.91 4.34 -20.60
CA VAL B 227 28.48 4.60 -20.44
C VAL B 227 27.74 4.41 -21.76
N TYR B 228 26.75 3.53 -21.76
CA TYR B 228 26.03 3.20 -22.99
C TYR B 228 24.53 3.43 -22.86
N VAL B 229 23.84 3.41 -24.00
CA VAL B 229 22.40 3.64 -24.04
C VAL B 229 21.69 2.46 -24.71
N TRP B 230 20.62 2.00 -24.08
CA TRP B 230 19.84 0.90 -24.64
C TRP B 230 18.53 1.40 -25.24
N LYS B 231 18.45 1.39 -26.57
CA LYS B 231 17.26 1.86 -27.27
C LYS B 231 16.75 0.79 -28.24
N GLN B 232 15.45 0.53 -28.20
CA GLN B 232 14.86 -0.51 -29.03
C GLN B 232 13.70 -0.01 -29.89
N VAL B 233 13.77 -0.29 -31.19
CA VAL B 233 12.68 -0.02 -32.10
C VAL B 233 12.24 -1.33 -32.76
N VAL B 234 10.94 -1.63 -32.67
CA VAL B 234 10.39 -2.91 -33.13
C VAL B 234 11.08 -4.09 -32.47
N ASP B 235 11.98 -4.74 -33.20
CA ASP B 235 12.75 -5.86 -32.66
C ASP B 235 14.24 -5.58 -32.77
N VAL B 236 14.57 -4.42 -33.33
CA VAL B 236 15.95 -4.01 -33.48
C VAL B 236 16.45 -3.31 -32.23
N LYS B 237 17.45 -3.90 -31.58
CA LYS B 237 17.97 -3.35 -30.33
C LYS B 237 19.38 -2.79 -30.53
N ALA B 238 19.55 -1.51 -30.20
CA ALA B 238 20.82 -0.84 -30.41
C ALA B 238 21.49 -0.42 -29.11
N VAL B 239 22.81 -0.49 -29.08
CA VAL B 239 23.59 -0.08 -27.92
C VAL B 239 24.69 0.90 -28.35
N THR B 240 24.55 2.15 -27.94
CA THR B 240 25.50 3.19 -28.34
C THR B 240 26.03 3.95 -27.12
N SER B 241 27.33 4.23 -27.12
CA SER B 241 27.95 4.97 -26.04
C SER B 241 27.56 6.44 -26.07
N ASN B 242 27.03 6.92 -24.95
CA ASN B 242 26.63 8.31 -24.82
C ASN B 242 26.58 8.75 -23.37
N VAL B 243 27.67 9.35 -22.89
CA VAL B 243 27.77 9.77 -21.49
C VAL B 243 26.82 10.93 -21.20
N ALA B 244 26.40 11.62 -22.24
CA ALA B 244 25.50 12.77 -22.10
C ALA B 244 24.05 12.32 -21.87
N SER B 245 23.82 11.02 -21.89
CA SER B 245 22.48 10.48 -21.67
C SER B 245 22.09 10.59 -20.20
N VAL B 246 23.08 10.47 -19.32
CA VAL B 246 22.85 10.61 -17.89
C VAL B 246 22.55 12.07 -17.57
N GLN B 247 21.27 12.40 -17.48
CA GLN B 247 20.84 13.79 -17.34
C GLN B 247 20.19 14.08 -15.99
N CYS B 248 20.31 15.33 -15.56
CA CYS B 248 19.73 15.77 -14.29
C CYS B 248 18.21 15.82 -14.37
N ASP B 249 17.55 15.59 -13.24
CA ASP B 249 16.10 15.69 -13.17
C ASP B 249 15.66 17.13 -13.33
N ASN B 250 16.50 18.05 -12.85
CA ASN B 250 16.26 19.47 -13.01
C ASN B 250 16.15 19.82 -14.49
N SER B 251 14.92 19.96 -14.97
CA SER B 251 14.63 20.00 -16.40
C SER B 251 15.33 21.10 -17.20
N ASP B 252 16.60 20.86 -17.52
CA ASP B 252 17.31 21.64 -18.52
C ASP B 252 17.86 20.66 -19.53
N LYS B 253 17.52 19.38 -19.34
CA LYS B 253 18.07 18.28 -20.10
C LYS B 253 19.59 18.33 -20.07
N PHE B 254 20.11 18.60 -18.87
CA PHE B 254 21.53 18.83 -18.66
C PHE B 254 22.22 17.54 -18.21
N PRO B 255 23.31 17.17 -18.89
CA PRO B 255 24.06 15.96 -18.55
C PRO B 255 24.68 16.05 -17.15
N VAL B 256 24.57 14.97 -16.38
CA VAL B 256 25.05 14.94 -15.00
C VAL B 256 26.54 15.21 -14.90
N TYR B 257 27.32 14.65 -15.83
CA TYR B 257 28.78 14.77 -15.78
C TYR B 257 29.27 16.18 -16.10
N LYS B 258 28.36 17.07 -16.47
CA LYS B 258 28.71 18.45 -16.77
C LYS B 258 28.21 19.43 -15.71
N TYR B 259 27.45 18.91 -14.75
CA TYR B 259 26.88 19.73 -13.68
C TYR B 259 27.96 20.28 -12.75
N PRO B 260 28.07 21.62 -12.68
CA PRO B 260 29.06 22.28 -11.83
C PRO B 260 28.70 22.20 -10.35
N GLY B 261 29.68 21.86 -9.51
CA GLY B 261 29.47 21.79 -8.08
C GLY B 261 29.47 23.17 -7.44
N LYS B 262 28.31 23.80 -7.41
CA LYS B 262 28.19 25.16 -6.90
C LYS B 262 27.68 25.20 -5.46
N GLY B 263 28.60 25.41 -4.51
CA GLY B 263 28.22 25.54 -3.12
C GLY B 263 28.40 24.26 -2.31
N CYS B 264 29.14 23.30 -2.87
CA CYS B 264 29.42 22.05 -2.17
C CYS B 264 30.92 21.87 -1.96
N PRO B 265 31.32 21.53 -0.73
CA PRO B 265 32.73 21.32 -0.41
C PRO B 265 33.20 19.92 -0.78
N HIS C 6 10.77 10.83 4.09
CA HIS C 6 9.57 10.15 3.63
C HIS C 6 8.38 11.11 3.57
N ASP C 7 7.18 10.57 3.51
CA ASP C 7 5.97 11.37 3.43
C ASP C 7 5.73 12.14 4.72
N PHE C 8 6.01 11.48 5.85
CA PHE C 8 5.76 12.07 7.15
C PHE C 8 6.99 11.97 8.05
N CYS C 9 7.87 11.02 7.73
CA CYS C 9 9.09 10.82 8.49
C CYS C 9 10.31 11.39 7.76
N ARG C 10 10.21 12.65 7.35
CA ARG C 10 11.27 13.32 6.61
C ARG C 10 12.25 14.01 7.55
N SER C 11 11.76 15.01 8.26
CA SER C 11 12.61 15.79 9.16
C SER C 11 12.28 15.52 10.62
N ARG C 12 12.08 14.26 10.96
CA ARG C 12 11.75 13.87 12.32
C ARG C 12 13.00 13.57 13.15
N LEU C 13 13.03 14.06 14.38
CA LEU C 13 14.13 13.79 15.29
C LEU C 13 13.73 12.69 16.27
N LEU C 14 14.22 11.48 16.03
CA LEU C 14 13.77 10.33 16.79
C LEU C 14 14.91 9.37 17.14
N ASP C 15 14.83 8.80 18.34
CA ASP C 15 15.77 7.75 18.76
C ASP C 15 15.03 6.43 18.89
N LEU C 16 14.88 5.73 17.76
CA LEU C 16 14.11 4.49 17.72
C LEU C 16 14.94 3.28 18.13
N VAL C 17 14.36 2.40 18.95
CA VAL C 17 15.05 1.23 19.44
C VAL C 17 14.30 -0.06 19.09
N PHE C 18 14.95 -0.93 18.33
CA PHE C 18 14.36 -2.21 17.94
C PHE C 18 14.73 -3.31 18.93
N LEU C 19 13.73 -3.86 19.61
CA LEU C 19 13.96 -4.94 20.56
C LEU C 19 13.41 -6.27 20.04
N LEU C 20 14.24 -6.99 19.28
CA LEU C 20 13.81 -8.22 18.63
C LEU C 20 13.75 -9.42 19.59
N ASP C 21 12.60 -10.08 19.61
CA ASP C 21 12.42 -11.29 20.42
C ASP C 21 13.23 -12.44 19.84
N GLY C 22 14.06 -13.06 20.68
CA GLY C 22 14.92 -14.13 20.24
C GLY C 22 14.63 -15.46 20.92
N SER C 23 13.35 -15.81 21.01
CA SER C 23 12.95 -17.08 21.61
C SER C 23 12.77 -18.16 20.54
N SER C 24 12.44 -19.36 20.98
CA SER C 24 12.21 -20.48 20.07
C SER C 24 10.80 -20.41 19.48
N ARG C 25 10.01 -19.45 19.96
CA ARG C 25 8.66 -19.24 19.45
C ARG C 25 8.69 -18.88 17.97
N LEU C 26 9.74 -18.17 17.57
CA LEU C 26 9.94 -17.84 16.17
C LEU C 26 11.05 -18.72 15.59
N SER C 27 10.76 -19.40 14.50
CA SER C 27 11.74 -20.26 13.85
C SER C 27 12.81 -19.44 13.15
N GLU C 28 13.79 -20.13 12.55
CA GLU C 28 14.87 -19.46 11.84
C GLU C 28 14.35 -18.73 10.61
N ALA C 29 13.26 -19.24 10.05
CA ALA C 29 12.64 -18.63 8.87
C ALA C 29 11.78 -17.44 9.26
N GLU C 30 11.03 -17.58 10.35
CA GLU C 30 10.16 -16.51 10.82
C GLU C 30 10.97 -15.32 11.32
N PHE C 31 12.12 -15.61 11.92
CA PHE C 31 13.01 -14.56 12.45
C PHE C 31 13.62 -13.77 11.29
N GLU C 32 13.77 -14.43 10.14
CA GLU C 32 14.31 -13.78 8.96
C GLU C 32 13.35 -12.72 8.45
N VAL C 33 12.05 -12.98 8.63
CA VAL C 33 11.02 -12.02 8.27
C VAL C 33 11.06 -10.82 9.20
N LEU C 34 11.31 -11.07 10.47
CA LEU C 34 11.42 -10.02 11.47
C LEU C 34 12.63 -9.13 11.16
N LYS C 35 13.73 -9.74 10.73
CA LYS C 35 14.92 -9.02 10.34
C LYS C 35 14.66 -8.17 9.10
N ALA C 36 13.95 -8.75 8.14
CA ALA C 36 13.60 -8.05 6.91
C ALA C 36 12.67 -6.89 7.18
N PHE C 37 11.85 -7.03 8.22
CA PHE C 37 10.94 -5.96 8.64
C PHE C 37 11.71 -4.77 9.16
N VAL C 38 12.72 -5.04 9.99
CA VAL C 38 13.54 -3.99 10.58
C VAL C 38 14.33 -3.25 9.50
N VAL C 39 14.89 -4.00 8.56
CA VAL C 39 15.65 -3.42 7.46
C VAL C 39 14.79 -2.47 6.63
N ASP C 40 13.57 -2.89 6.33
CA ASP C 40 12.63 -2.07 5.57
C ASP C 40 12.24 -0.81 6.35
N MET C 41 12.21 -0.93 7.67
CA MET C 41 11.90 0.20 8.54
C MET C 41 12.99 1.27 8.46
N MET C 42 14.22 0.81 8.24
CA MET C 42 15.36 1.71 8.16
C MET C 42 15.45 2.39 6.80
N GLU C 43 14.88 1.75 5.78
CA GLU C 43 14.87 2.30 4.43
C GLU C 43 13.88 3.46 4.32
N ARG C 44 12.82 3.40 5.13
CA ARG C 44 11.80 4.44 5.14
C ARG C 44 12.26 5.64 5.97
N LEU C 45 12.96 5.37 7.07
CA LEU C 45 13.44 6.42 7.95
C LEU C 45 14.76 7.02 7.46
N ARG C 46 14.97 8.30 7.72
CA ARG C 46 16.22 8.96 7.37
C ARG C 46 17.29 8.63 8.40
N ILE C 47 18.10 7.62 8.11
CA ILE C 47 19.12 7.15 9.04
C ILE C 47 20.27 8.14 9.13
N SER C 48 20.32 8.89 10.23
CA SER C 48 21.37 9.87 10.45
C SER C 48 21.52 10.21 11.92
N GLN C 49 22.72 10.66 12.31
CA GLN C 49 22.98 11.05 13.68
C GLN C 49 22.27 12.35 14.03
N LYS C 50 21.98 13.15 13.01
CA LYS C 50 21.36 14.45 13.19
C LYS C 50 19.84 14.37 13.12
N TRP C 51 19.33 13.26 12.59
CA TRP C 51 17.90 13.10 12.41
C TRP C 51 17.35 11.90 13.16
N VAL C 52 17.44 10.72 12.56
CA VAL C 52 16.94 9.51 13.19
C VAL C 52 18.05 8.49 13.42
N ARG C 53 18.33 8.20 14.69
CA ARG C 53 19.34 7.20 15.04
C ARG C 53 18.66 5.86 15.35
N VAL C 54 19.28 4.78 14.91
CA VAL C 54 18.72 3.45 15.09
C VAL C 54 19.46 2.64 16.15
N ALA C 55 18.79 1.65 16.71
CA ALA C 55 19.38 0.78 17.72
C ALA C 55 18.70 -0.59 17.72
N VAL C 56 19.34 -1.56 17.08
CA VAL C 56 18.78 -2.90 16.97
C VAL C 56 19.38 -3.84 18.01
N VAL C 57 18.54 -4.32 18.93
CA VAL C 57 18.99 -5.24 19.98
C VAL C 57 18.16 -6.51 20.00
N GLU C 58 18.79 -7.63 19.65
CA GLU C 58 18.13 -8.93 19.73
C GLU C 58 18.39 -9.56 21.08
N TYR C 59 17.32 -9.93 21.78
CA TYR C 59 17.44 -10.44 23.14
C TYR C 59 16.87 -11.84 23.30
N HIS C 60 17.52 -12.64 24.14
CA HIS C 60 16.99 -13.93 24.55
C HIS C 60 17.30 -14.19 26.03
N ASP C 61 18.40 -14.88 26.30
CA ASP C 61 18.86 -15.05 27.67
C ASP C 61 19.44 -13.74 28.18
N GLY C 62 20.11 -13.02 27.29
CA GLY C 62 20.66 -11.72 27.59
C GLY C 62 20.28 -10.69 26.53
N SER C 63 21.14 -9.71 26.33
CA SER C 63 20.89 -8.69 25.32
C SER C 63 22.10 -8.51 24.40
N HIS C 64 21.91 -8.82 23.12
CA HIS C 64 22.97 -8.67 22.14
C HIS C 64 22.79 -7.38 21.34
N ALA C 65 23.68 -6.42 21.59
CA ALA C 65 23.59 -5.12 20.94
C ALA C 65 24.31 -5.11 19.59
N TYR C 66 23.54 -5.03 18.52
CA TYR C 66 24.09 -4.97 17.17
C TYR C 66 24.36 -3.53 16.75
N ILE C 67 23.38 -2.65 16.95
CA ILE C 67 23.52 -1.26 16.56
C ILE C 67 23.29 -0.32 17.74
N GLY C 68 24.23 0.58 17.97
CA GLY C 68 24.08 1.60 18.99
C GLY C 68 23.67 2.93 18.37
N LEU C 69 23.16 3.84 19.19
CA LEU C 69 22.69 5.13 18.70
C LEU C 69 23.83 6.01 18.18
N LYS C 70 24.95 6.01 18.89
CA LYS C 70 26.08 6.85 18.52
C LYS C 70 27.04 6.16 17.54
N ASP C 71 26.63 4.99 17.04
CA ASP C 71 27.45 4.28 16.06
C ASP C 71 27.47 5.02 14.72
N ARG C 72 28.63 5.57 14.38
CA ARG C 72 28.77 6.38 13.18
C ARG C 72 29.12 5.53 11.97
N LYS C 73 28.11 4.90 11.38
CA LYS C 73 28.30 4.06 10.19
C LYS C 73 27.36 4.48 9.07
N ARG C 74 27.66 4.03 7.86
CA ARG C 74 26.85 4.35 6.70
C ARG C 74 25.47 3.69 6.79
N PRO C 75 24.44 4.36 6.25
CA PRO C 75 23.06 3.85 6.27
C PRO C 75 22.94 2.48 5.62
N SER C 76 23.70 2.24 4.55
CA SER C 76 23.68 0.95 3.88
C SER C 76 24.39 -0.11 4.73
N GLU C 77 25.40 0.33 5.47
CA GLU C 77 26.14 -0.57 6.35
C GLU C 77 25.29 -1.00 7.53
N LEU C 78 24.55 -0.05 8.10
CA LEU C 78 23.68 -0.34 9.23
C LEU C 78 22.54 -1.29 8.86
N ARG C 79 22.20 -1.31 7.57
CA ARG C 79 21.19 -2.23 7.07
C ARG C 79 21.81 -3.59 6.76
N ARG C 80 23.12 -3.60 6.49
CA ARG C 80 23.84 -4.84 6.22
C ARG C 80 24.00 -5.63 7.50
N ILE C 81 24.29 -4.93 8.60
CA ILE C 81 24.46 -5.56 9.91
C ILE C 81 23.14 -6.15 10.39
N ALA C 82 22.06 -5.43 10.17
CA ALA C 82 20.73 -5.88 10.58
C ALA C 82 20.25 -7.06 9.73
N SER C 83 20.87 -7.23 8.57
CA SER C 83 20.50 -8.32 7.66
C SER C 83 21.30 -9.59 7.96
N GLN C 84 22.33 -9.46 8.79
CA GLN C 84 23.19 -10.59 9.14
C GLN C 84 23.12 -10.92 10.61
N VAL C 85 22.00 -10.56 11.25
CA VAL C 85 21.79 -10.87 12.66
C VAL C 85 21.62 -12.37 12.86
N LYS C 86 22.51 -12.97 13.65
CA LYS C 86 22.47 -14.40 13.91
C LYS C 86 21.19 -14.81 14.65
N TYR C 87 20.51 -15.82 14.13
CA TYR C 87 19.29 -16.32 14.74
C TYR C 87 19.55 -17.03 16.05
N ALA C 88 18.91 -16.56 17.12
CA ALA C 88 19.03 -17.18 18.42
C ALA C 88 17.74 -17.91 18.77
N GLY C 89 17.80 -19.24 18.80
CA GLY C 89 16.63 -20.05 19.11
C GLY C 89 16.63 -20.51 20.55
N SER C 90 16.82 -19.56 21.47
CA SER C 90 16.85 -19.87 22.89
C SER C 90 15.46 -20.28 23.40
N GLN C 91 15.42 -20.81 24.61
CA GLN C 91 14.16 -21.29 25.20
C GLN C 91 13.41 -20.15 25.87
N VAL C 92 14.15 -19.15 26.35
CA VAL C 92 13.56 -18.02 27.06
C VAL C 92 14.05 -16.68 26.54
N ALA C 93 13.11 -15.81 26.19
CA ALA C 93 13.43 -14.46 25.76
C ALA C 93 13.04 -13.45 26.85
N SER C 94 14.02 -13.04 27.64
CA SER C 94 13.76 -12.15 28.77
C SER C 94 13.40 -10.74 28.33
N THR C 95 12.15 -10.36 28.59
CA THR C 95 11.68 -9.02 28.25
C THR C 95 12.00 -8.04 29.37
N SER C 96 12.46 -8.57 30.50
CA SER C 96 12.83 -7.73 31.63
C SER C 96 14.31 -7.33 31.56
N GLU C 97 15.16 -8.27 31.16
CA GLU C 97 16.59 -8.01 31.02
C GLU C 97 16.85 -6.99 29.91
N VAL C 98 16.05 -7.04 28.85
CA VAL C 98 16.22 -6.13 27.73
C VAL C 98 15.80 -4.71 28.09
N LEU C 99 14.83 -4.59 28.99
CA LEU C 99 14.40 -3.28 29.47
C LEU C 99 15.35 -2.79 30.57
N LYS C 100 15.96 -3.72 31.28
CA LYS C 100 16.95 -3.40 32.30
C LYS C 100 18.22 -2.92 31.60
N TYR C 101 18.48 -3.47 30.42
CA TYR C 101 19.63 -3.07 29.62
C TYR C 101 19.36 -1.73 28.94
N THR C 102 18.17 -1.58 28.39
CA THR C 102 17.80 -0.37 27.65
C THR C 102 17.75 0.85 28.57
N LEU C 103 17.23 0.66 29.78
CA LEU C 103 17.10 1.77 30.73
C LEU C 103 18.43 2.26 31.26
N PHE C 104 19.32 1.32 31.59
CA PHE C 104 20.58 1.66 32.22
C PHE C 104 21.73 1.84 31.23
N GLN C 105 21.77 1.00 30.20
CA GLN C 105 22.91 1.00 29.28
C GLN C 105 22.67 1.81 28.00
N ILE C 106 21.46 1.73 27.46
CA ILE C 106 21.15 2.45 26.22
C ILE C 106 20.83 3.92 26.48
N PHE C 107 19.96 4.18 27.45
CA PHE C 107 19.59 5.55 27.78
C PHE C 107 20.02 5.93 29.19
N SER C 108 21.32 5.85 29.45
CA SER C 108 21.87 6.25 30.75
C SER C 108 21.80 7.76 30.91
N LYS C 109 22.11 8.48 29.83
CA LYS C 109 22.09 9.93 29.85
C LYS C 109 21.43 10.47 28.58
N ILE C 110 20.70 11.58 28.71
CA ILE C 110 20.00 12.17 27.59
C ILE C 110 20.92 13.06 26.76
N ASP C 111 21.41 12.52 25.64
CA ASP C 111 22.29 13.26 24.75
C ASP C 111 21.49 14.09 23.75
N ARG C 112 20.28 13.63 23.44
CA ARG C 112 19.41 14.34 22.52
C ARG C 112 18.06 14.65 23.15
N PRO C 113 18.00 15.75 23.92
CA PRO C 113 16.74 16.18 24.55
C PRO C 113 15.77 16.78 23.53
N GLU C 114 16.30 17.17 22.37
CA GLU C 114 15.47 17.74 21.32
C GLU C 114 14.83 16.65 20.46
N ALA C 115 15.28 15.42 20.65
CA ALA C 115 14.75 14.29 19.90
C ALA C 115 14.03 13.30 20.80
N SER C 116 12.93 12.74 20.30
CA SER C 116 12.17 11.74 21.05
C SER C 116 12.87 10.38 20.98
N ARG C 117 12.62 9.54 21.97
CA ARG C 117 13.24 8.22 22.02
C ARG C 117 12.18 7.14 22.25
N ILE C 118 12.01 6.27 21.27
CA ILE C 118 10.98 5.23 21.34
C ILE C 118 11.58 3.83 21.34
N ALA C 119 11.16 3.01 22.30
CA ALA C 119 11.61 1.63 22.40
C ALA C 119 10.55 0.69 21.86
N LEU C 120 10.71 0.31 20.58
CA LEU C 120 9.78 -0.62 19.95
C LEU C 120 10.03 -2.04 20.41
N LEU C 121 9.12 -2.56 21.23
CA LEU C 121 9.29 -3.88 21.83
C LEU C 121 8.71 -5.00 20.96
N LEU C 122 9.54 -5.55 20.07
CA LEU C 122 9.13 -6.65 19.24
C LEU C 122 9.16 -7.94 20.04
N MET C 123 8.01 -8.31 20.62
CA MET C 123 7.94 -9.50 21.46
C MET C 123 7.05 -10.60 20.86
N ALA C 124 7.40 -11.85 21.13
CA ALA C 124 6.67 -12.98 20.58
C ALA C 124 6.60 -14.16 21.55
N SER C 125 7.09 -13.95 22.77
CA SER C 125 7.11 -15.00 23.78
C SER C 125 6.63 -14.50 25.13
N GLN C 126 6.84 -15.31 26.16
CA GLN C 126 6.45 -14.96 27.52
C GLN C 126 7.46 -15.48 28.53
N GLU C 127 8.20 -14.57 29.15
CA GLU C 127 9.20 -14.94 30.14
C GLU C 127 8.54 -15.44 31.42
N PRO C 128 9.22 -16.36 32.14
CA PRO C 128 8.70 -16.88 33.40
C PRO C 128 8.60 -15.81 34.48
N GLN C 129 7.79 -16.05 35.51
CA GLN C 129 7.61 -15.08 36.59
C GLN C 129 8.86 -14.91 37.44
N ARG C 130 9.82 -15.81 37.27
CA ARG C 130 11.08 -15.74 38.02
C ARG C 130 11.98 -14.63 37.47
N MET C 131 11.58 -14.06 36.35
CA MET C 131 12.36 -13.00 35.69
C MET C 131 11.59 -11.70 35.62
N SER C 132 10.28 -11.77 35.88
CA SER C 132 9.42 -10.59 35.81
C SER C 132 9.22 -9.96 37.19
N ARG C 133 10.31 -9.85 37.95
CA ARG C 133 10.25 -9.28 39.29
C ARG C 133 10.25 -7.76 39.26
N ASN C 134 11.19 -7.18 38.52
CA ASN C 134 11.33 -5.73 38.45
C ASN C 134 10.88 -5.16 37.11
N PHE C 135 9.99 -5.89 36.42
CA PHE C 135 9.51 -5.48 35.11
C PHE C 135 8.82 -4.12 35.13
N VAL C 136 7.86 -3.96 36.03
CA VAL C 136 7.09 -2.73 36.12
C VAL C 136 7.99 -1.54 36.47
N ARG C 137 8.99 -1.78 37.33
CA ARG C 137 9.92 -0.73 37.72
C ARG C 137 10.77 -0.26 36.54
N TYR C 138 11.07 -1.17 35.63
CA TYR C 138 11.90 -0.84 34.47
C TYR C 138 11.11 -0.08 33.42
N VAL C 139 9.84 -0.44 33.26
CA VAL C 139 8.96 0.24 32.32
C VAL C 139 8.71 1.68 32.78
N GLN C 140 8.42 1.83 34.07
CA GLN C 140 8.20 3.16 34.65
C GLN C 140 9.50 3.95 34.70
N GLY C 141 10.62 3.25 34.78
CA GLY C 141 11.92 3.88 34.77
C GLY C 141 12.19 4.57 33.44
N LEU C 142 11.65 3.99 32.37
CA LEU C 142 11.78 4.56 31.04
C LEU C 142 10.87 5.75 30.86
N LYS C 143 9.81 5.81 31.66
CA LYS C 143 8.85 6.91 31.58
C LYS C 143 9.44 8.22 32.10
N LYS C 144 10.14 8.15 33.23
CA LYS C 144 10.78 9.33 33.79
C LYS C 144 12.03 9.71 33.01
N LYS C 145 12.52 8.77 32.20
CA LYS C 145 13.60 9.07 31.26
C LYS C 145 12.99 9.47 29.93
N LYS C 146 11.67 9.55 29.89
CA LYS C 146 10.91 9.91 28.71
C LYS C 146 11.20 8.98 27.53
N VAL C 147 10.99 7.68 27.73
CA VAL C 147 11.20 6.70 26.68
C VAL C 147 9.89 5.98 26.35
N ILE C 148 9.40 6.21 25.14
CA ILE C 148 8.14 5.61 24.70
C ILE C 148 8.31 4.13 24.37
N VAL C 149 7.61 3.28 25.10
CA VAL C 149 7.67 1.85 24.85
C VAL C 149 6.44 1.39 24.07
N ILE C 150 6.67 0.85 22.88
CA ILE C 150 5.58 0.37 22.03
C ILE C 150 5.65 -1.14 21.84
N PRO C 151 4.89 -1.89 22.65
CA PRO C 151 4.85 -3.35 22.58
C PRO C 151 4.11 -3.84 21.34
N VAL C 152 4.68 -4.83 20.67
CA VAL C 152 4.03 -5.45 19.51
C VAL C 152 4.14 -6.97 19.58
N GLY C 153 3.03 -7.63 19.86
CA GLY C 153 3.01 -9.07 20.01
C GLY C 153 2.98 -9.81 18.70
N ILE C 154 3.79 -10.86 18.59
CA ILE C 154 3.84 -11.67 17.38
C ILE C 154 3.46 -13.12 17.69
N GLY C 155 2.19 -13.45 17.47
CA GLY C 155 1.70 -14.79 17.74
C GLY C 155 0.92 -14.88 19.03
N PRO C 156 0.38 -16.05 19.34
CA PRO C 156 -0.46 -16.28 20.52
C PRO C 156 0.36 -16.49 21.79
N HIS C 157 1.68 -16.64 21.65
CA HIS C 157 2.54 -16.92 22.79
C HIS C 157 3.13 -15.64 23.41
N ALA C 158 2.87 -14.50 22.78
CA ALA C 158 3.33 -13.22 23.28
C ALA C 158 2.69 -12.89 24.62
N ASN C 159 3.47 -12.35 25.55
CA ASN C 159 2.99 -12.03 26.89
C ASN C 159 2.02 -10.85 26.88
N LEU C 160 0.74 -11.15 26.72
CA LEU C 160 -0.30 -10.12 26.68
C LEU C 160 -0.43 -9.39 28.01
N LYS C 161 -0.08 -10.07 29.10
CA LYS C 161 -0.11 -9.47 30.43
C LYS C 161 0.87 -8.31 30.53
N GLN C 162 2.10 -8.55 30.10
CA GLN C 162 3.13 -7.51 30.14
C GLN C 162 2.82 -6.36 29.20
N ILE C 163 2.15 -6.67 28.09
CA ILE C 163 1.75 -5.65 27.13
C ILE C 163 0.77 -4.66 27.76
N ARG C 164 -0.21 -5.18 28.48
CA ARG C 164 -1.22 -4.34 29.12
C ARG C 164 -0.61 -3.52 30.25
N LEU C 165 0.41 -4.07 30.91
CA LEU C 165 1.12 -3.37 31.98
C LEU C 165 1.83 -2.13 31.44
N ILE C 166 2.45 -2.28 30.27
CA ILE C 166 3.17 -1.18 29.63
C ILE C 166 2.20 -0.13 29.08
N GLU C 167 1.06 -0.61 28.58
CA GLU C 167 0.10 0.26 27.92
C GLU C 167 -0.59 1.25 28.87
N LYS C 168 -0.58 0.94 30.16
CA LYS C 168 -1.28 1.79 31.13
C LYS C 168 -0.35 2.67 31.96
N GLN C 169 0.96 2.54 31.73
CA GLN C 169 1.93 3.36 32.45
C GLN C 169 2.05 4.74 31.81
N ALA C 170 2.00 4.78 30.48
CA ALA C 170 2.05 6.04 29.75
C ALA C 170 1.00 6.06 28.65
N PRO C 171 0.36 7.22 28.44
CA PRO C 171 -0.71 7.36 27.42
C PRO C 171 -0.16 7.22 26.00
N GLU C 172 1.13 7.48 25.82
CA GLU C 172 1.75 7.40 24.51
C GLU C 172 2.21 5.97 24.19
N ASN C 173 2.14 5.10 25.18
CA ASN C 173 2.52 3.70 24.99
C ASN C 173 1.37 2.87 24.44
N LYS C 174 1.12 3.00 23.14
CA LYS C 174 0.05 2.24 22.50
C LYS C 174 0.58 0.90 22.01
N ALA C 175 -0.30 -0.08 21.87
CA ALA C 175 0.11 -1.43 21.51
C ALA C 175 -0.40 -1.88 20.15
N PHE C 176 0.33 -2.80 19.53
CA PHE C 176 -0.05 -3.38 18.24
C PHE C 176 0.13 -4.90 18.28
N VAL C 177 -0.92 -5.61 18.67
CA VAL C 177 -0.83 -7.07 18.75
C VAL C 177 -1.08 -7.73 17.40
N LEU C 178 -0.09 -8.46 16.92
CA LEU C 178 -0.19 -9.13 15.62
C LEU C 178 -0.38 -10.63 15.76
N SER C 179 -1.09 -11.22 14.82
CA SER C 179 -1.37 -12.66 14.84
C SER C 179 -0.17 -13.48 14.37
N SER C 180 0.55 -12.95 13.39
CA SER C 180 1.70 -13.64 12.83
C SER C 180 2.83 -12.69 12.48
N VAL C 181 3.94 -13.25 11.99
CA VAL C 181 5.09 -12.46 11.61
C VAL C 181 4.90 -11.90 10.20
N ASP C 182 3.90 -12.44 9.49
CA ASP C 182 3.60 -12.00 8.14
C ASP C 182 2.76 -10.72 8.14
N GLU C 183 2.25 -10.35 9.31
CA GLU C 183 1.45 -9.14 9.44
C GLU C 183 2.33 -7.92 9.72
N LEU C 184 3.65 -8.12 9.71
CA LEU C 184 4.58 -7.03 9.91
C LEU C 184 4.58 -6.06 8.72
N GLU C 185 4.29 -6.59 7.54
CA GLU C 185 4.21 -5.77 6.34
C GLU C 185 2.85 -5.07 6.27
N GLN C 186 1.90 -5.59 7.04
CA GLN C 186 0.54 -5.04 7.06
C GLN C 186 0.46 -3.77 7.90
N GLN C 187 1.20 -3.74 9.00
CA GLN C 187 1.10 -2.62 9.94
C GLN C 187 2.32 -1.71 9.91
N ARG C 188 3.25 -1.95 8.98
CA ARG C 188 4.48 -1.17 8.90
C ARG C 188 4.21 0.30 8.54
N ASP C 189 3.09 0.55 7.88
CA ASP C 189 2.73 1.90 7.47
C ASP C 189 2.02 2.65 8.59
N GLU C 190 1.44 1.89 9.53
CA GLU C 190 0.72 2.49 10.65
C GLU C 190 1.63 2.72 11.85
N ILE C 191 2.67 1.89 11.98
CA ILE C 191 3.64 2.04 13.05
C ILE C 191 4.43 3.33 12.88
N VAL C 192 4.96 3.53 11.66
CA VAL C 192 5.73 4.74 11.35
C VAL C 192 4.85 5.99 11.39
N SER C 193 3.54 5.79 11.24
CA SER C 193 2.58 6.89 11.32
C SER C 193 2.31 7.26 12.77
N TYR C 194 2.77 6.39 13.69
CA TYR C 194 2.60 6.64 15.12
C TYR C 194 3.95 6.95 15.76
N LEU C 195 5.01 6.43 15.17
CA LEU C 195 6.37 6.70 15.66
C LEU C 195 6.74 8.17 15.43
N CYS C 196 6.61 8.61 14.17
CA CYS C 196 6.99 9.97 13.80
C CYS C 196 5.96 11.00 14.26
N ASP C 197 4.77 10.53 14.61
CA ASP C 197 3.73 11.41 15.12
C ASP C 197 4.10 11.90 16.53
N LEU C 198 4.87 11.08 17.23
CA LEU C 198 5.33 11.43 18.58
C LEU C 198 6.73 12.03 18.52
N ALA C 199 7.22 12.27 17.30
CA ALA C 199 8.52 12.87 17.09
C ALA C 199 8.37 14.31 16.62
N PRO C 200 9.28 15.20 17.05
CA PRO C 200 9.23 16.62 16.68
C PRO C 200 9.78 16.89 15.29
N GLU C 201 9.48 18.07 14.75
CA GLU C 201 9.99 18.47 13.45
C GLU C 201 11.22 19.36 13.59
N ALA C 202 11.84 19.69 12.46
CA ALA C 202 13.05 20.52 12.45
C ALA C 202 12.72 21.96 12.09
N PRO C 203 13.19 22.91 12.92
CA PRO C 203 12.99 24.35 12.70
C PRO C 203 13.86 24.87 11.57
N PRO C 204 13.46 25.99 10.94
CA PRO C 204 14.25 26.58 9.86
C PRO C 204 15.53 27.22 10.37
N PRO D 2 33.85 25.11 5.10
CA PRO D 2 35.07 24.97 4.28
C PRO D 2 35.62 23.56 4.30
N ILE D 3 36.60 23.31 5.17
CA ILE D 3 37.18 21.97 5.30
C ILE D 3 36.42 21.13 6.31
N CYS D 4 35.97 21.77 7.39
CA CYS D 4 35.17 21.10 8.41
C CYS D 4 33.69 21.26 8.15
N GLU D 5 32.91 20.26 8.52
CA GLU D 5 31.47 20.28 8.30
C GLU D 5 30.72 20.89 9.48
N VAL D 6 30.07 22.02 9.25
CA VAL D 6 29.28 22.68 10.26
C VAL D 6 27.79 22.51 9.98
N SER D 7 27.09 21.84 10.89
CA SER D 7 25.67 21.55 10.68
C SER D 7 24.78 22.31 11.65
N LYS D 8 23.53 22.54 11.25
CA LYS D 8 22.57 23.23 12.09
C LYS D 8 21.45 22.29 12.53
N VAL D 9 21.65 21.64 13.68
CA VAL D 9 20.63 20.78 14.25
C VAL D 9 20.00 21.45 15.47
N ALA D 10 18.66 21.46 15.50
CA ALA D 10 17.90 22.13 16.56
C ALA D 10 18.25 23.62 16.65
N SER D 11 18.84 24.02 17.76
CA SER D 11 19.18 25.42 17.99
C SER D 11 20.68 25.63 18.17
N HIS D 12 21.43 24.54 18.30
CA HIS D 12 22.86 24.62 18.52
C HIS D 12 23.64 24.32 17.24
N LEU D 13 24.96 24.48 17.31
CA LEU D 13 25.83 24.22 16.17
C LEU D 13 26.79 23.07 16.45
N GLU D 14 26.91 22.16 15.49
CA GLU D 14 27.80 21.02 15.63
C GLU D 14 28.82 20.98 14.50
N VAL D 15 30.10 20.86 14.86
CA VAL D 15 31.17 20.85 13.87
C VAL D 15 31.83 19.47 13.78
N ASN D 16 31.99 18.97 12.56
CA ASN D 16 32.61 17.67 12.34
C ASN D 16 33.91 17.78 11.56
N CYS D 17 35.03 17.50 12.24
CA CYS D 17 36.34 17.56 11.61
C CYS D 17 37.04 16.21 11.66
N ASP D 18 36.26 15.14 11.54
CA ASP D 18 36.79 13.79 11.60
C ASP D 18 37.48 13.37 10.30
N LYS D 19 38.58 12.64 10.43
CA LYS D 19 39.35 12.14 9.29
C LYS D 19 39.78 13.24 8.32
N ARG D 20 40.69 14.08 8.78
CA ARG D 20 41.20 15.18 7.95
C ARG D 20 42.70 15.38 8.14
N ARG D 21 43.33 14.44 8.84
CA ARG D 21 44.78 14.48 9.10
C ARG D 21 45.20 15.79 9.77
N LEU D 22 44.36 16.28 10.68
CA LEU D 22 44.62 17.54 11.36
C LEU D 22 45.74 17.39 12.39
N THR D 23 46.71 18.30 12.33
CA THR D 23 47.82 18.29 13.28
C THR D 23 47.52 19.18 14.48
N ALA D 24 46.61 20.12 14.30
CA ALA D 24 46.21 21.03 15.37
C ALA D 24 44.78 21.54 15.16
N LEU D 25 44.38 22.50 15.98
CA LEU D 25 43.04 23.07 15.90
C LEU D 25 42.91 24.00 14.69
N PRO D 26 41.99 23.67 13.77
CA PRO D 26 41.75 24.47 12.57
C PRO D 26 41.18 25.85 12.90
N PRO D 27 41.72 26.90 12.24
CA PRO D 27 41.25 28.28 12.43
C PRO D 27 39.85 28.49 11.82
N ASP D 28 39.39 29.73 11.84
CA ASP D 28 38.07 30.13 11.31
C ASP D 28 36.93 29.17 11.65
N LEU D 29 36.82 28.80 12.93
CA LEU D 29 35.72 27.98 13.41
C LEU D 29 34.66 28.84 14.07
N PRO D 30 33.38 28.46 13.91
CA PRO D 30 32.26 29.20 14.50
C PRO D 30 32.35 29.26 16.03
N LYS D 31 32.04 30.42 16.59
CA LYS D 31 32.16 30.64 18.04
C LYS D 31 31.02 29.97 18.81
N ASP D 32 29.86 29.85 18.17
CA ASP D 32 28.69 29.25 18.81
C ASP D 32 28.67 27.73 18.64
N THR D 33 29.84 27.11 18.69
CA THR D 33 29.95 25.67 18.57
C THR D 33 29.71 25.00 19.91
N THR D 34 28.84 23.99 19.92
CA THR D 34 28.52 23.27 21.14
C THR D 34 29.15 21.87 21.15
N ILE D 35 29.18 21.25 19.98
CA ILE D 35 29.76 19.91 19.84
C ILE D 35 30.88 19.90 18.81
N LEU D 36 32.07 19.51 19.24
CA LEU D 36 33.23 19.47 18.35
C LEU D 36 33.76 18.05 18.16
N HIS D 37 33.72 17.57 16.92
CA HIS D 37 34.22 16.24 16.60
C HIS D 37 35.60 16.30 15.95
N LEU D 38 36.62 15.93 16.71
CA LEU D 38 37.98 15.89 16.18
C LEU D 38 38.50 14.45 16.18
N SER D 39 37.59 13.51 16.00
CA SER D 39 37.92 12.09 16.05
C SER D 39 38.79 11.65 14.86
N GLU D 40 39.70 10.72 15.13
CA GLU D 40 40.54 10.11 14.10
C GLU D 40 41.37 11.14 13.32
N ASN D 41 42.38 11.69 13.96
CA ASN D 41 43.28 12.64 13.31
C ASN D 41 44.74 12.38 13.68
N LEU D 42 45.59 13.39 13.49
CA LEU D 42 47.01 13.26 13.80
C LEU D 42 47.44 14.32 14.81
N LEU D 43 46.93 14.21 16.03
CA LEU D 43 47.24 15.17 17.09
C LEU D 43 48.32 14.64 18.02
N TYR D 44 49.53 15.19 17.91
CA TYR D 44 50.63 14.82 18.79
C TYR D 44 50.36 15.35 20.19
N THR D 45 50.15 16.66 20.29
CA THR D 45 49.77 17.30 21.54
C THR D 45 48.60 18.26 21.31
N PHE D 46 47.84 18.52 22.36
CA PHE D 46 46.68 19.42 22.25
C PHE D 46 46.43 20.15 23.57
N SER D 47 46.13 21.44 23.47
CA SER D 47 45.86 22.27 24.63
C SER D 47 44.38 22.65 24.73
N LEU D 48 43.82 22.53 25.93
CA LEU D 48 42.43 22.88 26.15
C LEU D 48 42.24 24.40 26.20
N ALA D 49 43.34 25.13 26.30
CA ALA D 49 43.30 26.59 26.36
C ALA D 49 43.03 27.17 24.98
N THR D 50 43.17 26.36 23.95
CA THR D 50 42.92 26.81 22.58
C THR D 50 41.43 26.77 22.24
N LEU D 51 40.65 26.22 23.15
CA LEU D 51 39.21 26.08 22.93
C LEU D 51 38.42 27.08 23.78
N MET D 52 39.13 27.99 24.44
CA MET D 52 38.51 29.01 25.28
C MET D 52 37.55 29.98 24.57
N PRO D 53 37.91 30.48 23.37
CA PRO D 53 36.98 31.41 22.70
C PRO D 53 35.60 30.82 22.44
N TYR D 54 35.51 29.50 22.29
CA TYR D 54 34.23 28.84 22.06
C TYR D 54 33.59 28.50 23.41
N THR D 55 32.70 29.38 23.88
CA THR D 55 32.14 29.27 25.21
C THR D 55 30.84 28.46 25.27
N ARG D 56 30.38 27.97 24.13
CA ARG D 56 29.17 27.18 24.09
C ARG D 56 29.48 25.68 23.98
N LEU D 57 30.76 25.35 23.92
CA LEU D 57 31.20 23.97 23.77
C LEU D 57 30.84 23.13 25.01
N THR D 58 30.08 22.06 24.79
CA THR D 58 29.66 21.18 25.86
C THR D 58 30.18 19.76 25.68
N GLN D 59 30.46 19.39 24.44
CA GLN D 59 30.98 18.06 24.13
C GLN D 59 32.24 18.13 23.28
N LEU D 60 33.23 17.31 23.62
CA LEU D 60 34.52 17.32 22.92
C LEU D 60 35.01 15.90 22.66
N ASN D 61 35.60 15.69 21.49
CA ASN D 61 36.10 14.37 21.11
C ASN D 61 37.51 14.42 20.53
N LEU D 62 38.46 13.78 21.23
CA LEU D 62 39.83 13.71 20.76
C LEU D 62 40.29 12.27 20.63
N ASP D 63 39.35 11.36 20.40
CA ASP D 63 39.65 9.94 20.34
C ASP D 63 40.39 9.56 19.06
N ARG D 64 41.26 8.55 19.17
CA ARG D 64 42.00 7.99 18.04
C ARG D 64 42.83 9.03 17.31
N CYS D 65 43.49 9.90 18.07
CA CYS D 65 44.32 10.95 17.49
C CYS D 65 45.80 10.74 17.82
N GLU D 66 46.12 9.61 18.44
CA GLU D 66 47.47 9.30 18.89
C GLU D 66 48.01 10.38 19.83
N LEU D 67 47.11 10.93 20.65
CA LEU D 67 47.46 12.00 21.59
C LEU D 67 48.40 11.49 22.69
N THR D 68 49.54 12.14 22.83
CA THR D 68 50.54 11.74 23.82
C THR D 68 50.45 12.57 25.09
N LYS D 69 50.08 13.84 24.94
CA LYS D 69 49.99 14.75 26.07
C LYS D 69 48.86 15.74 25.90
N LEU D 70 47.98 15.81 26.90
CA LEU D 70 46.86 16.75 26.88
C LEU D 70 47.10 17.89 27.86
N GLN D 71 47.39 19.07 27.33
CA GLN D 71 47.58 20.26 28.16
C GLN D 71 46.26 20.72 28.75
N VAL D 72 46.25 21.02 30.04
CA VAL D 72 45.03 21.39 30.73
C VAL D 72 44.99 22.88 31.09
N ASP D 73 45.69 23.70 30.30
CA ASP D 73 45.71 25.14 30.51
C ASP D 73 44.34 25.75 30.21
N GLY D 74 44.06 26.90 30.82
CA GLY D 74 42.80 27.58 30.63
C GLY D 74 41.66 26.90 31.36
N THR D 75 40.44 27.19 30.93
CA THR D 75 39.25 26.60 31.56
C THR D 75 38.08 26.48 30.60
N LEU D 76 37.32 25.39 30.74
CA LEU D 76 36.11 25.18 29.96
C LEU D 76 34.93 24.96 30.89
N PRO D 77 34.26 26.06 31.26
CA PRO D 77 33.20 26.09 32.28
C PRO D 77 31.99 25.21 31.98
N VAL D 78 31.72 24.94 30.71
CA VAL D 78 30.50 24.21 30.33
C VAL D 78 30.75 22.93 29.54
N LEU D 79 31.98 22.43 29.55
CA LEU D 79 32.30 21.19 28.86
C LEU D 79 31.84 19.99 29.69
N GLY D 80 30.95 19.18 29.13
CA GLY D 80 30.38 18.06 29.84
C GLY D 80 30.88 16.70 29.40
N THR D 81 31.20 16.58 28.11
CA THR D 81 31.66 15.31 27.57
C THR D 81 33.04 15.42 26.94
N LEU D 82 34.00 14.67 27.48
CA LEU D 82 35.34 14.62 26.94
C LEU D 82 35.75 13.20 26.58
N ASP D 83 36.16 13.00 25.33
CA ASP D 83 36.54 11.68 24.86
C ASP D 83 38.04 11.62 24.56
N LEU D 84 38.77 10.86 25.36
CA LEU D 84 40.21 10.71 25.18
C LEU D 84 40.57 9.25 24.97
N SER D 85 39.62 8.48 24.42
CA SER D 85 39.81 7.06 24.22
C SER D 85 40.75 6.76 23.04
N HIS D 86 41.40 5.59 23.10
CA HIS D 86 42.30 5.14 22.05
C HIS D 86 43.41 6.13 21.73
N ASN D 87 44.18 6.50 22.74
CA ASN D 87 45.31 7.41 22.55
C ASN D 87 46.60 6.91 23.20
N GLN D 88 47.63 7.75 23.19
CA GLN D 88 48.93 7.37 23.72
C GLN D 88 49.22 8.06 25.05
N LEU D 89 48.17 8.35 25.80
CA LEU D 89 48.32 8.99 27.10
C LEU D 89 48.88 8.02 28.14
N GLN D 90 50.12 8.26 28.53
CA GLN D 90 50.78 7.41 29.53
C GLN D 90 50.50 7.90 30.94
N SER D 91 49.92 9.09 31.04
CA SER D 91 49.59 9.69 32.32
C SER D 91 48.25 10.42 32.25
N LEU D 92 47.51 10.41 33.35
CA LEU D 92 46.22 11.07 33.41
C LEU D 92 46.36 12.53 33.84
N PRO D 93 45.99 13.46 32.94
CA PRO D 93 46.05 14.90 33.25
C PRO D 93 44.93 15.32 34.19
N LEU D 94 45.19 16.32 35.03
CA LEU D 94 44.20 16.82 35.97
C LEU D 94 43.14 17.66 35.26
N LEU D 95 41.93 17.11 35.18
CA LEU D 95 40.83 17.77 34.48
C LEU D 95 39.85 18.41 35.44
N GLY D 96 40.18 18.41 36.73
CA GLY D 96 39.31 18.94 37.75
C GLY D 96 39.29 20.45 37.79
N GLN D 97 40.46 21.06 37.68
CA GLN D 97 40.59 22.52 37.73
C GLN D 97 40.43 23.14 36.34
N THR D 98 40.13 22.30 35.35
CA THR D 98 39.95 22.76 33.98
C THR D 98 38.51 22.53 33.52
N LEU D 99 37.93 21.40 33.92
CA LEU D 99 36.56 21.06 33.54
C LEU D 99 35.69 20.90 34.78
N PRO D 100 35.18 22.02 35.31
CA PRO D 100 34.38 22.00 36.54
C PRO D 100 33.01 21.37 36.36
N ALA D 101 32.48 21.41 35.14
CA ALA D 101 31.15 20.87 34.87
C ALA D 101 31.19 19.61 34.02
N LEU D 102 32.31 18.90 34.08
CA LEU D 102 32.47 17.65 33.34
C LEU D 102 31.58 16.57 33.94
N THR D 103 30.71 15.99 33.12
CA THR D 103 29.78 14.96 33.59
C THR D 103 30.10 13.59 33.01
N VAL D 104 30.78 13.57 31.86
CA VAL D 104 31.18 12.32 31.23
C VAL D 104 32.64 12.36 30.78
N LEU D 105 33.43 11.42 31.29
CA LEU D 105 34.85 11.35 30.93
C LEU D 105 35.21 9.96 30.40
N ASP D 106 35.87 9.94 29.26
CA ASP D 106 36.25 8.67 28.62
C ASP D 106 37.74 8.66 28.27
N VAL D 107 38.53 8.03 29.13
CA VAL D 107 39.96 7.85 28.87
C VAL D 107 40.26 6.35 28.81
N SER D 108 39.72 5.70 27.78
CA SER D 108 39.85 4.25 27.66
C SER D 108 40.89 3.84 26.63
N PHE D 109 41.37 2.61 26.77
CA PHE D 109 42.35 2.03 25.83
C PHE D 109 43.61 2.87 25.66
N ASN D 110 44.10 3.43 26.76
CA ASN D 110 45.37 4.13 26.77
C ASN D 110 46.44 3.26 27.42
N ARG D 111 47.48 3.89 27.95
CA ARG D 111 48.54 3.16 28.63
C ARG D 111 48.85 3.79 29.98
N LEU D 112 47.81 4.00 30.78
CA LEU D 112 47.97 4.57 32.12
C LEU D 112 48.57 3.54 33.07
N THR D 113 49.78 3.85 33.56
CA THR D 113 50.47 2.94 34.46
C THR D 113 49.96 3.07 35.89
N SER D 114 49.49 4.26 36.24
CA SER D 114 48.99 4.52 37.58
C SER D 114 48.09 5.75 37.62
N LEU D 115 47.50 6.00 38.79
CA LEU D 115 46.68 7.19 39.00
C LEU D 115 47.20 8.00 40.17
N PRO D 116 47.44 9.30 39.96
CA PRO D 116 47.98 10.17 41.00
C PRO D 116 46.97 10.46 42.11
N LEU D 117 47.48 10.82 43.28
CA LEU D 117 46.63 11.13 44.43
C LEU D 117 45.77 12.37 44.16
N GLY D 118 44.46 12.20 44.23
CA GLY D 118 43.54 13.30 43.97
C GLY D 118 43.57 13.71 42.51
N ALA D 119 43.28 12.76 41.63
CA ALA D 119 43.28 13.02 40.20
C ALA D 119 41.92 13.51 39.72
N LEU D 120 40.93 13.43 40.60
CA LEU D 120 39.56 13.84 40.25
C LEU D 120 39.04 14.91 41.19
N ARG D 121 39.92 15.81 41.62
CA ARG D 121 39.54 16.89 42.53
C ARG D 121 38.65 17.93 41.86
N GLY D 122 37.41 18.04 42.34
CA GLY D 122 36.50 19.06 41.85
C GLY D 122 35.60 18.59 40.71
N LEU D 123 35.38 17.29 40.61
CA LEU D 123 34.50 16.74 39.59
C LEU D 123 33.20 16.23 40.21
N GLY D 124 32.48 17.12 40.89
CA GLY D 124 31.26 16.76 41.57
C GLY D 124 30.10 16.48 40.64
N GLU D 125 30.19 16.97 39.41
CA GLU D 125 29.12 16.79 38.43
C GLU D 125 29.38 15.58 37.55
N LEU D 126 30.47 14.88 37.80
CA LEU D 126 30.84 13.70 37.03
C LEU D 126 29.86 12.55 37.26
N GLN D 127 29.47 11.88 36.17
CA GLN D 127 28.51 10.79 36.26
C GLN D 127 29.06 9.50 35.66
N GLU D 128 29.96 9.63 34.69
CA GLU D 128 30.55 8.47 34.03
C GLU D 128 32.07 8.55 33.97
N LEU D 129 32.74 7.42 34.17
CA LEU D 129 34.19 7.35 34.11
C LEU D 129 34.64 6.05 33.46
N TYR D 130 35.30 6.17 32.31
CA TYR D 130 35.73 4.99 31.56
C TYR D 130 37.25 4.92 31.42
N LEU D 131 37.86 4.02 32.18
CA LEU D 131 39.30 3.81 32.12
C LEU D 131 39.59 2.36 31.73
N LYS D 132 38.91 1.89 30.70
CA LYS D 132 39.00 0.50 30.27
C LYS D 132 40.10 0.29 29.23
N GLY D 133 40.92 -0.73 29.45
CA GLY D 133 41.97 -1.08 28.50
C GLY D 133 43.30 -0.43 28.77
N ASN D 134 43.63 -0.26 30.04
CA ASN D 134 44.91 0.34 30.42
C ASN D 134 45.83 -0.66 31.11
N GLU D 135 46.75 -0.14 31.94
CA GLU D 135 47.72 -0.99 32.63
C GLU D 135 47.76 -0.66 34.11
N LEU D 136 46.60 -0.31 34.67
CA LEU D 136 46.52 0.04 36.09
C LEU D 136 46.74 -1.19 36.97
N LYS D 137 47.77 -1.12 37.80
CA LYS D 137 48.07 -2.22 38.73
C LYS D 137 47.32 -2.03 40.04
N THR D 138 47.38 -0.82 40.59
CA THR D 138 46.70 -0.50 41.83
C THR D 138 45.88 0.77 41.70
N LEU D 139 45.16 1.11 42.76
CA LEU D 139 44.33 2.32 42.78
C LEU D 139 44.59 3.12 44.06
N PRO D 140 44.82 4.43 43.91
CA PRO D 140 45.04 5.32 45.05
C PRO D 140 43.78 5.52 45.87
N PRO D 141 43.92 5.59 47.20
CA PRO D 141 42.79 5.76 48.12
C PRO D 141 42.05 7.08 47.89
N GLY D 142 40.73 7.06 48.01
CA GLY D 142 39.93 8.25 47.86
C GLY D 142 39.87 8.76 46.42
N LEU D 143 39.73 7.83 45.48
CA LEU D 143 39.65 8.18 44.06
C LEU D 143 38.32 8.85 43.73
N LEU D 144 37.23 8.21 44.11
CA LEU D 144 35.90 8.69 43.74
C LEU D 144 35.25 9.50 44.85
N THR D 145 36.05 9.97 45.80
CA THR D 145 35.55 10.83 46.87
C THR D 145 34.99 12.18 46.40
N PRO D 146 35.67 12.86 45.44
CA PRO D 146 35.04 14.10 44.97
C PRO D 146 33.96 13.84 43.92
N THR D 147 33.71 12.58 43.58
CA THR D 147 32.71 12.24 42.58
C THR D 147 31.62 11.33 43.16
N PRO D 148 30.67 11.90 43.90
CA PRO D 148 29.60 11.11 44.51
C PRO D 148 28.45 10.82 43.56
N LYS D 149 28.35 11.59 42.48
CA LYS D 149 27.26 11.44 41.52
C LYS D 149 27.62 10.49 40.39
N LEU D 150 28.75 9.80 40.52
CA LEU D 150 29.21 8.88 39.49
C LEU D 150 28.27 7.69 39.37
N GLU D 151 27.92 7.33 38.14
CA GLU D 151 26.95 6.26 37.89
C GLU D 151 27.61 5.04 37.25
N LYS D 152 28.59 5.27 36.38
CA LYS D 152 29.26 4.18 35.69
C LYS D 152 30.78 4.28 35.76
N LEU D 153 31.42 3.17 36.13
CA LEU D 153 32.87 3.10 36.19
C LEU D 153 33.37 1.82 35.54
N SER D 154 34.23 1.96 34.53
CA SER D 154 34.74 0.81 33.79
C SER D 154 36.26 0.69 33.87
N LEU D 155 36.73 -0.24 34.70
CA LEU D 155 38.15 -0.52 34.82
C LEU D 155 38.46 -1.88 34.25
N ALA D 156 37.74 -2.25 33.20
CA ALA D 156 37.87 -3.57 32.58
C ALA D 156 39.15 -3.68 31.77
N ASN D 157 39.60 -4.92 31.57
CA ASN D 157 40.79 -5.22 30.77
C ASN D 157 42.06 -4.50 31.24
N ASN D 158 42.17 -4.33 32.56
CA ASN D 158 43.36 -3.76 33.16
C ASN D 158 44.19 -4.84 33.85
N ARG D 159 45.18 -4.42 34.63
CA ARG D 159 46.03 -5.36 35.35
C ARG D 159 45.88 -5.19 36.87
N LEU D 160 44.70 -4.74 37.28
CA LEU D 160 44.42 -4.51 38.70
C LEU D 160 44.48 -5.80 39.49
N THR D 161 45.13 -5.75 40.65
CA THR D 161 45.28 -6.92 41.50
C THR D 161 44.62 -6.72 42.86
N GLU D 162 44.45 -5.46 43.25
CA GLU D 162 43.86 -5.14 44.54
C GLU D 162 42.94 -3.92 44.44
N LEU D 163 41.87 -3.91 45.23
CA LEU D 163 40.92 -2.81 45.22
C LEU D 163 40.75 -2.21 46.61
N PRO D 164 40.62 -0.87 46.69
CA PRO D 164 40.37 -0.17 47.95
C PRO D 164 39.05 -0.60 48.59
N ALA D 165 39.05 -0.78 49.90
CA ALA D 165 37.85 -1.23 50.61
C ALA D 165 36.74 -0.20 50.56
N GLY D 166 37.09 1.07 50.66
CA GLY D 166 36.13 2.15 50.61
C GLY D 166 36.12 2.87 49.28
N LEU D 167 36.23 2.10 48.20
CA LEU D 167 36.27 2.67 46.86
C LEU D 167 34.88 3.07 46.38
N LEU D 168 33.88 2.27 46.74
CA LEU D 168 32.51 2.52 46.32
C LEU D 168 31.73 3.33 47.35
N ASN D 169 32.42 3.78 48.40
CA ASN D 169 31.79 4.57 49.45
C ASN D 169 31.41 5.96 48.95
N GLY D 170 30.16 6.35 49.21
CA GLY D 170 29.67 7.65 48.77
C GLY D 170 28.90 7.55 47.46
N LEU D 171 29.19 6.50 46.69
CA LEU D 171 28.52 6.29 45.42
C LEU D 171 27.09 5.81 45.65
N GLU D 172 26.15 6.76 45.73
CA GLU D 172 24.76 6.43 46.00
C GLU D 172 23.97 6.28 44.71
N ASN D 173 24.59 6.61 43.58
CA ASN D 173 23.94 6.53 42.28
C ASN D 173 24.61 5.55 41.33
N LEU D 174 25.55 4.76 41.86
CA LEU D 174 26.27 3.78 41.05
C LEU D 174 25.35 2.65 40.61
N ASP D 175 25.27 2.44 39.30
CA ASP D 175 24.38 1.41 38.75
C ASP D 175 25.12 0.39 37.90
N THR D 176 26.29 0.78 37.41
CA THR D 176 27.09 -0.11 36.57
C THR D 176 28.56 -0.11 37.00
N LEU D 177 29.11 -1.31 37.18
CA LEU D 177 30.49 -1.46 37.63
C LEU D 177 31.20 -2.57 36.87
N LEU D 178 32.09 -2.18 35.96
CA LEU D 178 32.85 -3.15 35.16
C LEU D 178 34.24 -3.36 35.75
N LEU D 179 34.54 -4.59 36.16
CA LEU D 179 35.83 -4.92 36.75
C LEU D 179 36.36 -6.25 36.23
N GLN D 180 35.95 -6.63 35.02
CA GLN D 180 36.35 -7.91 34.46
C GLN D 180 37.71 -7.86 33.78
N GLU D 181 38.25 -9.04 33.48
CA GLU D 181 39.54 -9.18 32.80
C GLU D 181 40.69 -8.50 33.53
N ASN D 182 40.82 -8.78 34.83
CA ASN D 182 41.92 -8.26 35.63
C ASN D 182 42.69 -9.37 36.33
N SER D 183 43.41 -9.00 37.38
CA SER D 183 44.17 -9.98 38.16
C SER D 183 43.77 -9.94 39.63
N LEU D 184 42.51 -9.59 39.88
CA LEU D 184 41.98 -9.53 41.24
C LEU D 184 41.92 -10.93 41.86
N TYR D 185 42.33 -11.03 43.12
CA TYR D 185 42.37 -12.32 43.80
C TYR D 185 41.37 -12.39 44.96
N THR D 186 40.88 -11.24 45.40
CA THR D 186 39.93 -11.20 46.50
C THR D 186 39.13 -9.89 46.53
N ILE D 187 38.10 -9.86 47.36
CA ILE D 187 37.29 -8.67 47.55
C ILE D 187 37.23 -8.31 49.04
N PRO D 188 37.67 -7.09 49.37
CA PRO D 188 37.74 -6.61 50.75
C PRO D 188 36.41 -6.70 51.50
N LYS D 189 36.48 -6.88 52.82
CA LYS D 189 35.28 -6.98 53.65
C LYS D 189 34.51 -5.67 53.65
N GLY D 190 33.21 -5.75 53.39
CA GLY D 190 32.36 -4.59 53.33
C GLY D 190 32.70 -3.69 52.16
N PHE D 191 32.85 -4.29 50.98
CA PHE D 191 33.22 -3.57 49.77
C PHE D 191 32.01 -2.95 49.09
N PHE D 192 30.98 -3.75 48.88
CA PHE D 192 29.77 -3.30 48.20
C PHE D 192 28.83 -2.57 49.15
N GLY D 193 28.92 -2.89 50.44
CA GLY D 193 28.06 -2.29 51.44
C GLY D 193 26.66 -2.84 51.39
N SER D 194 25.68 -1.96 51.55
CA SER D 194 24.28 -2.36 51.51
C SER D 194 23.53 -1.68 50.36
N HIS D 195 24.30 -1.24 49.35
CA HIS D 195 23.70 -0.58 48.20
C HIS D 195 23.42 -1.57 47.08
N LEU D 196 22.31 -1.36 46.39
CA LEU D 196 21.93 -2.21 45.26
C LEU D 196 22.69 -1.84 44.01
N LEU D 197 23.44 -2.79 43.46
CA LEU D 197 24.20 -2.57 42.24
C LEU D 197 23.64 -3.43 41.11
N PRO D 198 22.80 -2.82 40.24
CA PRO D 198 22.11 -3.50 39.14
C PRO D 198 23.03 -4.28 38.21
N PHE D 199 24.20 -3.70 37.91
CA PHE D 199 25.15 -4.35 37.00
C PHE D 199 26.53 -4.49 37.64
N ALA D 200 27.09 -5.69 37.53
CA ALA D 200 28.42 -5.95 38.09
C ALA D 200 29.16 -7.01 37.27
N PHE D 201 30.22 -6.59 36.59
CA PHE D 201 31.04 -7.49 35.79
C PHE D 201 32.31 -7.84 36.56
N LEU D 202 32.37 -9.07 37.06
CA LEU D 202 33.47 -9.50 37.92
C LEU D 202 34.15 -10.77 37.41
N HIS D 203 33.78 -11.18 36.19
CA HIS D 203 34.31 -12.39 35.61
C HIS D 203 35.72 -12.19 35.04
N GLY D 204 36.33 -13.28 34.59
CA GLY D 204 37.66 -13.23 33.99
C GLY D 204 38.75 -12.87 34.96
N ASN D 205 38.52 -13.13 36.24
CA ASN D 205 39.50 -12.83 37.28
C ASN D 205 39.99 -14.09 38.01
N PRO D 206 41.29 -14.17 38.25
CA PRO D 206 41.88 -15.29 39.00
C PRO D 206 41.64 -15.16 40.50
N TRP D 207 40.39 -15.35 40.92
CA TRP D 207 40.03 -15.22 42.33
C TRP D 207 40.68 -16.30 43.18
N LEU D 208 41.18 -15.89 44.35
CA LEU D 208 41.78 -16.83 45.29
C LEU D 208 40.73 -17.36 46.25
N CYS D 209 40.34 -18.62 46.07
CA CYS D 209 39.27 -19.21 46.86
C CYS D 209 39.71 -19.54 48.29
N ASN D 210 39.68 -18.52 49.15
CA ASN D 210 39.99 -18.72 50.56
C ASN D 210 38.79 -18.39 51.43
N CYS D 211 39.03 -18.10 52.70
CA CYS D 211 37.97 -17.75 53.61
C CYS D 211 37.91 -16.24 53.80
N GLU D 212 38.70 -15.53 53.00
CA GLU D 212 38.69 -14.07 52.99
C GLU D 212 37.65 -13.59 51.99
N ILE D 213 37.36 -14.43 50.99
CA ILE D 213 36.35 -14.11 50.00
C ILE D 213 34.97 -14.60 50.46
N LEU D 214 34.88 -14.98 51.73
CA LEU D 214 33.64 -15.44 52.32
C LEU D 214 32.58 -14.35 52.23
N TYR D 215 33.02 -13.10 52.33
CA TYR D 215 32.13 -11.95 52.15
C TYR D 215 31.66 -11.86 50.71
N PHE D 216 32.56 -12.16 49.77
CA PHE D 216 32.26 -12.08 48.35
C PHE D 216 31.19 -13.10 47.96
N ARG D 217 31.33 -14.32 48.47
CA ARG D 217 30.39 -15.39 48.16
C ARG D 217 28.98 -15.06 48.63
N ARG D 218 28.87 -14.54 49.85
CA ARG D 218 27.58 -14.20 50.44
C ARG D 218 26.89 -13.08 49.67
N TRP D 219 27.69 -12.17 49.10
CA TRP D 219 27.15 -11.07 48.32
C TRP D 219 26.67 -11.55 46.96
N LEU D 220 27.38 -12.54 46.40
CA LEU D 220 27.00 -13.11 45.11
C LEU D 220 25.72 -13.93 45.22
N GLN D 221 25.46 -14.46 46.41
CA GLN D 221 24.24 -15.23 46.65
C GLN D 221 23.02 -14.33 46.77
N ASP D 222 23.26 -13.07 47.12
CA ASP D 222 22.19 -12.10 47.25
C ASP D 222 22.09 -11.23 46.00
N ASN D 223 23.16 -11.20 45.21
CA ASN D 223 23.20 -10.40 44.00
C ASN D 223 23.56 -11.23 42.77
N ALA D 224 23.02 -12.43 42.68
CA ALA D 224 23.27 -13.31 41.54
C ALA D 224 22.55 -12.81 40.30
N GLU D 225 21.49 -12.05 40.51
CA GLU D 225 20.69 -11.53 39.41
C GLU D 225 21.28 -10.24 38.85
N ASN D 226 22.36 -9.78 39.48
CA ASN D 226 22.99 -8.53 39.08
C ASN D 226 24.41 -8.70 38.56
N VAL D 227 24.84 -9.95 38.41
CA VAL D 227 26.16 -10.25 37.85
C VAL D 227 26.04 -10.61 36.37
N TYR D 228 26.74 -9.86 35.53
CA TYR D 228 26.62 -10.04 34.08
C TYR D 228 27.94 -10.38 33.42
N VAL D 229 27.87 -10.81 32.15
CA VAL D 229 29.06 -11.15 31.39
C VAL D 229 29.18 -10.27 30.15
N TRP D 230 30.36 -9.68 29.95
CA TRP D 230 30.59 -8.82 28.80
C TRP D 230 31.43 -9.53 27.74
N LYS D 231 30.79 -9.88 26.63
CA LYS D 231 31.47 -10.59 25.54
C LYS D 231 31.26 -9.86 24.22
N GLN D 232 32.36 -9.51 23.56
CA GLN D 232 32.31 -8.73 22.33
C GLN D 232 32.98 -9.43 21.16
N VAL D 233 32.21 -9.70 20.11
CA VAL D 233 32.74 -10.32 18.90
C VAL D 233 32.36 -9.51 17.66
N VAL D 234 33.37 -9.10 16.90
CA VAL D 234 33.18 -8.31 15.68
C VAL D 234 32.41 -7.01 15.95
N ASP D 235 31.09 -7.07 15.75
CA ASP D 235 30.22 -5.91 15.93
C ASP D 235 29.21 -6.16 17.03
N VAL D 236 28.96 -7.44 17.32
CA VAL D 236 27.98 -7.84 18.31
C VAL D 236 28.52 -7.68 19.73
N LYS D 237 27.88 -6.82 20.51
CA LYS D 237 28.24 -6.64 21.92
C LYS D 237 27.13 -7.20 22.81
N ALA D 238 27.44 -8.25 23.54
CA ALA D 238 26.44 -8.95 24.34
C ALA D 238 26.66 -8.83 25.84
N VAL D 239 25.56 -8.70 26.58
CA VAL D 239 25.60 -8.68 28.04
C VAL D 239 24.55 -9.63 28.59
N THR D 240 25.00 -10.72 29.20
CA THR D 240 24.09 -11.76 29.69
C THR D 240 24.35 -12.08 31.15
N SER D 241 23.28 -12.24 31.92
CA SER D 241 23.37 -12.55 33.34
C SER D 241 23.88 -13.97 33.57
N ASN D 242 25.01 -14.08 34.27
CA ASN D 242 25.61 -15.37 34.59
C ASN D 242 26.55 -15.26 35.78
N VAL D 243 26.03 -15.54 36.98
CA VAL D 243 26.80 -15.42 38.20
C VAL D 243 27.88 -16.50 38.28
N ALA D 244 27.71 -17.57 37.52
CA ALA D 244 28.67 -18.66 37.50
C ALA D 244 29.92 -18.31 36.70
N SER D 245 29.91 -17.13 36.08
CA SER D 245 31.06 -16.67 35.31
C SER D 245 32.24 -16.36 36.23
N VAL D 246 31.92 -15.86 37.43
CA VAL D 246 32.93 -15.59 38.44
C VAL D 246 33.56 -16.91 38.86
N GLN D 247 34.58 -17.32 38.12
CA GLN D 247 35.17 -18.65 38.29
C GLN D 247 36.47 -18.63 39.09
N CYS D 248 36.63 -19.64 39.94
CA CYS D 248 37.87 -19.84 40.68
C CYS D 248 38.91 -20.52 39.80
N ASP D 249 39.91 -19.76 39.35
CA ASP D 249 40.94 -20.30 38.48
C ASP D 249 42.04 -20.99 39.29
N ASN D 250 41.69 -22.11 39.93
CA ASN D 250 42.64 -22.89 40.69
C ASN D 250 43.24 -24.03 39.88
N LYS D 253 36.66 -25.48 36.95
CA LYS D 253 35.59 -24.49 36.82
C LYS D 253 34.78 -24.39 38.10
N PHE D 254 35.32 -23.70 39.09
CA PHE D 254 34.67 -23.56 40.38
C PHE D 254 33.96 -22.21 40.50
N PRO D 255 32.62 -22.23 40.56
CA PRO D 255 31.87 -20.98 40.80
C PRO D 255 32.08 -20.48 42.22
N VAL D 256 32.33 -19.19 42.37
CA VAL D 256 32.63 -18.60 43.67
C VAL D 256 31.46 -18.68 44.64
N TYR D 257 30.25 -18.45 44.14
CA TYR D 257 29.06 -18.46 45.00
C TYR D 257 28.68 -19.87 45.45
N LYS D 258 29.38 -20.87 44.92
CA LYS D 258 29.16 -22.26 45.31
C LYS D 258 30.36 -22.82 46.06
N TYR D 259 31.36 -21.98 46.30
CA TYR D 259 32.57 -22.39 47.00
C TYR D 259 32.30 -22.72 48.46
N PRO D 260 32.74 -23.92 48.90
CA PRO D 260 32.56 -24.34 50.29
C PRO D 260 33.63 -23.77 51.21
N GLY D 261 33.21 -23.21 52.34
CA GLY D 261 34.14 -22.71 53.34
C GLY D 261 34.57 -23.83 54.27
N LYS D 262 35.45 -24.68 53.78
CA LYS D 262 35.85 -25.88 54.52
C LYS D 262 37.03 -25.62 55.45
N GLY D 263 36.82 -25.86 56.75
CA GLY D 263 37.88 -25.76 57.72
C GLY D 263 38.18 -24.35 58.19
N CYS D 264 37.16 -23.48 58.18
CA CYS D 264 37.34 -22.11 58.63
C CYS D 264 36.01 -21.46 58.99
N PRO D 265 36.03 -20.62 60.05
CA PRO D 265 34.84 -19.88 60.49
C PRO D 265 34.41 -18.84 59.46
N LEU E 5 -9.40 8.48 -4.06
CA LEU E 5 -9.14 9.01 -5.38
C LEU E 5 -7.65 9.17 -5.63
N HIS E 6 -7.08 8.19 -6.35
CA HIS E 6 -5.66 8.21 -6.66
C HIS E 6 -5.34 9.33 -7.65
N ASP E 7 -4.34 10.13 -7.33
CA ASP E 7 -4.02 11.32 -8.12
C ASP E 7 -3.38 11.00 -9.47
N PHE E 8 -2.83 9.80 -9.61
CA PHE E 8 -2.19 9.39 -10.86
C PHE E 8 -3.23 9.17 -11.96
N CYS E 9 -4.47 8.89 -11.57
CA CYS E 9 -5.55 8.65 -12.52
C CYS E 9 -6.70 9.63 -12.29
N ARG E 10 -6.38 10.92 -12.30
CA ARG E 10 -7.37 11.94 -12.00
C ARG E 10 -8.07 12.47 -13.26
N SER E 11 -7.27 12.89 -14.23
CA SER E 11 -7.80 13.54 -15.43
C SER E 11 -7.71 12.67 -16.68
N ARG E 12 -7.92 11.36 -16.51
CA ARG E 12 -7.87 10.43 -17.63
C ARG E 12 -9.20 10.34 -18.37
N LEU E 13 -9.12 10.12 -19.68
CA LEU E 13 -10.31 9.93 -20.49
C LEU E 13 -10.41 8.45 -20.88
N LEU E 14 -11.42 7.76 -20.37
CA LEU E 14 -11.51 6.32 -20.55
C LEU E 14 -12.94 5.79 -20.47
N ASP E 15 -13.25 4.80 -21.31
CA ASP E 15 -14.52 4.09 -21.23
C ASP E 15 -14.29 2.71 -20.60
N LEU E 16 -14.39 2.66 -19.27
CA LEU E 16 -14.07 1.45 -18.52
C LEU E 16 -15.23 0.47 -18.46
N VAL E 17 -14.95 -0.80 -18.73
CA VAL E 17 -15.96 -1.84 -18.70
C VAL E 17 -15.53 -3.04 -17.86
N PHE E 18 -16.31 -3.35 -16.82
CA PHE E 18 -16.03 -4.50 -15.96
C PHE E 18 -16.80 -5.73 -16.40
N LEU E 19 -16.07 -6.78 -16.76
CA LEU E 19 -16.68 -8.05 -17.12
C LEU E 19 -16.34 -9.11 -16.08
N LEU E 20 -17.29 -9.38 -15.19
CA LEU E 20 -17.06 -10.29 -14.07
C LEU E 20 -17.53 -11.72 -14.38
N ASP E 21 -16.69 -12.70 -14.05
CA ASP E 21 -17.03 -14.10 -14.24
C ASP E 21 -18.20 -14.50 -13.35
N GLY E 22 -19.16 -15.21 -13.92
CA GLY E 22 -20.34 -15.63 -13.18
C GLY E 22 -20.53 -17.13 -13.13
N SER E 23 -19.42 -17.87 -13.09
CA SER E 23 -19.47 -19.33 -13.02
C SER E 23 -19.51 -19.81 -11.57
N SER E 24 -19.64 -21.12 -11.40
CA SER E 24 -19.65 -21.71 -10.06
C SER E 24 -18.22 -21.95 -9.57
N ARG E 25 -17.24 -21.58 -10.38
CA ARG E 25 -15.84 -21.65 -9.96
C ARG E 25 -15.58 -20.69 -8.81
N LEU E 26 -16.34 -19.60 -8.78
CA LEU E 26 -16.29 -18.66 -7.67
C LEU E 26 -17.53 -18.83 -6.80
N SER E 27 -17.32 -19.02 -5.51
CA SER E 27 -18.44 -19.18 -4.58
C SER E 27 -19.16 -17.85 -4.38
N GLU E 28 -20.25 -17.89 -3.62
CA GLU E 28 -21.03 -16.69 -3.35
C GLU E 28 -20.24 -15.71 -2.49
N ALA E 29 -19.26 -16.23 -1.77
CA ALA E 29 -18.40 -15.39 -0.94
C ALA E 29 -17.19 -14.89 -1.73
N GLU E 30 -16.66 -15.75 -2.60
CA GLU E 30 -15.52 -15.39 -3.44
C GLU E 30 -15.93 -14.38 -4.49
N PHE E 31 -17.19 -14.42 -4.91
CA PHE E 31 -17.74 -13.48 -5.86
C PHE E 31 -17.90 -12.11 -5.21
N GLU E 32 -18.04 -12.10 -3.89
CA GLU E 32 -18.18 -10.86 -3.14
C GLU E 32 -16.85 -10.11 -3.08
N VAL E 33 -15.75 -10.86 -3.03
CA VAL E 33 -14.42 -10.29 -3.06
C VAL E 33 -14.17 -9.68 -4.44
N LEU E 34 -14.71 -10.34 -5.46
CA LEU E 34 -14.60 -9.85 -6.83
C LEU E 34 -15.38 -8.55 -6.99
N LYS E 35 -16.56 -8.49 -6.38
CA LYS E 35 -17.39 -7.29 -6.41
C LYS E 35 -16.73 -6.14 -5.66
N ALA E 36 -16.15 -6.45 -4.51
CA ALA E 36 -15.47 -5.44 -3.69
C ALA E 36 -14.28 -4.84 -4.44
N PHE E 37 -13.61 -5.66 -5.24
CA PHE E 37 -12.48 -5.22 -6.05
C PHE E 37 -12.94 -4.19 -7.09
N VAL E 38 -14.10 -4.43 -7.67
CA VAL E 38 -14.65 -3.53 -8.68
C VAL E 38 -15.10 -2.21 -8.06
N VAL E 39 -15.71 -2.29 -6.88
CA VAL E 39 -16.17 -1.09 -6.18
C VAL E 39 -14.98 -0.21 -5.78
N ASP E 40 -13.96 -0.81 -5.21
CA ASP E 40 -12.75 -0.09 -4.85
C ASP E 40 -12.04 0.47 -6.09
N MET E 41 -12.24 -0.20 -7.22
CA MET E 41 -11.68 0.26 -8.49
C MET E 41 -12.37 1.54 -8.94
N MET E 42 -13.66 1.65 -8.60
CA MET E 42 -14.46 2.80 -9.01
C MET E 42 -14.29 3.99 -8.06
N GLU E 43 -13.80 3.72 -6.86
CA GLU E 43 -13.60 4.76 -5.86
C GLU E 43 -12.36 5.59 -6.14
N ARG E 44 -11.40 4.99 -6.85
CA ARG E 44 -10.14 5.67 -7.16
C ARG E 44 -10.16 6.34 -8.52
N LEU E 45 -11.30 6.28 -9.20
CA LEU E 45 -11.43 6.90 -10.52
C LEU E 45 -12.51 7.98 -10.55
N ARG E 46 -12.24 9.06 -11.26
CA ARG E 46 -13.19 10.16 -11.41
C ARG E 46 -14.28 9.78 -12.41
N ILE E 47 -15.38 9.26 -11.90
CA ILE E 47 -16.47 8.76 -12.74
C ILE E 47 -17.29 9.91 -13.34
N SER E 48 -17.15 10.10 -14.64
CA SER E 48 -17.88 11.16 -15.33
C SER E 48 -17.93 10.94 -16.84
N GLN E 49 -18.91 11.54 -17.49
CA GLN E 49 -19.05 11.47 -18.94
C GLN E 49 -17.90 12.22 -19.63
N LYS E 50 -17.37 13.22 -18.93
CA LYS E 50 -16.28 14.02 -19.46
C LYS E 50 -14.95 13.29 -19.30
N TRP E 51 -14.84 12.52 -18.22
CA TRP E 51 -13.58 11.85 -17.89
C TRP E 51 -13.66 10.34 -18.10
N VAL E 52 -13.96 9.61 -17.04
CA VAL E 52 -14.00 8.15 -17.10
C VAL E 52 -15.42 7.62 -16.89
N ARG E 53 -15.89 6.81 -17.85
CA ARG E 53 -17.19 6.18 -17.74
C ARG E 53 -17.04 4.70 -17.37
N VAL E 54 -17.91 4.22 -16.49
CA VAL E 54 -17.84 2.83 -16.05
C VAL E 54 -18.99 2.00 -16.60
N ALA E 55 -18.76 0.70 -16.70
CA ALA E 55 -19.78 -0.23 -17.18
C ALA E 55 -19.57 -1.62 -16.59
N VAL E 56 -20.54 -2.08 -15.81
CA VAL E 56 -20.44 -3.39 -15.16
C VAL E 56 -21.44 -4.38 -15.75
N VAL E 57 -20.92 -5.43 -16.36
CA VAL E 57 -21.76 -6.46 -16.96
C VAL E 57 -21.41 -7.85 -16.41
N GLU E 58 -22.37 -8.45 -15.70
CA GLU E 58 -22.19 -9.79 -15.16
C GLU E 58 -22.65 -10.83 -16.18
N TYR E 59 -21.80 -11.81 -16.45
CA TYR E 59 -22.09 -12.79 -17.51
C TYR E 59 -21.95 -14.24 -17.08
N HIS E 60 -22.76 -15.10 -17.68
CA HIS E 60 -22.63 -16.55 -17.55
C HIS E 60 -23.11 -17.24 -18.81
N ASP E 61 -24.40 -17.60 -18.86
CA ASP E 61 -25.00 -18.12 -20.08
C ASP E 61 -25.33 -16.97 -21.02
N GLY E 62 -25.44 -15.78 -20.44
CA GLY E 62 -25.69 -14.57 -21.20
C GLY E 62 -25.07 -13.37 -20.49
N SER E 63 -25.22 -12.19 -21.07
CA SER E 63 -24.63 -10.98 -20.49
C SER E 63 -25.68 -10.11 -19.81
N HIS E 64 -25.50 -9.88 -18.51
CA HIS E 64 -26.41 -9.02 -17.75
C HIS E 64 -25.79 -7.65 -17.52
N ALA E 65 -26.29 -6.64 -18.24
CA ALA E 65 -25.76 -5.29 -18.14
C ALA E 65 -26.33 -4.55 -16.94
N TYR E 66 -25.52 -4.43 -15.89
CA TYR E 66 -25.92 -3.69 -14.70
C TYR E 66 -25.63 -2.20 -14.87
N ILE E 67 -24.46 -1.89 -15.39
CA ILE E 67 -24.05 -0.51 -15.64
C ILE E 67 -23.60 -0.35 -17.08
N GLY E 68 -24.10 0.68 -17.75
CA GLY E 68 -23.72 0.97 -19.11
C GLY E 68 -22.78 2.15 -19.21
N LEU E 69 -22.09 2.25 -20.34
CA LEU E 69 -21.15 3.35 -20.59
C LEU E 69 -21.84 4.70 -20.60
N LYS E 70 -22.99 4.77 -21.27
CA LYS E 70 -23.71 6.03 -21.41
C LYS E 70 -24.72 6.26 -20.30
N ASP E 71 -24.70 5.41 -19.28
CA ASP E 71 -25.58 5.58 -18.13
C ASP E 71 -25.12 6.76 -17.27
N ARG E 72 -25.90 7.82 -17.29
CA ARG E 72 -25.57 9.04 -16.56
C ARG E 72 -26.14 9.05 -15.14
N LYS E 73 -25.45 8.39 -14.23
CA LYS E 73 -25.88 8.35 -12.84
C LYS E 73 -24.76 8.78 -11.89
N ARG E 74 -25.12 9.04 -10.64
CA ARG E 74 -24.17 9.47 -9.62
C ARG E 74 -23.12 8.39 -9.35
N PRO E 75 -21.88 8.82 -9.07
CA PRO E 75 -20.79 7.91 -8.70
C PRO E 75 -21.16 7.01 -7.52
N SER E 76 -21.86 7.56 -6.55
CA SER E 76 -22.33 6.79 -5.40
C SER E 76 -23.37 5.76 -5.82
N GLU E 77 -24.23 6.15 -6.75
CA GLU E 77 -25.27 5.26 -7.26
C GLU E 77 -24.67 4.14 -8.12
N LEU E 78 -23.65 4.49 -8.90
CA LEU E 78 -22.96 3.51 -9.74
C LEU E 78 -22.18 2.51 -8.88
N ARG E 79 -21.76 2.95 -7.70
CA ARG E 79 -21.07 2.07 -6.76
C ARG E 79 -22.08 1.21 -6.00
N ARG E 80 -23.30 1.71 -5.86
CA ARG E 80 -24.36 0.97 -5.19
C ARG E 80 -24.74 -0.29 -5.97
N ILE E 81 -24.93 -0.13 -7.27
CA ILE E 81 -25.29 -1.23 -8.15
C ILE E 81 -24.19 -2.29 -8.17
N ALA E 82 -22.94 -1.84 -8.18
CA ALA E 82 -21.80 -2.74 -8.19
C ALA E 82 -21.72 -3.57 -6.91
N SER E 83 -22.16 -2.99 -5.81
CA SER E 83 -22.12 -3.67 -4.51
C SER E 83 -23.28 -4.67 -4.37
N GLN E 84 -24.29 -4.54 -5.22
CA GLN E 84 -25.45 -5.42 -5.14
C GLN E 84 -25.62 -6.27 -6.40
N VAL E 85 -24.51 -6.53 -7.08
CA VAL E 85 -24.52 -7.40 -8.26
C VAL E 85 -24.94 -8.82 -7.87
N LYS E 86 -26.00 -9.31 -8.48
CA LYS E 86 -26.53 -10.64 -8.18
C LYS E 86 -25.56 -11.76 -8.52
N TYR E 87 -25.33 -12.65 -7.57
CA TYR E 87 -24.47 -13.81 -7.78
C TYR E 87 -25.20 -14.90 -8.53
N ALA E 88 -24.84 -15.10 -9.79
CA ALA E 88 -25.47 -16.12 -10.62
C ALA E 88 -25.04 -17.52 -10.18
N GLY E 89 -23.74 -17.78 -10.23
CA GLY E 89 -23.21 -19.08 -9.87
C GLY E 89 -23.69 -20.16 -10.82
N SER E 90 -23.65 -19.85 -12.11
CA SER E 90 -24.10 -20.80 -13.14
C SER E 90 -23.02 -21.82 -13.48
N GLN E 91 -23.40 -22.82 -14.25
CA GLN E 91 -22.47 -23.88 -14.64
C GLN E 91 -21.57 -23.44 -15.80
N VAL E 92 -22.10 -22.59 -16.66
CA VAL E 92 -21.37 -22.13 -17.84
C VAL E 92 -21.21 -20.61 -17.83
N ALA E 93 -19.96 -20.16 -17.90
CA ALA E 93 -19.67 -18.73 -18.03
C ALA E 93 -18.95 -18.45 -19.35
N SER E 94 -19.73 -18.29 -20.41
CA SER E 94 -19.18 -18.11 -21.74
C SER E 94 -18.38 -16.81 -21.88
N THR E 95 -17.09 -16.95 -22.17
CA THR E 95 -16.22 -15.80 -22.41
C THR E 95 -16.28 -15.38 -23.87
N SER E 96 -16.86 -16.23 -24.71
CA SER E 96 -17.00 -15.94 -26.12
C SER E 96 -18.25 -15.10 -26.38
N GLU E 97 -19.29 -15.32 -25.57
CA GLU E 97 -20.52 -14.57 -25.70
C GLU E 97 -20.36 -13.14 -25.18
N VAL E 98 -19.58 -12.98 -24.11
CA VAL E 98 -19.40 -11.68 -23.49
C VAL E 98 -18.52 -10.77 -24.36
N LEU E 99 -17.64 -11.39 -25.13
CA LEU E 99 -16.79 -10.64 -26.06
C LEU E 99 -17.55 -10.33 -27.34
N LYS E 100 -18.46 -11.22 -27.71
CA LYS E 100 -19.34 -10.99 -28.85
C LYS E 100 -20.32 -9.86 -28.51
N TYR E 101 -20.65 -9.75 -27.23
CA TYR E 101 -21.53 -8.69 -26.76
C TYR E 101 -20.78 -7.37 -26.68
N THR E 102 -19.52 -7.43 -26.28
CA THR E 102 -18.71 -6.23 -26.10
C THR E 102 -18.25 -5.65 -27.44
N LEU E 103 -18.32 -6.47 -28.49
CA LEU E 103 -17.90 -6.04 -29.83
C LEU E 103 -19.05 -5.41 -30.62
N PHE E 104 -20.27 -5.93 -30.41
CA PHE E 104 -21.41 -5.50 -31.21
C PHE E 104 -22.41 -4.63 -30.45
N GLN E 105 -22.43 -4.74 -29.12
CA GLN E 105 -23.43 -4.04 -28.32
C GLN E 105 -22.86 -2.88 -27.49
N ILE E 106 -21.58 -2.96 -27.15
CA ILE E 106 -20.95 -1.94 -26.32
C ILE E 106 -20.05 -1.01 -27.12
N PHE E 107 -19.15 -1.60 -27.89
CA PHE E 107 -18.19 -0.81 -28.67
C PHE E 107 -18.37 -1.00 -30.18
N SER E 108 -19.58 -0.73 -30.66
CA SER E 108 -19.88 -0.80 -32.08
C SER E 108 -19.24 0.37 -32.81
N LYS E 109 -19.42 1.57 -32.25
CA LYS E 109 -18.88 2.78 -32.84
C LYS E 109 -17.93 3.45 -31.85
N ILE E 110 -17.14 4.41 -32.33
CA ILE E 110 -16.25 5.17 -31.46
C ILE E 110 -16.84 6.55 -31.20
N ASP E 111 -17.70 6.64 -30.20
CA ASP E 111 -18.36 7.90 -29.86
C ASP E 111 -17.42 8.87 -29.17
N ARG E 112 -16.38 8.33 -28.54
CA ARG E 112 -15.38 9.16 -27.87
C ARG E 112 -13.98 8.80 -28.34
N PRO E 113 -13.53 9.43 -29.44
CA PRO E 113 -12.19 9.19 -29.99
C PRO E 113 -11.11 9.76 -29.09
N GLU E 114 -11.49 10.66 -28.19
CA GLU E 114 -10.54 11.26 -27.26
C GLU E 114 -10.37 10.41 -26.01
N ALA E 115 -11.32 9.52 -25.76
CA ALA E 115 -11.28 8.67 -24.58
C ALA E 115 -11.00 7.21 -24.94
N SER E 116 -10.09 6.58 -24.19
CA SER E 116 -9.75 5.19 -24.44
C SER E 116 -10.91 4.25 -24.11
N ARG E 117 -10.89 3.07 -24.71
CA ARG E 117 -11.97 2.10 -24.55
C ARG E 117 -11.41 0.77 -24.07
N ILE E 118 -11.53 0.49 -22.78
CA ILE E 118 -10.93 -0.71 -22.19
C ILE E 118 -11.98 -1.65 -21.59
N ALA E 119 -11.87 -2.93 -21.93
CA ALA E 119 -12.76 -3.95 -21.38
C ALA E 119 -11.98 -4.91 -20.49
N LEU E 120 -11.95 -4.63 -19.19
CA LEU E 120 -11.25 -5.48 -18.24
C LEU E 120 -11.98 -6.80 -18.05
N LEU E 121 -11.43 -7.87 -18.64
CA LEU E 121 -12.07 -9.17 -18.60
C LEU E 121 -11.62 -10.00 -17.40
N LEU E 122 -12.50 -10.13 -16.41
CA LEU E 122 -12.22 -10.90 -15.21
C LEU E 122 -12.75 -12.33 -15.35
N MET E 123 -11.87 -13.24 -15.79
CA MET E 123 -12.27 -14.62 -16.01
C MET E 123 -11.85 -15.53 -14.84
N ALA E 124 -12.66 -16.55 -14.58
CA ALA E 124 -12.38 -17.47 -13.48
C ALA E 124 -12.77 -18.90 -13.84
N SER E 125 -13.12 -19.13 -15.09
CA SER E 125 -13.53 -20.45 -15.55
C SER E 125 -12.97 -20.77 -16.93
N GLN E 126 -13.29 -21.95 -17.43
CA GLN E 126 -12.83 -22.39 -18.74
C GLN E 126 -13.98 -22.99 -19.54
N GLU E 127 -14.49 -22.23 -20.51
CA GLU E 127 -15.61 -22.67 -21.34
C GLU E 127 -15.18 -23.80 -22.27
N PRO E 128 -16.14 -24.67 -22.66
CA PRO E 128 -15.86 -25.75 -23.61
C PRO E 128 -15.45 -25.20 -24.98
N GLN E 129 -14.72 -26.00 -25.75
CA GLN E 129 -14.20 -25.55 -27.04
C GLN E 129 -15.29 -25.46 -28.11
N ARG E 130 -16.45 -26.03 -27.82
CA ARG E 130 -17.57 -25.98 -28.74
C ARG E 130 -18.24 -24.61 -28.73
N MET E 131 -17.84 -23.78 -27.77
CA MET E 131 -18.39 -22.43 -27.65
C MET E 131 -17.35 -21.38 -28.01
N SER E 132 -16.12 -21.81 -28.23
CA SER E 132 -15.03 -20.89 -28.55
C SER E 132 -14.69 -20.91 -30.04
N ARG E 133 -15.72 -21.02 -30.87
CA ARG E 133 -15.54 -21.05 -32.32
C ARG E 133 -15.01 -19.72 -32.86
N ASN E 134 -15.63 -18.62 -32.46
CA ASN E 134 -15.26 -17.30 -32.96
C ASN E 134 -14.57 -16.44 -31.93
N PHE E 135 -13.96 -17.08 -30.93
CA PHE E 135 -13.25 -16.36 -29.87
C PHE E 135 -12.14 -15.48 -30.45
N VAL E 136 -11.32 -16.07 -31.31
CA VAL E 136 -10.22 -15.34 -31.93
C VAL E 136 -10.74 -14.24 -32.85
N ARG E 137 -11.87 -14.51 -33.49
CA ARG E 137 -12.48 -13.55 -34.41
C ARG E 137 -12.98 -12.31 -33.66
N TYR E 138 -13.40 -12.50 -32.41
CA TYR E 138 -13.91 -11.41 -31.60
C TYR E 138 -12.81 -10.46 -31.12
N VAL E 139 -11.69 -11.01 -30.69
CA VAL E 139 -10.58 -10.20 -30.20
C VAL E 139 -9.83 -9.47 -31.31
N GLN E 140 -9.89 -10.03 -32.52
CA GLN E 140 -9.31 -9.38 -33.68
C GLN E 140 -10.11 -8.13 -34.05
N GLY E 141 -11.43 -8.23 -33.92
CA GLY E 141 -12.31 -7.13 -34.22
C GLY E 141 -12.22 -6.02 -33.18
N LEU E 142 -12.01 -6.41 -31.92
CA LEU E 142 -11.86 -5.45 -30.84
C LEU E 142 -10.54 -4.68 -30.96
N LYS E 143 -9.55 -5.30 -31.57
CA LYS E 143 -8.27 -4.65 -31.81
C LYS E 143 -8.41 -3.58 -32.89
N LYS E 144 -9.18 -3.90 -33.94
CA LYS E 144 -9.43 -2.95 -35.01
C LYS E 144 -10.29 -1.80 -34.52
N LYS E 145 -11.12 -2.07 -33.51
CA LYS E 145 -11.94 -1.04 -32.89
C LYS E 145 -11.14 -0.27 -31.85
N LYS E 146 -9.86 -0.58 -31.75
CA LYS E 146 -8.96 0.03 -30.79
C LYS E 146 -9.51 -0.13 -29.37
N VAL E 147 -9.60 -1.38 -28.92
CA VAL E 147 -10.08 -1.68 -27.57
C VAL E 147 -9.05 -2.53 -26.84
N ILE E 148 -8.56 -2.01 -25.71
CA ILE E 148 -7.58 -2.72 -24.91
C ILE E 148 -8.24 -3.79 -24.04
N VAL E 149 -8.09 -5.05 -24.43
CA VAL E 149 -8.66 -6.16 -23.67
C VAL E 149 -7.64 -6.70 -22.68
N ILE E 150 -7.98 -6.63 -21.40
CA ILE E 150 -7.08 -7.09 -20.35
C ILE E 150 -7.68 -8.26 -19.59
N PRO E 151 -7.25 -9.49 -19.92
CA PRO E 151 -7.70 -10.72 -19.26
C PRO E 151 -7.16 -10.83 -17.83
N VAL E 152 -8.02 -11.23 -16.91
CA VAL E 152 -7.61 -11.42 -15.52
C VAL E 152 -7.94 -12.84 -15.05
N GLY E 153 -6.92 -13.67 -14.92
CA GLY E 153 -7.09 -15.03 -14.49
C GLY E 153 -7.20 -15.15 -12.98
N ILE E 154 -8.33 -15.69 -12.52
CA ILE E 154 -8.57 -15.85 -11.09
C ILE E 154 -8.74 -17.31 -10.71
N GLY E 155 -7.66 -17.93 -10.23
CA GLY E 155 -7.70 -19.32 -9.85
C GLY E 155 -7.10 -20.23 -10.93
N PRO E 156 -6.93 -21.51 -10.60
CA PRO E 156 -6.32 -22.49 -11.51
C PRO E 156 -7.28 -22.93 -12.62
N HIS E 157 -8.57 -22.64 -12.45
CA HIS E 157 -9.57 -23.09 -13.40
C HIS E 157 -9.86 -22.06 -14.49
N ALA E 158 -9.23 -20.89 -14.40
CA ALA E 158 -9.37 -19.87 -15.43
C ALA E 158 -8.76 -20.34 -16.74
N ASN E 159 -9.37 -19.96 -17.85
CA ASN E 159 -8.94 -20.41 -19.17
C ASN E 159 -7.57 -19.84 -19.56
N LEU E 160 -6.52 -20.62 -19.32
CA LEU E 160 -5.16 -20.18 -19.63
C LEU E 160 -4.91 -20.00 -21.12
N LYS E 161 -5.56 -20.83 -21.92
CA LYS E 161 -5.41 -20.76 -23.38
C LYS E 161 -5.96 -19.44 -23.91
N GLN E 162 -7.15 -19.08 -23.46
CA GLN E 162 -7.79 -17.83 -23.88
C GLN E 162 -6.99 -16.61 -23.42
N ILE E 163 -6.32 -16.74 -22.29
CA ILE E 163 -5.46 -15.67 -21.78
C ILE E 163 -4.32 -15.41 -22.76
N ARG E 164 -3.73 -16.48 -23.27
CA ARG E 164 -2.62 -16.37 -24.20
C ARG E 164 -3.08 -15.90 -25.58
N LEU E 165 -4.33 -16.24 -25.93
CA LEU E 165 -4.89 -15.85 -27.21
C LEU E 165 -5.10 -14.33 -27.31
N ILE E 166 -5.64 -13.76 -26.25
CA ILE E 166 -5.89 -12.32 -26.20
C ILE E 166 -4.58 -11.55 -26.06
N GLU E 167 -3.64 -12.13 -25.30
CA GLU E 167 -2.38 -11.47 -25.00
C GLU E 167 -1.50 -11.31 -26.25
N LYS E 168 -1.71 -12.19 -27.23
CA LYS E 168 -0.92 -12.15 -28.47
C LYS E 168 -1.62 -11.38 -29.58
N GLN E 169 -2.84 -10.93 -29.31
CA GLN E 169 -3.61 -10.12 -30.27
C GLN E 169 -3.01 -8.74 -30.42
N ALA E 170 -2.81 -8.06 -29.29
CA ALA E 170 -2.22 -6.73 -29.28
C ALA E 170 -1.14 -6.63 -28.22
N PRO E 171 -0.07 -5.86 -28.50
CA PRO E 171 1.03 -5.69 -27.54
C PRO E 171 0.58 -4.94 -26.28
N GLU E 172 -0.52 -4.21 -26.38
CA GLU E 172 -1.05 -3.48 -25.23
C GLU E 172 -1.97 -4.37 -24.39
N ASN E 173 -2.38 -5.48 -24.96
CA ASN E 173 -3.30 -6.40 -24.27
C ASN E 173 -2.58 -7.41 -23.36
N LYS E 174 -1.98 -6.90 -22.29
CA LYS E 174 -1.31 -7.77 -21.33
C LYS E 174 -2.30 -8.23 -20.25
N ALA E 175 -2.08 -9.44 -19.73
CA ALA E 175 -3.02 -10.05 -18.81
C ALA E 175 -2.51 -10.12 -17.36
N PHE E 176 -3.44 -10.14 -16.42
CA PHE E 176 -3.10 -10.24 -15.00
C PHE E 176 -3.58 -11.58 -14.43
N VAL E 177 -2.67 -12.54 -14.33
CA VAL E 177 -3.02 -13.86 -13.80
C VAL E 177 -2.66 -13.98 -12.32
N LEU E 178 -3.68 -14.14 -11.48
CA LEU E 178 -3.48 -14.28 -10.05
C LEU E 178 -3.78 -15.69 -9.58
N SER E 179 -3.33 -16.03 -8.38
CA SER E 179 -3.51 -17.37 -7.83
C SER E 179 -4.79 -17.45 -7.00
N SER E 180 -5.17 -16.33 -6.41
CA SER E 180 -6.36 -16.28 -5.57
C SER E 180 -7.16 -14.99 -5.80
N VAL E 181 -8.38 -14.97 -5.28
CA VAL E 181 -9.24 -13.79 -5.41
C VAL E 181 -8.81 -12.72 -4.42
N ASP E 182 -8.08 -13.13 -3.39
CA ASP E 182 -7.60 -12.20 -2.37
C ASP E 182 -6.39 -11.41 -2.85
N GLU E 183 -5.88 -11.78 -4.02
CA GLU E 183 -4.74 -11.08 -4.61
C GLU E 183 -5.20 -9.88 -5.44
N LEU E 184 -6.51 -9.79 -5.68
CA LEU E 184 -7.07 -8.68 -6.42
C LEU E 184 -6.88 -7.37 -5.67
N GLU E 185 -7.08 -7.41 -4.36
CA GLU E 185 -6.91 -6.23 -3.51
C GLU E 185 -5.42 -5.91 -3.36
N GLN E 186 -4.59 -6.91 -3.63
CA GLN E 186 -3.14 -6.75 -3.50
C GLN E 186 -2.54 -6.16 -4.78
N GLN E 187 -3.10 -6.54 -5.93
CA GLN E 187 -2.56 -6.12 -7.21
C GLN E 187 -3.35 -4.97 -7.83
N ARG E 188 -4.36 -4.48 -7.11
CA ARG E 188 -5.22 -3.41 -7.62
C ARG E 188 -4.46 -2.12 -7.85
N ASP E 189 -3.39 -1.90 -7.09
CA ASP E 189 -2.59 -0.70 -7.21
C ASP E 189 -1.76 -0.72 -8.48
N GLU E 190 -1.45 -1.93 -8.95
CA GLU E 190 -0.64 -2.09 -10.15
C GLU E 190 -1.51 -2.04 -11.42
N ILE E 191 -2.66 -2.69 -11.35
CA ILE E 191 -3.57 -2.75 -12.49
C ILE E 191 -4.02 -1.36 -12.95
N VAL E 192 -4.35 -0.50 -12.00
CA VAL E 192 -4.77 0.86 -12.33
C VAL E 192 -3.64 1.64 -13.03
N SER E 193 -2.43 1.52 -12.51
CA SER E 193 -1.27 2.22 -13.06
C SER E 193 -1.02 1.85 -14.51
N TYR E 194 -1.47 0.66 -14.91
CA TYR E 194 -1.37 0.22 -16.29
C TYR E 194 -2.55 0.75 -17.10
N LEU E 195 -3.68 0.93 -16.44
CA LEU E 195 -4.88 1.43 -17.11
C LEU E 195 -4.75 2.91 -17.46
N CYS E 196 -4.19 3.69 -16.53
CA CYS E 196 -4.04 5.13 -16.74
C CYS E 196 -3.02 5.43 -17.83
N ASP E 197 -1.99 4.59 -17.90
CA ASP E 197 -0.93 4.77 -18.88
C ASP E 197 -1.46 4.63 -20.31
N LEU E 198 -2.54 3.87 -20.47
CA LEU E 198 -3.14 3.66 -21.78
C LEU E 198 -4.27 4.64 -22.04
N ALA E 199 -4.46 5.59 -21.13
CA ALA E 199 -5.50 6.59 -21.25
C ALA E 199 -4.90 8.00 -21.37
N PRO E 200 -5.43 8.80 -22.31
CA PRO E 200 -4.94 10.16 -22.56
C PRO E 200 -5.29 11.11 -21.42
N GLU E 201 -4.60 12.25 -21.36
CA GLU E 201 -4.86 13.27 -20.35
C GLU E 201 -5.65 14.43 -20.94
N ALA E 202 -6.42 15.11 -20.09
CA ALA E 202 -7.23 16.23 -20.53
C ALA E 202 -6.70 17.55 -19.98
N PRO E 203 -6.54 18.55 -20.87
CA PRO E 203 -6.04 19.88 -20.49
C PRO E 203 -6.97 20.57 -19.50
N PRO F 2 -24.25 30.47 -17.29
CA PRO F 2 -25.47 31.26 -17.14
C PRO F 2 -26.70 30.40 -16.86
N ILE F 3 -27.51 30.17 -17.88
CA ILE F 3 -28.70 29.33 -17.75
C ILE F 3 -28.36 27.86 -18.05
N CYS F 4 -27.47 27.65 -19.01
CA CYS F 4 -27.07 26.30 -19.40
C CYS F 4 -25.64 25.98 -18.98
N GLU F 5 -25.37 24.70 -18.76
CA GLU F 5 -24.03 24.24 -18.39
C GLU F 5 -23.15 24.08 -19.63
N VAL F 6 -22.04 24.81 -19.66
CA VAL F 6 -21.12 24.74 -20.78
C VAL F 6 -19.75 24.24 -20.33
N SER F 7 -19.38 23.05 -20.79
CA SER F 7 -18.10 22.45 -20.40
C SER F 7 -17.19 22.24 -21.60
N LYS F 8 -15.90 22.46 -21.40
CA LYS F 8 -14.92 22.27 -22.46
C LYS F 8 -14.19 20.93 -22.28
N VAL F 9 -14.76 19.88 -22.85
CA VAL F 9 -14.16 18.55 -22.77
C VAL F 9 -13.36 18.25 -24.05
N ALA F 10 -12.12 17.78 -23.85
CA ALA F 10 -11.21 17.49 -24.95
C ALA F 10 -10.96 18.71 -25.84
N SER F 11 -11.40 18.63 -27.10
CA SER F 11 -11.19 19.72 -28.05
C SER F 11 -12.52 20.35 -28.46
N HIS F 12 -13.62 19.65 -28.20
CA HIS F 12 -14.94 20.15 -28.58
C HIS F 12 -15.64 20.83 -27.40
N LEU F 13 -16.84 21.35 -27.66
CA LEU F 13 -17.60 22.05 -26.64
C LEU F 13 -19.04 21.54 -26.59
N GLU F 14 -19.47 21.10 -25.41
CA GLU F 14 -20.82 20.58 -25.24
C GLU F 14 -21.62 21.41 -24.25
N VAL F 15 -22.94 21.46 -24.45
CA VAL F 15 -23.82 22.23 -23.59
C VAL F 15 -24.88 21.33 -22.95
N ASN F 16 -25.08 21.49 -21.66
CA ASN F 16 -26.04 20.66 -20.92
C ASN F 16 -27.17 21.47 -20.30
N CYS F 17 -28.37 21.35 -20.86
CA CYS F 17 -29.53 22.09 -20.34
C CYS F 17 -30.64 21.14 -19.91
N ASP F 18 -30.28 20.08 -19.18
CA ASP F 18 -31.24 19.08 -18.76
C ASP F 18 -32.08 19.55 -17.56
N LYS F 19 -33.39 19.34 -17.67
CA LYS F 19 -34.33 19.67 -16.60
C LYS F 19 -34.24 21.14 -16.18
N ARG F 20 -34.84 22.02 -16.96
CA ARG F 20 -34.81 23.45 -16.67
C ARG F 20 -36.10 24.15 -17.03
N ARG F 21 -37.16 23.37 -17.25
CA ARG F 21 -38.49 23.89 -17.59
C ARG F 21 -38.43 24.80 -18.80
N LEU F 22 -37.66 24.38 -19.81
CA LEU F 22 -37.46 25.19 -21.01
C LEU F 22 -38.61 25.07 -21.99
N THR F 23 -39.17 26.21 -22.39
CA THR F 23 -40.25 26.23 -23.37
C THR F 23 -39.69 26.22 -24.79
N ALA F 24 -38.42 26.58 -24.91
CA ALA F 24 -37.73 26.60 -26.21
C ALA F 24 -36.23 26.55 -26.01
N LEU F 25 -35.49 26.72 -27.10
CA LEU F 25 -34.04 26.74 -27.05
C LEU F 25 -33.54 28.07 -26.48
N PRO F 26 -32.81 28.01 -25.35
CA PRO F 26 -32.27 29.21 -24.69
C PRO F 26 -31.30 29.96 -25.59
N PRO F 27 -31.38 31.30 -25.59
CA PRO F 27 -30.47 32.12 -26.41
C PRO F 27 -29.07 32.20 -25.81
N ASP F 28 -28.19 32.96 -26.45
CA ASP F 28 -26.84 33.17 -25.97
C ASP F 28 -26.04 31.87 -25.81
N LEU F 29 -26.24 30.95 -26.75
CA LEU F 29 -25.52 29.69 -26.75
C LEU F 29 -24.32 29.73 -27.70
N PRO F 30 -23.18 29.16 -27.28
CA PRO F 30 -21.95 29.11 -28.07
C PRO F 30 -22.17 28.44 -29.42
N LYS F 31 -21.57 29.02 -30.47
CA LYS F 31 -21.72 28.50 -31.82
C LYS F 31 -20.95 27.21 -32.01
N ASP F 32 -19.82 27.09 -31.32
CA ASP F 32 -18.95 25.92 -31.44
C ASP F 32 -19.43 24.74 -30.59
N THR F 33 -20.75 24.58 -30.49
CA THR F 33 -21.33 23.48 -29.74
C THR F 33 -21.48 22.26 -30.64
N THR F 34 -20.92 21.14 -30.21
CA THR F 34 -21.00 19.90 -30.98
C THR F 34 -22.06 18.96 -30.41
N ILE F 35 -22.24 19.02 -29.09
CA ILE F 35 -23.22 18.17 -28.41
C ILE F 35 -24.17 19.01 -27.57
N LEU F 36 -25.47 18.85 -27.80
CA LEU F 36 -26.47 19.63 -27.09
C LEU F 36 -27.45 18.74 -26.32
N HIS F 37 -27.37 18.80 -25.00
CA HIS F 37 -28.28 18.02 -24.14
C HIS F 37 -29.46 18.86 -23.69
N LEU F 38 -30.65 18.48 -24.14
CA LEU F 38 -31.88 19.16 -23.75
C LEU F 38 -32.89 18.17 -23.17
N SER F 39 -32.38 17.09 -22.60
CA SER F 39 -33.23 16.01 -22.10
C SER F 39 -34.09 16.42 -20.90
N GLU F 40 -35.27 15.80 -20.81
CA GLU F 40 -36.18 15.97 -19.69
C GLU F 40 -36.64 17.42 -19.46
N ASN F 41 -37.24 18.02 -20.48
CA ASN F 41 -37.77 19.37 -20.38
C ASN F 41 -39.21 19.47 -20.84
N LEU F 42 -39.65 20.68 -21.18
CA LEU F 42 -41.03 20.90 -21.60
C LEU F 42 -41.11 21.49 -23.00
N LEU F 43 -40.84 20.66 -24.00
CA LEU F 43 -40.88 21.10 -25.39
C LEU F 43 -42.13 20.59 -26.10
N TYR F 44 -43.12 21.46 -26.25
CA TYR F 44 -44.33 21.09 -26.97
C TYR F 44 -44.01 20.85 -28.44
N THR F 45 -43.29 21.78 -29.04
CA THR F 45 -42.78 21.61 -30.40
C THR F 45 -41.34 22.12 -30.46
N PHE F 46 -40.62 21.75 -31.53
CA PHE F 46 -39.24 22.20 -31.70
C PHE F 46 -38.85 22.18 -33.17
N SER F 47 -38.15 23.22 -33.60
CA SER F 47 -37.72 23.34 -34.99
C SER F 47 -36.21 23.17 -35.10
N LEU F 48 -35.79 22.37 -36.09
CA LEU F 48 -34.36 22.14 -36.32
C LEU F 48 -33.71 23.36 -36.97
N ALA F 49 -34.53 24.34 -37.37
CA ALA F 49 -34.03 25.55 -37.99
C ALA F 49 -33.32 26.45 -36.97
N THR F 50 -33.60 26.22 -35.69
CA THR F 50 -33.00 27.01 -34.62
C THR F 50 -31.63 26.46 -34.22
N LEU F 51 -31.18 25.43 -34.92
CA LEU F 51 -29.91 24.78 -34.60
C LEU F 51 -28.89 24.96 -35.71
N MET F 52 -29.32 25.54 -36.82
CA MET F 52 -28.45 25.77 -37.98
C MET F 52 -27.25 26.71 -37.75
N PRO F 53 -27.43 27.81 -37.00
CA PRO F 53 -26.27 28.65 -36.72
C PRO F 53 -25.11 27.89 -36.07
N TYR F 54 -25.43 26.84 -35.32
CA TYR F 54 -24.41 25.97 -34.75
C TYR F 54 -23.96 24.95 -35.79
N THR F 55 -22.94 25.31 -36.56
CA THR F 55 -22.45 24.46 -37.64
C THR F 55 -21.54 23.35 -37.15
N ARG F 56 -21.33 23.29 -35.84
CA ARG F 56 -20.46 22.26 -35.26
C ARG F 56 -21.27 21.15 -34.61
N LEU F 57 -22.59 21.35 -34.53
CA LEU F 57 -23.48 20.42 -33.86
C LEU F 57 -23.50 19.04 -34.55
N THR F 58 -23.07 18.02 -33.83
CA THR F 58 -23.02 16.66 -34.36
C THR F 58 -23.89 15.71 -33.55
N GLN F 59 -24.39 16.17 -32.41
CA GLN F 59 -25.23 15.34 -31.55
C GLN F 59 -26.34 16.17 -30.90
N LEU F 60 -27.56 15.64 -30.92
CA LEU F 60 -28.71 16.32 -30.35
C LEU F 60 -29.57 15.38 -29.52
N ASN F 61 -29.97 15.83 -28.33
CA ASN F 61 -30.83 15.04 -27.46
C ASN F 61 -32.10 15.79 -27.09
N LEU F 62 -33.24 15.29 -27.57
CA LEU F 62 -34.52 15.92 -27.31
C LEU F 62 -35.49 14.93 -26.66
N ASP F 63 -34.94 13.94 -25.97
CA ASP F 63 -35.74 12.89 -25.36
C ASP F 63 -36.49 13.39 -24.11
N ARG F 64 -37.65 12.78 -23.86
CA ARG F 64 -38.42 13.05 -22.65
C ARG F 64 -38.80 14.52 -22.49
N CYS F 65 -39.18 15.16 -23.60
CA CYS F 65 -39.56 16.56 -23.58
C CYS F 65 -41.02 16.78 -23.95
N GLU F 66 -41.79 15.70 -23.96
CA GLU F 66 -43.20 15.74 -24.35
C GLU F 66 -43.38 16.32 -25.74
N LEU F 67 -42.42 16.04 -26.62
CA LEU F 67 -42.43 16.58 -27.98
C LEU F 67 -43.57 15.99 -28.82
N THR F 68 -44.36 16.87 -29.41
CA THR F 68 -45.50 16.43 -30.23
C THR F 68 -45.13 16.37 -31.71
N LYS F 69 -44.31 17.32 -32.15
CA LYS F 69 -43.90 17.38 -33.55
C LYS F 69 -42.53 18.03 -33.72
N LEU F 70 -41.67 17.38 -34.48
CA LEU F 70 -40.36 17.93 -34.80
C LEU F 70 -40.38 18.63 -36.16
N GLN F 71 -40.45 19.95 -36.12
CA GLN F 71 -40.48 20.75 -37.34
C GLN F 71 -39.13 20.75 -38.04
N VAL F 72 -39.10 20.28 -39.28
CA VAL F 72 -37.85 20.16 -40.03
C VAL F 72 -37.68 21.26 -41.07
N ASP F 73 -36.65 22.08 -40.87
CA ASP F 73 -36.34 23.17 -41.79
C ASP F 73 -34.84 23.36 -41.90
N GLY F 74 -34.38 23.84 -43.06
CA GLY F 74 -32.98 24.11 -43.28
C GLY F 74 -32.13 22.85 -43.36
N THR F 75 -30.86 22.97 -43.00
CA THR F 75 -29.93 21.84 -43.09
C THR F 75 -28.92 21.82 -41.95
N LEU F 76 -28.59 20.60 -41.50
CA LEU F 76 -27.55 20.40 -40.50
C LEU F 76 -26.52 19.41 -41.04
N PRO F 77 -25.51 19.92 -41.75
CA PRO F 77 -24.52 19.14 -42.51
C PRO F 77 -23.76 18.09 -41.70
N VAL F 78 -23.49 18.35 -40.43
CA VAL F 78 -22.63 17.46 -39.66
C VAL F 78 -23.31 16.77 -38.48
N LEU F 79 -24.62 16.98 -38.33
CA LEU F 79 -25.36 16.33 -37.26
C LEU F 79 -25.43 14.82 -37.51
N GLY F 80 -24.95 14.03 -36.55
CA GLY F 80 -24.87 12.60 -36.71
C GLY F 80 -25.75 11.79 -35.77
N THR F 81 -25.99 12.32 -34.58
CA THR F 81 -26.78 11.60 -33.58
C THR F 81 -28.01 12.38 -33.15
N LEU F 82 -29.18 11.77 -33.32
CA LEU F 82 -30.44 12.37 -32.89
C LEU F 82 -31.21 11.42 -31.98
N ASP F 83 -31.64 11.93 -30.83
CA ASP F 83 -32.40 11.11 -29.88
C ASP F 83 -33.77 11.72 -29.63
N LEU F 84 -34.82 10.97 -29.99
CA LEU F 84 -36.20 11.42 -29.82
C LEU F 84 -37.00 10.39 -29.02
N SER F 85 -36.32 9.70 -28.11
CA SER F 85 -36.96 8.65 -27.32
C SER F 85 -37.91 9.22 -26.27
N HIS F 86 -38.92 8.42 -25.91
CA HIS F 86 -39.89 8.77 -24.88
C HIS F 86 -40.57 10.12 -25.13
N ASN F 87 -41.13 10.29 -26.32
CA ASN F 87 -41.86 11.50 -26.65
C ASN F 87 -43.26 11.21 -27.19
N GLN F 88 -44.00 12.27 -27.52
CA GLN F 88 -45.38 12.12 -27.96
C GLN F 88 -45.50 12.19 -29.49
N LEU F 89 -44.42 11.83 -30.19
CA LEU F 89 -44.42 11.84 -31.65
C LEU F 89 -45.35 10.76 -32.20
N GLN F 90 -46.43 11.18 -32.84
CA GLN F 90 -47.40 10.25 -33.41
C GLN F 90 -47.11 9.99 -34.90
N SER F 91 -46.21 10.78 -35.46
CA SER F 91 -45.84 10.65 -36.86
C SER F 91 -44.34 10.90 -37.05
N LEU F 92 -43.73 10.13 -37.95
CA LEU F 92 -42.30 10.27 -38.21
C LEU F 92 -42.01 11.34 -39.25
N PRO F 93 -41.26 12.38 -38.85
CA PRO F 93 -40.86 13.45 -39.77
C PRO F 93 -39.76 12.98 -40.72
N LEU F 94 -39.76 13.51 -41.94
CA LEU F 94 -38.75 13.14 -42.94
C LEU F 94 -37.47 13.93 -42.68
N LEU F 95 -36.42 13.22 -42.27
CA LEU F 95 -35.18 13.86 -41.84
C LEU F 95 -34.07 13.78 -42.88
N GLY F 96 -34.42 13.41 -44.11
CA GLY F 96 -33.45 13.23 -45.16
C GLY F 96 -32.86 14.51 -45.70
N GLN F 97 -33.72 15.49 -45.96
CA GLN F 97 -33.30 16.75 -46.56
C GLN F 97 -32.71 17.72 -45.53
N THR F 98 -32.74 17.33 -44.27
CA THR F 98 -32.25 18.17 -43.19
C THR F 98 -30.97 17.61 -42.57
N LEU F 99 -30.93 16.29 -42.40
CA LEU F 99 -29.79 15.63 -41.79
C LEU F 99 -29.13 14.66 -42.76
N PRO F 100 -28.16 15.15 -43.54
CA PRO F 100 -27.47 14.35 -44.56
C PRO F 100 -26.41 13.41 -44.00
N ALA F 101 -25.90 13.72 -42.81
CA ALA F 101 -24.83 12.91 -42.21
C ALA F 101 -25.28 12.19 -40.94
N LEU F 102 -26.58 11.96 -40.83
CA LEU F 102 -27.16 11.28 -39.68
C LEU F 102 -26.76 9.79 -39.70
N THR F 103 -26.12 9.34 -38.63
CA THR F 103 -25.67 7.95 -38.54
C THR F 103 -26.54 7.14 -37.59
N VAL F 104 -27.00 7.76 -36.52
CA VAL F 104 -27.85 7.08 -35.54
C VAL F 104 -29.15 7.85 -35.29
N LEU F 105 -30.28 7.14 -35.44
CA LEU F 105 -31.58 7.73 -35.19
C LEU F 105 -32.36 6.94 -34.14
N ASP F 106 -32.79 7.63 -33.09
CA ASP F 106 -33.50 6.97 -31.99
C ASP F 106 -34.86 7.62 -31.77
N VAL F 107 -35.91 6.96 -32.25
CA VAL F 107 -37.28 7.40 -32.03
C VAL F 107 -38.03 6.28 -31.32
N SER F 108 -37.63 5.99 -30.09
CA SER F 108 -38.20 4.88 -29.34
C SER F 108 -39.24 5.35 -28.32
N PHE F 109 -40.13 4.43 -27.93
CA PHE F 109 -41.15 4.70 -26.92
C PHE F 109 -42.01 5.92 -27.22
N ASN F 110 -42.37 6.09 -28.50
CA ASN F 110 -43.28 7.15 -28.89
C ASN F 110 -44.68 6.60 -29.15
N ARG F 111 -45.42 7.24 -30.05
CA ARG F 111 -46.77 6.80 -30.36
C ARG F 111 -46.97 6.70 -31.87
N LEU F 112 -45.98 6.17 -32.56
CA LEU F 112 -46.04 5.99 -34.01
C LEU F 112 -46.94 4.83 -34.38
N THR F 113 -48.02 5.14 -35.11
CA THR F 113 -48.98 4.12 -35.52
C THR F 113 -48.66 3.56 -36.90
N SER F 114 -47.89 4.32 -37.68
CA SER F 114 -47.54 3.91 -39.03
C SER F 114 -46.33 4.69 -39.56
N LEU F 115 -45.68 4.12 -40.58
CA LEU F 115 -44.57 4.78 -41.24
C LEU F 115 -44.91 5.08 -42.69
N PRO F 116 -44.65 6.32 -43.14
CA PRO F 116 -45.00 6.76 -44.50
C PRO F 116 -44.06 6.16 -45.55
N LEU F 117 -44.47 6.24 -46.81
CA LEU F 117 -43.66 5.72 -47.91
C LEU F 117 -42.40 6.54 -48.10
N GLY F 118 -41.25 5.87 -48.05
CA GLY F 118 -39.97 6.54 -48.17
C GLY F 118 -39.72 7.45 -46.99
N ALA F 119 -39.85 6.91 -45.79
CA ALA F 119 -39.66 7.68 -44.57
C ALA F 119 -38.18 7.93 -44.27
N LEU F 120 -37.32 7.25 -45.01
CA LEU F 120 -35.88 7.36 -44.81
C LEU F 120 -35.17 7.89 -46.05
N ARG F 121 -35.94 8.51 -46.94
CA ARG F 121 -35.38 9.09 -48.15
C ARG F 121 -34.40 10.21 -47.82
N GLY F 122 -33.13 9.99 -48.13
CA GLY F 122 -32.11 10.99 -47.87
C GLY F 122 -31.23 10.65 -46.68
N LEU F 123 -31.44 9.47 -46.12
CA LEU F 123 -30.65 9.02 -44.98
C LEU F 123 -29.74 7.85 -45.37
N GLY F 124 -28.81 8.11 -46.29
CA GLY F 124 -27.92 7.07 -46.77
C GLY F 124 -26.76 6.79 -45.84
N GLU F 125 -26.59 7.63 -44.84
CA GLU F 125 -25.49 7.47 -43.88
C GLU F 125 -25.96 6.83 -42.59
N LEU F 126 -27.24 6.48 -42.53
CA LEU F 126 -27.82 5.88 -41.34
C LEU F 126 -27.20 4.51 -41.04
N GLN F 127 -26.89 4.27 -39.78
CA GLN F 127 -26.25 3.03 -39.37
C GLN F 127 -26.99 2.37 -38.21
N GLU F 128 -27.69 3.16 -37.42
CA GLU F 128 -28.48 2.64 -36.30
C GLU F 128 -29.89 3.21 -36.30
N LEU F 129 -30.87 2.35 -36.10
CA LEU F 129 -32.28 2.76 -36.05
C LEU F 129 -33.00 2.07 -34.91
N TYR F 130 -33.64 2.86 -34.05
CA TYR F 130 -34.33 2.33 -32.88
C TYR F 130 -35.77 2.82 -32.80
N LEU F 131 -36.71 1.95 -33.16
CA LEU F 131 -38.13 2.27 -33.10
C LEU F 131 -38.84 1.34 -32.13
N LYS F 132 -38.27 1.17 -30.94
CA LYS F 132 -38.80 0.26 -29.95
C LYS F 132 -39.79 0.94 -29.00
N GLY F 133 -40.97 0.33 -28.84
CA GLY F 133 -41.96 0.84 -27.92
C GLY F 133 -43.05 1.65 -28.58
N ASN F 134 -43.25 1.45 -29.88
CA ASN F 134 -44.29 2.18 -30.60
C ASN F 134 -45.52 1.31 -30.88
N GLU F 135 -46.29 1.70 -31.89
CA GLU F 135 -47.52 1.00 -32.23
C GLU F 135 -47.59 0.66 -33.71
N LEU F 136 -46.43 0.41 -34.31
CA LEU F 136 -46.35 0.08 -35.73
C LEU F 136 -46.95 -1.30 -36.00
N LYS F 137 -47.96 -1.36 -36.86
CA LYS F 137 -48.59 -2.62 -37.23
C LYS F 137 -47.98 -3.19 -38.50
N THR F 138 -47.72 -2.31 -39.47
CA THR F 138 -47.12 -2.73 -40.73
C THR F 138 -45.95 -1.82 -41.11
N LEU F 139 -45.29 -2.16 -42.22
CA LEU F 139 -44.15 -1.40 -42.71
C LEU F 139 -44.30 -1.12 -44.20
N PRO F 140 -43.82 0.05 -44.65
CA PRO F 140 -43.85 0.39 -46.07
C PRO F 140 -42.79 -0.37 -46.86
N PRO F 141 -43.13 -0.77 -48.10
CA PRO F 141 -42.21 -1.50 -48.98
C PRO F 141 -40.95 -0.70 -49.28
N GLY F 142 -39.79 -1.34 -49.18
CA GLY F 142 -38.52 -0.68 -49.43
C GLY F 142 -38.20 0.39 -48.41
N LEU F 143 -38.53 0.12 -47.16
CA LEU F 143 -38.30 1.07 -46.07
C LEU F 143 -36.82 1.29 -45.80
N LEU F 144 -36.06 0.20 -45.76
CA LEU F 144 -34.64 0.26 -45.45
C LEU F 144 -33.78 0.35 -46.70
N THR F 145 -34.43 0.54 -47.85
CA THR F 145 -33.73 0.69 -49.12
C THR F 145 -32.79 1.90 -49.18
N PRO F 146 -33.25 3.09 -48.75
CA PRO F 146 -32.30 4.22 -48.78
C PRO F 146 -31.31 4.20 -47.63
N THR F 147 -31.31 3.14 -46.83
CA THR F 147 -30.39 3.02 -45.70
C THR F 147 -29.57 1.73 -45.79
N PRO F 148 -28.61 1.68 -46.73
CA PRO F 148 -27.83 0.46 -46.96
C PRO F 148 -26.78 0.20 -45.88
N LYS F 149 -26.33 1.26 -45.20
CA LYS F 149 -25.30 1.14 -44.19
C LYS F 149 -25.86 0.87 -42.80
N LEU F 150 -27.11 0.43 -42.73
CA LEU F 150 -27.77 0.15 -41.46
C LEU F 150 -27.14 -1.06 -40.77
N GLU F 151 -26.88 -0.92 -39.47
CA GLU F 151 -26.24 -1.98 -38.70
C GLU F 151 -27.17 -2.52 -37.60
N LYS F 152 -27.86 -1.61 -36.92
CA LYS F 152 -28.79 -1.99 -35.86
C LYS F 152 -30.22 -1.62 -36.22
N LEU F 153 -31.12 -2.60 -36.12
CA LEU F 153 -32.53 -2.38 -36.42
C LEU F 153 -33.40 -2.80 -35.24
N SER F 154 -34.17 -1.88 -34.70
CA SER F 154 -35.03 -2.17 -33.55
C SER F 154 -36.51 -1.91 -33.84
N LEU F 155 -37.28 -2.99 -33.90
CA LEU F 155 -38.73 -2.90 -34.08
C LEU F 155 -39.43 -3.64 -32.95
N ALA F 156 -38.80 -3.68 -31.80
CA ALA F 156 -39.30 -4.43 -30.64
C ALA F 156 -40.49 -3.73 -29.98
N ASN F 157 -41.30 -4.52 -29.29
CA ASN F 157 -42.43 -4.02 -28.52
C ASN F 157 -43.41 -3.16 -29.32
N ASN F 158 -43.65 -3.55 -30.57
CA ASN F 158 -44.63 -2.88 -31.41
C ASN F 158 -45.87 -3.73 -31.60
N ARG F 159 -46.59 -3.48 -32.69
CA ARG F 159 -47.79 -4.23 -33.00
C ARG F 159 -47.67 -4.86 -34.39
N LEU F 160 -46.44 -5.11 -34.81
CA LEU F 160 -46.15 -5.66 -36.13
C LEU F 160 -46.77 -7.05 -36.31
N THR F 161 -47.49 -7.22 -37.43
CA THR F 161 -48.12 -8.50 -37.75
C THR F 161 -47.58 -9.06 -39.05
N GLU F 162 -46.87 -8.22 -39.81
CA GLU F 162 -46.30 -8.64 -41.09
C GLU F 162 -44.96 -7.95 -41.34
N LEU F 163 -44.09 -8.61 -42.09
CA LEU F 163 -42.80 -8.04 -42.48
C LEU F 163 -42.64 -8.08 -43.99
N PRO F 164 -41.95 -7.07 -44.55
CA PRO F 164 -41.59 -7.08 -45.97
C PRO F 164 -40.66 -8.25 -46.29
N ALA F 165 -40.87 -8.89 -47.43
CA ALA F 165 -40.11 -10.10 -47.77
C ALA F 165 -38.69 -9.78 -48.21
N GLY F 166 -38.45 -8.53 -48.60
CA GLY F 166 -37.13 -8.10 -49.00
C GLY F 166 -36.66 -6.91 -48.19
N LEU F 167 -37.00 -6.91 -46.90
CA LEU F 167 -36.66 -5.82 -46.00
C LEU F 167 -35.17 -5.79 -45.68
N LEU F 168 -34.61 -6.97 -45.41
CA LEU F 168 -33.20 -7.07 -45.04
C LEU F 168 -32.29 -7.21 -46.25
N ASN F 169 -32.89 -7.14 -47.44
CA ASN F 169 -32.13 -7.27 -48.68
C ASN F 169 -31.19 -6.10 -48.92
N GLY F 170 -29.95 -6.40 -49.27
CA GLY F 170 -28.95 -5.37 -49.54
C GLY F 170 -28.15 -5.01 -48.30
N LEU F 171 -28.77 -5.17 -47.13
CA LEU F 171 -28.10 -4.86 -45.88
C LEU F 171 -26.98 -5.86 -45.60
N GLU F 172 -25.75 -5.40 -45.72
CA GLU F 172 -24.59 -6.26 -45.51
C GLU F 172 -23.87 -5.93 -44.20
N ASN F 173 -24.30 -4.87 -43.54
CA ASN F 173 -23.71 -4.47 -42.26
C ASN F 173 -24.64 -4.69 -41.08
N LEU F 174 -25.83 -5.22 -41.35
CA LEU F 174 -26.80 -5.49 -40.30
C LEU F 174 -26.31 -6.59 -39.37
N ASP F 175 -26.15 -6.26 -38.09
CA ASP F 175 -25.64 -7.21 -37.12
C ASP F 175 -26.64 -7.46 -35.98
N THR F 176 -27.54 -6.51 -35.75
CA THR F 176 -28.52 -6.64 -34.68
C THR F 176 -29.94 -6.42 -35.20
N LEU F 177 -30.82 -7.38 -34.90
CA LEU F 177 -32.21 -7.31 -35.32
C LEU F 177 -33.16 -7.65 -34.18
N LEU F 178 -33.83 -6.63 -33.66
CA LEU F 178 -34.78 -6.81 -32.57
C LEU F 178 -36.21 -6.81 -33.10
N LEU F 179 -36.90 -7.93 -32.92
CA LEU F 179 -38.28 -8.06 -33.38
C LEU F 179 -39.17 -8.72 -32.34
N GLN F 180 -38.74 -8.68 -31.09
CA GLN F 180 -39.47 -9.37 -30.03
C GLN F 180 -40.67 -8.59 -29.51
N GLU F 181 -41.57 -9.30 -28.84
CA GLU F 181 -42.78 -8.72 -28.25
C GLU F 181 -43.69 -8.05 -29.28
N ASN F 182 -43.86 -8.70 -30.43
CA ASN F 182 -44.77 -8.21 -31.45
C ASN F 182 -45.89 -9.21 -31.71
N SER F 183 -46.47 -9.16 -32.90
CA SER F 183 -47.52 -10.10 -33.27
C SER F 183 -47.19 -10.82 -34.57
N LEU F 184 -45.92 -11.20 -34.73
CA LEU F 184 -45.47 -11.92 -35.92
C LEU F 184 -45.79 -13.41 -35.82
N TYR F 185 -46.49 -13.93 -36.82
CA TYR F 185 -46.87 -15.34 -36.83
C TYR F 185 -46.10 -16.15 -37.88
N THR F 186 -45.70 -15.50 -38.96
CA THR F 186 -44.93 -16.17 -40.01
C THR F 186 -43.81 -15.29 -40.56
N ILE F 187 -42.82 -15.93 -41.17
CA ILE F 187 -41.71 -15.23 -41.80
C ILE F 187 -41.68 -15.52 -43.30
N PRO F 188 -41.67 -14.47 -44.13
CA PRO F 188 -41.65 -14.62 -45.59
C PRO F 188 -40.41 -15.39 -46.05
N LYS F 189 -40.54 -16.13 -47.15
CA LYS F 189 -39.43 -16.89 -47.69
C LYS F 189 -38.35 -15.99 -48.25
N GLY F 190 -37.09 -16.28 -47.90
CA GLY F 190 -35.97 -15.49 -48.33
C GLY F 190 -35.89 -14.15 -47.61
N PHE F 191 -36.17 -14.17 -46.32
CA PHE F 191 -36.19 -12.97 -45.50
C PHE F 191 -34.78 -12.61 -45.00
N PHE F 192 -34.09 -13.59 -44.43
CA PHE F 192 -32.75 -13.38 -43.92
C PHE F 192 -31.72 -13.45 -45.05
N GLY F 193 -32.01 -14.26 -46.07
CA GLY F 193 -31.10 -14.42 -47.17
C GLY F 193 -29.87 -15.24 -46.80
N SER F 194 -28.73 -14.87 -47.36
CA SER F 194 -27.48 -15.57 -47.07
C SER F 194 -26.53 -14.68 -46.25
N HIS F 195 -27.11 -13.70 -45.57
CA HIS F 195 -26.33 -12.78 -44.75
C HIS F 195 -26.22 -13.28 -43.31
N LEU F 196 -25.01 -13.24 -42.77
CA LEU F 196 -24.78 -13.65 -41.39
C LEU F 196 -25.27 -12.57 -40.43
N LEU F 197 -26.15 -12.95 -39.52
CA LEU F 197 -26.71 -12.02 -38.55
C LEU F 197 -26.42 -12.47 -37.13
N PRO F 198 -25.29 -12.00 -36.56
CA PRO F 198 -24.78 -12.39 -35.24
C PRO F 198 -25.81 -12.30 -34.11
N PHE F 199 -26.77 -11.37 -34.22
CA PHE F 199 -27.78 -11.18 -33.19
C PHE F 199 -29.17 -11.04 -33.79
N ALA F 200 -30.14 -11.74 -33.21
CA ALA F 200 -31.53 -11.66 -33.67
C ALA F 200 -32.52 -12.05 -32.58
N PHE F 201 -33.29 -11.07 -32.11
CA PHE F 201 -34.32 -11.32 -31.10
C PHE F 201 -35.67 -11.56 -31.77
N LEU F 202 -36.18 -12.78 -31.63
CA LEU F 202 -37.39 -13.18 -32.34
C LEU F 202 -38.44 -13.83 -31.43
N HIS F 203 -38.25 -13.70 -30.12
CA HIS F 203 -39.17 -14.28 -29.15
C HIS F 203 -40.39 -13.39 -28.92
N GLY F 204 -41.28 -13.83 -28.04
CA GLY F 204 -42.45 -13.04 -27.67
C GLY F 204 -43.44 -12.83 -28.79
N ASN F 205 -43.37 -13.68 -29.82
CA ASN F 205 -44.27 -13.57 -30.97
C ASN F 205 -45.17 -14.78 -31.11
N PRO F 206 -46.45 -14.54 -31.42
CA PRO F 206 -47.44 -15.60 -31.63
C PRO F 206 -47.24 -16.31 -32.95
N TRP F 207 -46.14 -17.06 -33.07
CA TRP F 207 -45.81 -17.75 -34.32
C TRP F 207 -46.81 -18.85 -34.66
N LEU F 208 -47.33 -18.82 -35.87
CA LEU F 208 -48.16 -19.90 -36.38
C LEU F 208 -47.26 -20.91 -37.09
N CYS F 209 -47.35 -22.17 -36.67
CA CYS F 209 -46.42 -23.19 -37.13
C CYS F 209 -47.02 -24.14 -38.17
N ASN F 210 -46.92 -23.75 -39.44
CA ASN F 210 -47.36 -24.58 -40.56
C ASN F 210 -46.15 -25.08 -41.34
N CYS F 211 -46.33 -25.29 -42.65
CA CYS F 211 -45.23 -25.69 -43.51
C CYS F 211 -44.69 -24.51 -44.31
N GLU F 212 -45.15 -23.31 -43.96
CA GLU F 212 -44.67 -22.09 -44.60
C GLU F 212 -43.47 -21.55 -43.84
N ILE F 213 -43.31 -21.99 -42.60
CA ILE F 213 -42.21 -21.55 -41.76
C ILE F 213 -41.01 -22.49 -41.88
N LEU F 214 -41.09 -23.41 -42.86
CA LEU F 214 -40.02 -24.36 -43.09
C LEU F 214 -38.70 -23.67 -43.43
N TYR F 215 -38.80 -22.49 -44.04
CA TYR F 215 -37.62 -21.67 -44.30
C TYR F 215 -37.15 -21.04 -43.00
N PHE F 216 -38.11 -20.54 -42.21
CA PHE F 216 -37.79 -19.93 -40.93
C PHE F 216 -37.26 -20.97 -39.94
N ARG F 217 -37.78 -22.19 -40.04
CA ARG F 217 -37.35 -23.29 -39.20
C ARG F 217 -35.87 -23.61 -39.43
N ARG F 218 -35.49 -23.73 -40.70
CA ARG F 218 -34.14 -24.11 -41.07
C ARG F 218 -33.11 -23.05 -40.69
N TRP F 219 -33.48 -21.78 -40.84
CA TRP F 219 -32.58 -20.68 -40.49
C TRP F 219 -32.27 -20.69 -39.01
N LEU F 220 -33.22 -21.12 -38.20
CA LEU F 220 -33.03 -21.25 -36.77
C LEU F 220 -32.18 -22.47 -36.44
N GLN F 221 -32.16 -23.42 -37.36
CA GLN F 221 -31.36 -24.62 -37.21
C GLN F 221 -29.92 -24.39 -37.69
N ASP F 222 -29.75 -23.40 -38.57
CA ASP F 222 -28.44 -23.08 -39.11
C ASP F 222 -27.77 -21.96 -38.33
N ASN F 223 -28.57 -21.07 -37.76
CA ASN F 223 -28.06 -19.94 -37.00
C ASN F 223 -28.48 -19.99 -35.53
N ALA F 224 -28.30 -21.14 -34.90
CA ALA F 224 -28.72 -21.34 -33.52
C ALA F 224 -27.88 -20.50 -32.55
N GLU F 225 -26.64 -20.24 -32.95
CA GLU F 225 -25.72 -19.47 -32.12
C GLU F 225 -25.99 -17.97 -32.29
N ASN F 226 -26.85 -17.64 -33.25
CA ASN F 226 -27.12 -16.26 -33.60
C ASN F 226 -28.46 -15.73 -33.08
N VAL F 227 -29.17 -16.55 -32.31
CA VAL F 227 -30.45 -16.16 -31.74
C VAL F 227 -30.32 -15.86 -30.26
N TYR F 228 -30.89 -14.73 -29.82
CA TYR F 228 -30.75 -14.29 -28.44
C TYR F 228 -32.07 -13.87 -27.79
N VAL F 229 -32.07 -13.78 -26.47
CA VAL F 229 -33.27 -13.40 -25.72
C VAL F 229 -33.01 -12.14 -24.90
N TRP F 230 -33.92 -11.18 -24.98
CA TRP F 230 -33.76 -9.90 -24.30
C TRP F 230 -34.75 -9.72 -23.15
N LYS F 231 -34.24 -9.76 -21.92
CA LYS F 231 -35.07 -9.57 -20.73
C LYS F 231 -34.56 -8.43 -19.86
N GLN F 232 -35.47 -7.59 -19.38
CA GLN F 232 -35.11 -6.46 -18.53
C GLN F 232 -35.89 -6.41 -17.23
N VAL F 233 -35.18 -6.32 -16.12
CA VAL F 233 -35.79 -6.14 -14.81
C VAL F 233 -35.27 -4.86 -14.15
N VAL F 234 -36.17 -3.92 -13.89
CA VAL F 234 -35.83 -2.63 -13.30
C VAL F 234 -34.75 -1.88 -14.10
N ASP F 235 -33.49 -2.13 -13.76
CA ASP F 235 -32.37 -1.48 -14.44
C ASP F 235 -31.52 -2.48 -15.21
N VAL F 236 -31.63 -3.75 -14.84
CA VAL F 236 -30.79 -4.80 -15.41
C VAL F 236 -31.40 -5.42 -16.66
N LYS F 237 -30.75 -5.19 -17.79
CA LYS F 237 -31.15 -5.81 -19.05
C LYS F 237 -30.22 -6.97 -19.38
N ALA F 238 -30.79 -8.09 -19.83
CA ALA F 238 -30.00 -9.29 -20.08
C ALA F 238 -30.13 -9.78 -21.53
N VAL F 239 -29.02 -10.26 -22.08
CA VAL F 239 -29.01 -10.83 -23.42
C VAL F 239 -28.40 -12.23 -23.40
N THR F 240 -29.23 -13.24 -23.59
CA THR F 240 -28.79 -14.62 -23.53
C THR F 240 -29.25 -15.40 -24.76
N SER F 241 -28.36 -16.24 -25.30
CA SER F 241 -28.67 -17.06 -26.46
C SER F 241 -29.61 -18.21 -26.11
N ASN F 242 -30.74 -18.27 -26.79
CA ASN F 242 -31.72 -19.32 -26.57
C ASN F 242 -32.66 -19.46 -27.78
N VAL F 243 -32.32 -20.38 -28.68
CA VAL F 243 -33.08 -20.57 -29.91
C VAL F 243 -34.49 -21.11 -29.62
N ALA F 244 -34.65 -21.73 -28.46
CA ALA F 244 -35.94 -22.31 -28.07
C ALA F 244 -36.95 -21.26 -27.64
N SER F 245 -36.52 -20.00 -27.62
CA SER F 245 -37.40 -18.90 -27.25
C SER F 245 -38.47 -18.67 -28.31
N VAL F 246 -38.10 -18.90 -29.57
CA VAL F 246 -39.04 -18.79 -30.67
C VAL F 246 -40.01 -19.96 -30.64
N GLN F 247 -41.18 -19.73 -30.06
CA GLN F 247 -42.15 -20.81 -29.83
C GLN F 247 -43.41 -20.65 -30.69
N CYS F 248 -44.10 -21.75 -30.92
CA CYS F 248 -45.38 -21.71 -31.61
C CYS F 248 -46.44 -21.11 -30.69
N ASP F 249 -47.52 -20.61 -31.27
CA ASP F 249 -48.58 -19.99 -30.47
C ASP F 249 -49.75 -20.93 -30.25
N ASN F 250 -49.68 -22.11 -30.85
CA ASN F 250 -50.71 -23.13 -30.63
C ASN F 250 -50.80 -23.48 -29.15
N SER F 251 -49.80 -24.22 -28.67
CA SER F 251 -49.67 -24.55 -27.26
C SER F 251 -48.33 -25.25 -27.02
N ASP F 252 -48.18 -25.84 -25.84
CA ASP F 252 -47.04 -26.70 -25.51
C ASP F 252 -45.68 -25.99 -25.47
N LYS F 253 -45.65 -24.71 -25.83
CA LYS F 253 -44.39 -23.95 -25.91
C LYS F 253 -43.34 -24.67 -26.75
N PHE F 254 -43.75 -25.12 -27.94
CA PHE F 254 -42.88 -25.92 -28.79
C PHE F 254 -41.91 -25.04 -29.58
N PRO F 255 -40.61 -25.37 -29.52
CA PRO F 255 -39.58 -24.64 -30.28
C PRO F 255 -39.76 -24.83 -31.78
N VAL F 256 -39.79 -23.72 -32.51
CA VAL F 256 -40.06 -23.73 -33.95
C VAL F 256 -39.05 -24.58 -34.73
N TYR F 257 -37.77 -24.49 -34.34
CA TYR F 257 -36.72 -25.19 -35.07
C TYR F 257 -36.73 -26.69 -34.83
N LYS F 258 -37.64 -27.14 -33.97
CA LYS F 258 -37.82 -28.56 -33.71
C LYS F 258 -39.17 -29.06 -34.22
N TYR F 259 -39.93 -28.16 -34.84
CA TYR F 259 -41.24 -28.50 -35.38
C TYR F 259 -41.10 -29.26 -36.71
N PRO F 260 -41.56 -30.51 -36.74
CA PRO F 260 -41.49 -31.34 -37.94
C PRO F 260 -42.56 -30.98 -38.97
N GLY F 261 -42.19 -30.96 -40.24
CA GLY F 261 -43.13 -30.68 -41.31
C GLY F 261 -43.64 -31.95 -41.96
N LYS F 262 -44.62 -32.58 -41.29
CA LYS F 262 -45.17 -33.85 -41.79
C LYS F 262 -46.29 -33.64 -42.79
N GLY F 263 -46.16 -34.27 -43.95
CA GLY F 263 -47.20 -34.25 -44.96
C GLY F 263 -47.31 -32.97 -45.75
N CYS F 264 -46.16 -32.44 -46.18
CA CYS F 264 -46.15 -31.23 -47.00
C CYS F 264 -44.87 -31.13 -47.84
N PRO F 265 -45.02 -30.75 -49.11
CA PRO F 265 -43.89 -30.58 -50.03
C PRO F 265 -43.26 -29.19 -49.89
N ASP G 7 -37.59 9.53 55.39
CA ASP G 7 -36.98 8.23 55.08
C ASP G 7 -35.47 8.30 55.26
N PHE G 8 -34.78 7.24 54.82
CA PHE G 8 -33.33 7.14 55.02
C PHE G 8 -32.55 7.17 53.70
N CYS G 9 -33.21 6.81 52.61
CA CYS G 9 -32.60 6.82 51.28
C CYS G 9 -31.39 5.89 51.18
N ARG G 10 -31.64 4.59 51.24
CA ARG G 10 -30.56 3.60 51.14
C ARG G 10 -30.83 2.57 50.05
N SER G 11 -31.94 1.83 50.19
CA SER G 11 -32.26 0.76 49.25
C SER G 11 -33.02 1.27 48.03
N ARG G 12 -32.71 2.49 47.62
CA ARG G 12 -33.40 3.11 46.49
C ARG G 12 -32.66 2.86 45.17
N LEU G 13 -33.42 2.78 44.08
CA LEU G 13 -32.84 2.63 42.75
C LEU G 13 -33.05 3.91 41.95
N LEU G 14 -31.98 4.66 41.72
CA LEU G 14 -32.09 5.98 41.12
C LEU G 14 -30.88 6.34 40.25
N ASP G 15 -31.15 7.04 39.15
CA ASP G 15 -30.09 7.58 38.31
C ASP G 15 -30.18 9.11 38.32
N LEU G 16 -29.47 9.73 39.26
CA LEU G 16 -29.55 11.17 39.45
C LEU G 16 -28.57 11.93 38.58
N VAL G 17 -29.03 13.04 37.99
CA VAL G 17 -28.18 13.87 37.15
C VAL G 17 -28.11 15.29 37.69
N PHE G 18 -26.90 15.74 38.00
CA PHE G 18 -26.68 17.09 38.52
C PHE G 18 -26.41 18.07 37.39
N LEU G 19 -27.28 19.06 37.24
CA LEU G 19 -27.11 20.09 36.23
C LEU G 19 -26.75 21.43 36.87
N LEU G 20 -25.46 21.73 36.92
CA LEU G 20 -24.98 22.93 37.59
C LEU G 20 -24.88 24.14 36.64
N ASP G 21 -25.46 25.25 37.06
CA ASP G 21 -25.41 26.49 36.29
C ASP G 21 -23.99 27.04 36.26
N GLY G 22 -23.48 27.30 35.06
CA GLY G 22 -22.11 27.80 34.91
C GLY G 22 -22.04 29.19 34.30
N SER G 23 -22.85 30.10 34.81
CA SER G 23 -22.85 31.48 34.33
C SER G 23 -22.13 32.39 35.31
N SER G 24 -22.07 33.68 34.98
CA SER G 24 -21.42 34.66 35.84
C SER G 24 -22.38 35.21 36.90
N ARG G 25 -23.62 34.75 36.86
CA ARG G 25 -24.61 35.14 37.85
C ARG G 25 -24.20 34.67 39.23
N LEU G 26 -23.48 33.55 39.27
CA LEU G 26 -22.89 33.05 40.50
C LEU G 26 -21.38 33.24 40.44
N SER G 27 -20.84 33.91 41.46
CA SER G 27 -19.40 34.16 41.53
C SER G 27 -18.63 32.87 41.78
N GLU G 28 -17.31 32.94 41.68
CA GLU G 28 -16.44 31.79 41.89
C GLU G 28 -16.57 31.27 43.33
N ALA G 29 -16.86 32.18 44.25
CA ALA G 29 -17.08 31.81 45.65
C ALA G 29 -18.45 31.17 45.83
N GLU G 30 -19.46 31.73 45.14
CA GLU G 30 -20.81 31.21 45.23
C GLU G 30 -20.93 29.86 44.52
N PHE G 31 -20.23 29.71 43.40
CA PHE G 31 -20.22 28.46 42.66
C PHE G 31 -19.46 27.39 43.43
N GLU G 32 -18.53 27.83 44.28
CA GLU G 32 -17.77 26.92 45.13
C GLU G 32 -18.69 26.28 46.17
N VAL G 33 -19.69 27.05 46.60
CA VAL G 33 -20.69 26.55 47.54
C VAL G 33 -21.61 25.55 46.84
N LEU G 34 -21.93 25.85 45.58
CA LEU G 34 -22.79 24.99 44.77
C LEU G 34 -22.13 23.63 44.55
N LYS G 35 -20.81 23.64 44.38
CA LYS G 35 -20.05 22.40 44.20
C LYS G 35 -20.06 21.57 45.48
N ALA G 36 -20.02 22.25 46.62
CA ALA G 36 -20.04 21.58 47.91
C ALA G 36 -21.38 20.92 48.16
N PHE G 37 -22.44 21.54 47.64
CA PHE G 37 -23.79 21.00 47.76
C PHE G 37 -23.91 19.65 47.06
N VAL G 38 -23.34 19.57 45.86
CA VAL G 38 -23.36 18.33 45.09
C VAL G 38 -22.56 17.23 45.78
N VAL G 39 -21.42 17.61 46.35
CA VAL G 39 -20.57 16.66 47.07
C VAL G 39 -21.30 16.10 48.29
N ASP G 40 -21.98 16.98 49.03
CA ASP G 40 -22.74 16.57 50.21
C ASP G 40 -23.87 15.62 49.84
N MET G 41 -24.39 15.74 48.62
CA MET G 41 -25.41 14.84 48.12
C MET G 41 -24.85 13.44 47.91
N MET G 42 -23.66 13.39 47.31
CA MET G 42 -23.02 12.11 46.99
C MET G 42 -22.57 11.36 48.25
N GLU G 43 -22.30 12.10 49.32
CA GLU G 43 -21.89 11.49 50.57
C GLU G 43 -23.08 10.81 51.26
N ARG G 44 -24.28 11.31 50.98
CA ARG G 44 -25.49 10.79 51.62
C ARG G 44 -26.27 9.84 50.72
N LEU G 45 -25.73 9.60 49.52
CA LEU G 45 -26.35 8.65 48.59
C LEU G 45 -25.53 7.38 48.49
N ARG G 46 -26.22 6.25 48.30
CA ARG G 46 -25.55 4.97 48.15
C ARG G 46 -24.95 4.87 46.74
N ILE G 47 -23.76 5.42 46.57
CA ILE G 47 -23.12 5.49 45.26
C ILE G 47 -22.65 4.13 44.77
N SER G 48 -23.35 3.59 43.76
CA SER G 48 -22.99 2.32 43.16
C SER G 48 -23.73 2.14 41.84
N GLN G 49 -23.28 1.19 41.04
CA GLN G 49 -23.94 0.87 39.78
C GLN G 49 -25.24 0.12 40.03
N LYS G 50 -25.34 -0.49 41.20
CA LYS G 50 -26.50 -1.29 41.58
C LYS G 50 -27.60 -0.41 42.19
N TRP G 51 -27.20 0.67 42.84
CA TRP G 51 -28.14 1.51 43.57
C TRP G 51 -28.31 2.88 42.93
N VAL G 52 -27.51 3.84 43.38
CA VAL G 52 -27.62 5.22 42.91
C VAL G 52 -26.47 5.63 42.00
N ARG G 53 -26.80 6.04 40.78
CA ARG G 53 -25.81 6.53 39.83
C ARG G 53 -25.89 8.05 39.72
N VAL G 54 -24.74 8.71 39.67
CA VAL G 54 -24.69 10.16 39.62
C VAL G 54 -24.14 10.68 38.30
N ALA G 55 -24.50 11.92 37.96
CA ALA G 55 -24.02 12.55 36.74
C ALA G 55 -23.96 14.06 36.90
N VAL G 56 -22.76 14.59 37.03
CA VAL G 56 -22.56 16.02 37.21
C VAL G 56 -22.27 16.71 35.88
N VAL G 57 -23.10 17.69 35.54
CA VAL G 57 -22.91 18.43 34.29
C VAL G 57 -22.97 19.94 34.53
N GLU G 58 -21.83 20.59 34.32
CA GLU G 58 -21.77 22.05 34.37
C GLU G 58 -21.98 22.61 32.97
N TYR G 59 -22.93 23.54 32.84
CA TYR G 59 -23.30 24.06 31.53
C TYR G 59 -23.28 25.58 31.44
N HIS G 60 -22.87 26.08 30.29
CA HIS G 60 -23.03 27.49 29.94
C HIS G 60 -23.52 27.61 28.50
N ASP G 61 -22.60 27.79 27.56
CA ASP G 61 -22.92 27.76 26.15
C ASP G 61 -23.20 26.31 25.75
N GLY G 62 -22.37 25.41 26.26
CA GLY G 62 -22.55 23.99 26.00
C GLY G 62 -22.73 23.21 27.29
N SER G 63 -22.20 21.99 27.33
CA SER G 63 -22.33 21.14 28.49
C SER G 63 -21.05 20.34 28.75
N HIS G 64 -20.40 20.64 29.87
CA HIS G 64 -19.17 19.95 30.25
C HIS G 64 -19.48 18.82 31.21
N ALA G 65 -19.29 17.58 30.76
CA ALA G 65 -19.61 16.41 31.58
C ALA G 65 -18.38 15.85 32.29
N TYR G 66 -18.30 16.16 33.58
CA TYR G 66 -17.21 15.72 34.45
C TYR G 66 -17.41 14.26 34.86
N ILE G 67 -18.66 13.89 35.12
CA ILE G 67 -18.98 12.53 35.53
C ILE G 67 -20.14 11.94 34.74
N GLY G 68 -19.89 10.80 34.10
CA GLY G 68 -20.93 10.09 33.38
C GLY G 68 -21.55 9.00 34.23
N LEU G 69 -22.76 8.58 33.85
CA LEU G 69 -23.48 7.55 34.58
C LEU G 69 -22.83 6.18 34.43
N LYS G 70 -22.10 6.00 33.35
CA LYS G 70 -21.45 4.72 33.07
C LYS G 70 -19.98 4.72 33.49
N ASP G 71 -19.58 5.74 34.25
CA ASP G 71 -18.20 5.85 34.71
C ASP G 71 -17.88 4.81 35.79
N ARG G 72 -16.77 4.12 35.62
CA ARG G 72 -16.36 3.07 36.55
C ARG G 72 -15.30 3.56 37.54
N LYS G 73 -15.70 4.48 38.41
CA LYS G 73 -14.79 5.04 39.41
C LYS G 73 -15.37 4.87 40.81
N ARG G 74 -14.51 4.86 41.82
CA ARG G 74 -14.96 4.68 43.20
C ARG G 74 -15.64 5.95 43.71
N PRO G 75 -16.61 5.80 44.63
CA PRO G 75 -17.41 6.91 45.17
C PRO G 75 -16.58 8.08 45.69
N SER G 76 -15.42 7.80 46.27
CA SER G 76 -14.55 8.88 46.77
C SER G 76 -13.89 9.63 45.62
N GLU G 77 -13.54 8.90 44.56
CA GLU G 77 -12.95 9.51 43.38
C GLU G 77 -13.97 10.41 42.68
N LEU G 78 -15.21 9.93 42.60
CA LEU G 78 -16.29 10.68 41.97
C LEU G 78 -16.57 11.98 42.71
N ARG G 79 -16.34 11.98 44.02
CA ARG G 79 -16.54 13.18 44.83
C ARG G 79 -15.36 14.14 44.71
N ARG G 80 -14.23 13.63 44.25
CA ARG G 80 -13.07 14.48 44.03
C ARG G 80 -13.21 15.27 42.74
N ILE G 81 -13.66 14.59 41.69
CA ILE G 81 -13.86 15.23 40.39
C ILE G 81 -14.94 16.28 40.46
N ALA G 82 -15.98 16.00 41.24
CA ALA G 82 -17.10 16.93 41.41
C ALA G 82 -16.69 18.14 42.25
N SER G 83 -15.63 17.97 43.04
CA SER G 83 -15.14 19.05 43.90
C SER G 83 -14.07 19.87 43.17
N GLN G 84 -13.68 19.40 42.00
CA GLN G 84 -12.65 20.09 41.22
C GLN G 84 -13.21 20.61 39.90
N VAL G 85 -14.52 20.85 39.87
CA VAL G 85 -15.18 21.38 38.69
C VAL G 85 -14.74 22.82 38.43
N LYS G 86 -14.09 23.05 37.30
CA LYS G 86 -13.56 24.37 36.98
C LYS G 86 -14.66 25.36 36.63
N TYR G 87 -14.66 26.50 37.32
CA TYR G 87 -15.64 27.54 37.10
C TYR G 87 -15.29 28.38 35.88
N ALA G 88 -16.13 28.31 34.85
CA ALA G 88 -15.92 29.10 33.64
C ALA G 88 -16.51 30.50 33.80
N GLY G 89 -17.78 30.55 34.17
CA GLY G 89 -18.45 31.82 34.40
C GLY G 89 -18.72 32.59 33.12
N SER G 90 -19.54 32.01 32.24
CA SER G 90 -19.89 32.64 30.99
C SER G 90 -21.02 33.66 31.18
N GLN G 91 -21.29 34.43 30.12
CA GLN G 91 -22.36 35.42 30.17
C GLN G 91 -23.73 34.75 30.10
N VAL G 92 -23.85 33.74 29.24
CA VAL G 92 -25.12 33.05 29.05
C VAL G 92 -25.04 31.56 29.38
N ALA G 93 -25.94 31.11 30.24
CA ALA G 93 -26.02 29.69 30.57
C ALA G 93 -27.29 29.08 29.98
N SER G 94 -27.15 28.50 28.80
CA SER G 94 -28.29 27.93 28.09
C SER G 94 -28.79 26.64 28.74
N THR G 95 -29.99 26.69 29.31
CA THR G 95 -30.60 25.52 29.92
C THR G 95 -31.20 24.61 28.86
N SER G 96 -31.40 25.15 27.67
CA SER G 96 -31.93 24.37 26.55
C SER G 96 -30.83 23.49 25.96
N GLU G 97 -29.59 23.96 26.08
CA GLU G 97 -28.44 23.21 25.57
C GLU G 97 -28.12 22.01 26.44
N VAL G 98 -28.33 22.14 27.74
CA VAL G 98 -28.00 21.07 28.69
C VAL G 98 -29.12 20.03 28.74
N LEU G 99 -30.34 20.44 28.47
CA LEU G 99 -31.48 19.53 28.45
C LEU G 99 -31.54 18.76 27.14
N LYS G 100 -31.03 19.37 26.07
CA LYS G 100 -30.94 18.70 24.78
C LYS G 100 -29.82 17.67 24.83
N TYR G 101 -28.76 18.01 25.54
CA TYR G 101 -27.64 17.09 25.74
C TYR G 101 -28.09 15.89 26.58
N THR G 102 -28.77 16.17 27.69
CA THR G 102 -29.23 15.13 28.59
C THR G 102 -30.20 14.17 27.92
N LEU G 103 -31.08 14.72 27.08
CA LEU G 103 -32.12 13.92 26.43
C LEU G 103 -31.56 12.97 25.36
N PHE G 104 -30.68 13.49 24.52
CA PHE G 104 -30.18 12.70 23.39
C PHE G 104 -28.88 11.95 23.69
N GLN G 105 -28.08 12.46 24.63
CA GLN G 105 -26.77 11.88 24.88
C GLN G 105 -26.69 11.13 26.20
N ILE G 106 -27.33 11.65 27.24
CA ILE G 106 -27.30 11.00 28.55
C ILE G 106 -28.35 9.90 28.67
N PHE G 107 -29.57 10.19 28.25
CA PHE G 107 -30.67 9.24 28.36
C PHE G 107 -31.21 8.83 27.00
N SER G 108 -30.32 8.46 26.10
CA SER G 108 -30.71 8.01 24.77
C SER G 108 -31.36 6.63 24.85
N LYS G 109 -30.95 5.85 25.85
CA LYS G 109 -31.48 4.51 26.04
C LYS G 109 -31.68 4.22 27.52
N ILE G 110 -32.79 3.57 27.85
CA ILE G 110 -33.06 3.19 29.23
C ILE G 110 -32.35 1.90 29.60
N ASP G 111 -31.29 2.03 30.40
CA ASP G 111 -30.51 0.86 30.83
C ASP G 111 -31.07 0.29 32.13
N ARG G 112 -31.71 1.14 32.92
CA ARG G 112 -32.30 0.72 34.19
C ARG G 112 -33.77 1.11 34.29
N PRO G 113 -34.67 0.25 33.75
CA PRO G 113 -36.11 0.50 33.81
C PRO G 113 -36.65 0.31 35.23
N GLU G 114 -35.88 -0.35 36.09
CA GLU G 114 -36.29 -0.60 37.46
C GLU G 114 -35.92 0.58 38.36
N ALA G 115 -35.17 1.52 37.81
CA ALA G 115 -34.73 2.69 38.57
C ALA G 115 -35.33 3.97 38.01
N SER G 116 -35.53 4.95 38.90
CA SER G 116 -36.07 6.24 38.49
C SER G 116 -35.01 7.10 37.83
N ARG G 117 -35.46 8.04 37.01
CA ARG G 117 -34.57 8.96 36.32
C ARG G 117 -34.90 10.39 36.70
N ILE G 118 -33.96 11.07 37.37
CA ILE G 118 -34.20 12.43 37.83
C ILE G 118 -33.16 13.41 37.29
N ALA G 119 -33.64 14.50 36.68
CA ALA G 119 -32.78 15.56 36.19
C ALA G 119 -32.87 16.77 37.11
N LEU G 120 -31.87 16.93 37.98
CA LEU G 120 -31.85 18.04 38.92
C LEU G 120 -31.24 19.29 38.28
N LEU G 121 -32.09 20.19 37.82
CA LEU G 121 -31.64 21.37 37.09
C LEU G 121 -31.38 22.54 38.03
N LEU G 122 -30.12 22.69 38.45
CA LEU G 122 -29.71 23.78 39.32
C LEU G 122 -29.37 25.01 38.49
N MET G 123 -30.33 25.92 38.37
CA MET G 123 -30.16 27.11 37.54
C MET G 123 -30.27 28.41 38.34
N ALA G 124 -29.48 29.41 37.92
CA ALA G 124 -29.46 30.69 38.62
C ALA G 124 -29.47 31.85 37.63
N SER G 125 -29.57 31.53 36.35
CA SER G 125 -29.57 32.55 35.30
C SER G 125 -30.81 32.45 34.43
N GLN G 126 -30.84 33.23 33.35
CA GLN G 126 -31.96 33.22 32.42
C GLN G 126 -31.49 33.44 30.99
N GLU G 127 -31.59 32.38 30.17
CA GLU G 127 -31.16 32.45 28.78
C GLU G 127 -32.10 33.32 27.95
N PRO G 128 -31.58 33.90 26.85
CA PRO G 128 -32.41 34.70 25.95
C PRO G 128 -33.50 33.85 25.29
N GLN G 129 -34.61 34.49 24.92
CA GLN G 129 -35.75 33.78 24.36
C GLN G 129 -35.46 33.25 22.96
N ARG G 130 -34.44 33.79 22.31
CA ARG G 130 -34.08 33.38 20.96
C ARG G 130 -33.46 31.98 20.95
N MET G 131 -33.22 31.43 22.13
CA MET G 131 -32.64 30.10 22.26
C MET G 131 -33.65 29.12 22.88
N SER G 132 -34.75 29.67 23.40
CA SER G 132 -35.76 28.85 24.06
C SER G 132 -36.94 28.54 23.13
N ARG G 133 -36.64 28.19 21.89
CA ARG G 133 -37.67 27.86 20.91
C ARG G 133 -38.05 26.39 20.96
N ASN G 134 -37.06 25.53 21.19
CA ASN G 134 -37.30 24.09 21.28
C ASN G 134 -37.17 23.58 22.70
N PHE G 135 -37.28 24.49 23.66
CA PHE G 135 -37.12 24.15 25.07
C PHE G 135 -38.23 23.24 25.57
N VAL G 136 -39.47 23.52 25.17
CA VAL G 136 -40.62 22.76 25.63
C VAL G 136 -40.56 21.31 25.15
N ARG G 137 -40.16 21.13 23.90
CA ARG G 137 -40.07 19.79 23.31
C ARG G 137 -39.05 18.90 24.01
N TYR G 138 -37.98 19.52 24.50
CA TYR G 138 -36.92 18.77 25.19
C TYR G 138 -37.43 18.22 26.52
N VAL G 139 -38.31 18.97 27.17
CA VAL G 139 -38.91 18.55 28.42
C VAL G 139 -39.88 17.39 28.17
N GLN G 140 -40.63 17.49 27.08
CA GLN G 140 -41.59 16.45 26.72
C GLN G 140 -40.88 15.16 26.31
N GLY G 141 -39.69 15.31 25.74
CA GLY G 141 -38.88 14.17 25.37
C GLY G 141 -38.41 13.42 26.61
N LEU G 142 -37.99 14.19 27.61
CA LEU G 142 -37.57 13.61 28.89
C LEU G 142 -38.74 12.96 29.61
N LYS G 143 -39.95 13.44 29.35
CA LYS G 143 -41.15 12.88 29.93
C LYS G 143 -41.47 11.52 29.31
N LYS G 144 -41.24 11.40 28.01
CA LYS G 144 -41.46 10.15 27.30
C LYS G 144 -40.38 9.13 27.63
N LYS G 145 -39.20 9.63 28.00
CA LYS G 145 -38.11 8.78 28.45
C LYS G 145 -38.25 8.52 29.95
N LYS G 146 -39.33 9.04 30.53
CA LYS G 146 -39.60 8.95 31.95
C LYS G 146 -38.45 9.48 32.81
N VAL G 147 -38.06 10.72 32.54
CA VAL G 147 -37.00 11.38 33.30
C VAL G 147 -37.56 12.55 34.08
N ILE G 148 -37.51 12.46 35.41
CA ILE G 148 -38.05 13.50 36.27
C ILE G 148 -37.17 14.75 36.25
N VAL G 149 -37.77 15.90 35.98
CA VAL G 149 -37.04 17.15 35.97
C VAL G 149 -37.48 18.04 37.13
N ILE G 150 -36.57 18.24 38.09
CA ILE G 150 -36.86 19.07 39.25
C ILE G 150 -36.09 20.37 39.20
N PRO G 151 -36.78 21.47 38.86
CA PRO G 151 -36.17 22.80 38.77
C PRO G 151 -35.70 23.31 40.14
N VAL G 152 -34.51 23.91 40.17
CA VAL G 152 -34.00 24.53 41.38
C VAL G 152 -33.52 25.95 41.08
N GLY G 153 -34.29 26.94 41.53
CA GLY G 153 -33.96 28.32 41.28
C GLY G 153 -33.06 28.92 42.34
N ILE G 154 -32.07 29.69 41.91
CA ILE G 154 -31.13 30.33 42.82
C ILE G 154 -31.03 31.83 42.53
N GLY G 155 -31.63 32.64 43.39
CA GLY G 155 -31.57 34.09 43.23
C GLY G 155 -32.70 34.65 42.39
N PRO G 156 -32.75 35.98 42.27
CA PRO G 156 -33.80 36.69 41.52
C PRO G 156 -33.57 36.62 40.01
N HIS G 157 -32.36 36.24 39.59
CA HIS G 157 -32.03 36.17 38.18
C HIS G 157 -32.35 34.79 37.59
N ALA G 158 -33.05 33.97 38.37
CA ALA G 158 -33.44 32.64 37.91
C ALA G 158 -34.56 32.74 36.87
N ASN G 159 -34.47 31.89 35.85
CA ASN G 159 -35.47 31.87 34.78
C ASN G 159 -36.81 31.38 35.30
N LEU G 160 -37.62 32.31 35.83
CA LEU G 160 -38.92 31.96 36.40
C LEU G 160 -39.86 31.36 35.38
N LYS G 161 -39.67 31.71 34.11
CA LYS G 161 -40.48 31.18 33.03
C LYS G 161 -40.27 29.68 32.87
N GLN G 162 -39.01 29.28 32.69
CA GLN G 162 -38.67 27.88 32.46
C GLN G 162 -38.96 27.00 33.68
N ILE G 163 -38.91 27.60 34.87
CA ILE G 163 -39.22 26.88 36.10
C ILE G 163 -40.68 26.45 36.13
N ARG G 164 -41.57 27.38 35.84
CA ARG G 164 -43.00 27.13 35.87
C ARG G 164 -43.44 26.20 34.75
N LEU G 165 -42.73 26.26 33.62
CA LEU G 165 -43.03 25.40 32.49
C LEU G 165 -42.82 23.93 32.82
N ILE G 166 -41.67 23.62 33.42
CA ILE G 166 -41.34 22.25 33.81
C ILE G 166 -42.30 21.73 34.87
N GLU G 167 -42.70 22.62 35.78
CA GLU G 167 -43.54 22.23 36.92
C GLU G 167 -44.94 21.82 36.50
N LYS G 168 -45.36 22.20 35.30
CA LYS G 168 -46.72 21.92 34.84
C LYS G 168 -46.79 20.77 33.82
N GLN G 169 -45.65 20.29 33.37
CA GLN G 169 -45.62 19.19 32.41
C GLN G 169 -45.87 17.85 33.11
N ALA G 170 -45.42 17.74 34.35
CA ALA G 170 -45.64 16.55 35.14
C ALA G 170 -45.94 16.91 36.59
N PRO G 171 -46.92 16.23 37.20
CA PRO G 171 -47.33 16.50 38.59
C PRO G 171 -46.24 16.16 39.60
N GLU G 172 -45.31 15.29 39.20
CA GLU G 172 -44.23 14.88 40.09
C GLU G 172 -43.00 15.78 39.96
N ASN G 173 -43.10 16.79 39.10
CA ASN G 173 -42.04 17.78 38.95
C ASN G 173 -42.25 18.98 39.86
N LYS G 174 -41.71 18.90 41.08
CA LYS G 174 -41.82 19.99 42.04
C LYS G 174 -40.67 20.97 41.84
N ALA G 175 -40.83 22.18 42.37
CA ALA G 175 -39.83 23.23 42.19
C ALA G 175 -39.22 23.71 43.51
N PHE G 176 -37.94 24.08 43.46
CA PHE G 176 -37.24 24.61 44.62
C PHE G 176 -36.58 25.94 44.31
N VAL G 177 -37.27 27.03 44.59
CA VAL G 177 -36.73 28.37 44.33
C VAL G 177 -36.06 28.95 45.58
N LEU G 178 -34.73 29.06 45.52
CA LEU G 178 -33.97 29.59 46.65
C LEU G 178 -33.46 31.00 46.36
N SER G 179 -33.32 31.80 47.42
CA SER G 179 -32.89 33.18 47.28
C SER G 179 -31.36 33.29 47.15
N SER G 180 -30.65 32.40 47.84
CA SER G 180 -29.20 32.43 47.82
C SER G 180 -28.60 31.04 47.65
N VAL G 181 -27.28 30.98 47.56
CA VAL G 181 -26.56 29.72 47.40
C VAL G 181 -26.29 29.10 48.76
N ASP G 182 -26.35 29.91 49.80
CA ASP G 182 -26.09 29.44 51.16
C ASP G 182 -27.30 28.71 51.74
N GLU G 183 -28.43 28.77 51.04
CA GLU G 183 -29.65 28.11 51.48
C GLU G 183 -29.81 26.73 50.87
N LEU G 184 -28.78 26.29 50.14
CA LEU G 184 -28.79 24.95 49.54
C LEU G 184 -28.74 23.87 50.62
N GLU G 185 -28.06 24.18 51.71
CA GLU G 185 -27.88 23.20 52.79
C GLU G 185 -29.07 23.22 53.77
N GLN G 186 -29.98 24.16 53.56
CA GLN G 186 -31.13 24.31 54.44
C GLN G 186 -32.26 23.34 54.05
N GLN G 187 -32.48 23.18 52.76
CA GLN G 187 -33.55 22.30 52.26
C GLN G 187 -32.99 21.01 51.67
N ARG G 188 -31.72 20.73 51.92
CA ARG G 188 -31.09 19.52 51.39
C ARG G 188 -31.71 18.27 52.00
N ASP G 189 -32.23 18.40 53.22
CA ASP G 189 -32.88 17.29 53.91
C ASP G 189 -34.22 16.98 53.26
N GLU G 190 -34.80 17.98 52.59
CA GLU G 190 -36.07 17.81 51.91
C GLU G 190 -35.86 17.34 50.47
N ILE G 191 -34.84 17.88 49.81
CA ILE G 191 -34.52 17.52 48.44
C ILE G 191 -34.27 16.02 48.32
N VAL G 192 -33.38 15.51 49.17
CA VAL G 192 -33.09 14.07 49.19
C VAL G 192 -34.34 13.28 49.55
N SER G 193 -35.14 13.83 50.46
CA SER G 193 -36.37 13.18 50.91
C SER G 193 -37.39 13.03 49.78
N TYR G 194 -37.25 13.84 48.73
CA TYR G 194 -38.17 13.80 47.61
C TYR G 194 -37.58 13.06 46.40
N LEU G 195 -36.26 13.03 46.33
CA LEU G 195 -35.58 12.34 45.24
C LEU G 195 -35.75 10.82 45.33
N CYS G 196 -35.62 10.29 46.54
CA CYS G 196 -35.72 8.85 46.75
C CYS G 196 -37.18 8.41 46.77
N ASP G 197 -38.05 9.33 47.15
CA ASP G 197 -39.48 9.04 47.24
C ASP G 197 -40.04 8.67 45.87
N LEU G 198 -39.39 9.15 44.82
CA LEU G 198 -39.79 8.82 43.46
C LEU G 198 -38.95 7.66 42.93
N ALA G 199 -38.02 7.20 43.74
CA ALA G 199 -37.15 6.08 43.36
C ALA G 199 -37.61 4.78 44.02
N PRO G 200 -37.68 3.71 43.22
CA PRO G 200 -38.14 2.39 43.69
C PRO G 200 -37.18 1.78 44.71
N GLU G 201 -37.67 0.83 45.50
CA GLU G 201 -36.83 0.16 46.48
C GLU G 201 -36.42 -1.23 46.02
N ALA G 202 -35.38 -1.77 46.65
CA ALA G 202 -34.89 -3.09 46.31
C ALA G 202 -35.29 -4.12 47.35
N PRO G 203 -36.02 -5.17 46.93
CA PRO G 203 -36.47 -6.26 47.81
C PRO G 203 -35.30 -6.97 48.49
N ILE H 3 -15.22 -17.87 40.94
CA ILE H 3 -14.14 -17.01 40.47
C ILE H 3 -14.64 -15.59 40.19
N CYS H 4 -15.82 -15.48 39.60
CA CYS H 4 -16.40 -14.18 39.27
C CYS H 4 -17.39 -13.71 40.34
N GLU H 5 -17.55 -12.39 40.46
CA GLU H 5 -18.49 -11.82 41.41
C GLU H 5 -19.88 -11.74 40.80
N VAL H 6 -20.83 -12.41 41.43
CA VAL H 6 -22.21 -12.46 40.94
C VAL H 6 -23.12 -11.58 41.77
N SER H 7 -23.73 -10.58 41.13
CA SER H 7 -24.60 -9.64 41.82
C SER H 7 -26.05 -9.78 41.39
N LYS H 8 -26.97 -9.59 42.33
CA LYS H 8 -28.39 -9.69 42.05
C LYS H 8 -29.07 -8.33 42.18
N VAL H 9 -29.37 -7.70 41.05
CA VAL H 9 -30.05 -6.41 41.04
C VAL H 9 -31.49 -6.58 40.57
N ALA H 10 -32.44 -6.13 41.40
CA ALA H 10 -33.86 -6.27 41.11
C ALA H 10 -34.27 -7.71 40.84
N SER H 11 -34.66 -8.00 39.60
CA SER H 11 -35.10 -9.33 39.22
C SER H 11 -34.02 -10.08 38.44
N HIS H 12 -33.18 -9.32 37.75
CA HIS H 12 -32.15 -9.92 36.89
C HIS H 12 -30.90 -10.29 37.68
N LEU H 13 -29.93 -10.88 36.97
CA LEU H 13 -28.69 -11.31 37.60
C LEU H 13 -27.50 -10.91 36.74
N GLU H 14 -26.60 -10.11 37.31
CA GLU H 14 -25.41 -9.67 36.58
C GLU H 14 -24.13 -10.15 37.23
N VAL H 15 -23.13 -10.47 36.41
CA VAL H 15 -21.87 -11.03 36.89
C VAL H 15 -20.69 -10.14 36.53
N ASN H 16 -19.81 -9.89 37.50
CA ASN H 16 -18.64 -9.05 37.29
C ASN H 16 -17.34 -9.86 37.21
N CYS H 17 -16.74 -9.88 36.02
CA CYS H 17 -15.49 -10.59 35.82
C CYS H 17 -14.40 -9.64 35.35
N ASP H 18 -14.47 -8.39 35.79
CA ASP H 18 -13.52 -7.36 35.35
C ASP H 18 -12.17 -7.46 36.05
N LYS H 19 -11.11 -7.35 35.27
CA LYS H 19 -9.73 -7.30 35.78
C LYS H 19 -9.37 -8.53 36.61
N ARG H 20 -9.21 -9.67 35.94
CA ARG H 20 -8.85 -10.91 36.61
C ARG H 20 -7.87 -11.76 35.80
N ARG H 21 -7.22 -11.12 34.83
CA ARG H 21 -6.21 -11.76 33.99
C ARG H 21 -6.71 -13.03 33.32
N LEU H 22 -7.97 -13.01 32.90
CA LEU H 22 -8.60 -14.19 32.31
C LEU H 22 -8.16 -14.43 30.87
N THR H 23 -7.78 -15.68 30.58
CA THR H 23 -7.34 -16.06 29.24
C THR H 23 -8.55 -16.48 28.39
N ALA H 24 -9.52 -17.11 29.03
CA ALA H 24 -10.74 -17.54 28.34
C ALA H 24 -11.97 -17.38 29.24
N LEU H 25 -13.08 -17.94 28.80
CA LEU H 25 -14.33 -17.87 29.58
C LEU H 25 -14.29 -18.84 30.75
N PRO H 26 -14.36 -18.30 31.98
CA PRO H 26 -14.33 -19.11 33.21
C PRO H 26 -15.58 -19.97 33.38
N PRO H 27 -15.41 -21.25 33.74
CA PRO H 27 -16.53 -22.14 34.03
C PRO H 27 -17.22 -21.76 35.34
N ASP H 28 -18.19 -22.59 35.76
CA ASP H 28 -18.91 -22.38 37.02
C ASP H 28 -19.56 -21.00 37.10
N LEU H 29 -20.19 -20.57 36.01
CA LEU H 29 -20.91 -19.31 35.98
C LEU H 29 -22.41 -19.56 35.99
N PRO H 30 -23.17 -18.71 36.70
CA PRO H 30 -24.63 -18.84 36.74
C PRO H 30 -25.25 -18.66 35.36
N LYS H 31 -26.07 -19.62 34.95
CA LYS H 31 -26.64 -19.60 33.60
C LYS H 31 -27.80 -18.62 33.46
N ASP H 32 -28.22 -18.04 34.57
CA ASP H 32 -29.25 -17.01 34.55
C ASP H 32 -28.64 -15.61 34.52
N THR H 33 -27.46 -15.51 33.92
CA THR H 33 -26.77 -14.23 33.80
C THR H 33 -27.33 -13.44 32.62
N THR H 34 -27.62 -12.17 32.85
CA THR H 34 -28.14 -11.30 31.78
C THR H 34 -27.11 -10.24 31.38
N ILE H 35 -26.20 -9.92 32.29
CA ILE H 35 -25.15 -8.94 32.03
C ILE H 35 -23.79 -9.50 32.42
N LEU H 36 -22.93 -9.69 31.43
CA LEU H 36 -21.61 -10.25 31.67
C LEU H 36 -20.51 -9.24 31.36
N HIS H 37 -19.86 -8.74 32.41
CA HIS H 37 -18.76 -7.80 32.23
C HIS H 37 -17.42 -8.54 32.22
N LEU H 38 -16.79 -8.59 31.05
CA LEU H 38 -15.49 -9.24 30.91
C LEU H 38 -14.40 -8.21 30.64
N SER H 39 -14.62 -6.99 31.12
CA SER H 39 -13.73 -5.87 30.85
C SER H 39 -12.32 -6.08 31.41
N GLU H 40 -11.33 -5.61 30.67
CA GLU H 40 -9.93 -5.67 31.09
C GLU H 40 -9.46 -7.08 31.42
N ASN H 41 -9.16 -7.85 30.39
CA ASN H 41 -8.62 -9.20 30.55
C ASN H 41 -7.61 -9.56 29.48
N LEU H 42 -7.25 -10.83 29.39
CA LEU H 42 -6.25 -11.28 28.42
C LEU H 42 -6.85 -12.27 27.42
N LEU H 43 -7.80 -11.79 26.62
CA LEU H 43 -8.44 -12.62 25.61
C LEU H 43 -7.79 -12.45 24.24
N TYR H 44 -6.97 -13.43 23.84
CA TYR H 44 -6.36 -13.40 22.52
C TYR H 44 -7.44 -13.59 21.46
N THR H 45 -8.27 -14.62 21.64
CA THR H 45 -9.43 -14.84 20.79
C THR H 45 -10.63 -15.21 21.66
N PHE H 46 -11.84 -15.00 21.15
CA PHE H 46 -13.04 -15.32 21.91
C PHE H 46 -14.19 -15.78 21.01
N SER H 47 -14.83 -16.87 21.38
CA SER H 47 -15.93 -17.42 20.61
C SER H 47 -17.27 -17.04 21.23
N LEU H 48 -18.23 -16.66 20.39
CA LEU H 48 -19.56 -16.28 20.87
C LEU H 48 -20.41 -17.52 21.18
N ALA H 49 -19.98 -18.67 20.70
CA ALA H 49 -20.72 -19.92 20.92
C ALA H 49 -20.55 -20.43 22.35
N THR H 50 -19.60 -19.85 23.07
CA THR H 50 -19.33 -20.27 24.45
C THR H 50 -20.33 -19.67 25.42
N LEU H 51 -21.10 -18.69 24.94
CA LEU H 51 -22.08 -18.00 25.77
C LEU H 51 -23.50 -18.48 25.52
N MET H 52 -23.63 -19.46 24.61
CA MET H 52 -24.93 -20.03 24.27
C MET H 52 -25.73 -20.64 25.45
N PRO H 53 -25.05 -21.33 26.39
CA PRO H 53 -25.80 -21.84 27.54
C PRO H 53 -26.46 -20.73 28.37
N TYR H 54 -26.01 -19.49 28.22
CA TYR H 54 -26.60 -18.37 28.93
C TYR H 54 -27.67 -17.69 28.08
N THR H 55 -28.90 -18.19 28.19
CA THR H 55 -30.00 -17.70 27.36
C THR H 55 -30.66 -16.44 27.93
N ARG H 56 -30.09 -15.91 29.00
CA ARG H 56 -30.63 -14.70 29.62
C ARG H 56 -29.76 -13.50 29.28
N LEU H 57 -28.58 -13.76 28.70
CA LEU H 57 -27.61 -12.73 28.41
C LEU H 57 -28.13 -11.69 27.41
N THR H 58 -28.25 -10.45 27.85
CA THR H 58 -28.74 -9.37 27.00
C THR H 58 -27.72 -8.23 26.86
N GLN H 59 -26.65 -8.29 27.65
CA GLN H 59 -25.61 -7.28 27.60
C GLN H 59 -24.23 -7.90 27.78
N LEU H 60 -23.29 -7.53 26.91
CA LEU H 60 -21.95 -8.10 26.95
C LEU H 60 -20.87 -7.03 26.78
N ASN H 61 -19.77 -7.18 27.51
CA ASN H 61 -18.67 -6.23 27.43
C ASN H 61 -17.31 -6.92 27.35
N LEU H 62 -16.57 -6.64 26.28
CA LEU H 62 -15.24 -7.21 26.07
C LEU H 62 -14.18 -6.15 25.87
N ASP H 63 -14.45 -4.94 26.37
CA ASP H 63 -13.54 -3.81 26.19
C ASP H 63 -12.21 -3.99 26.90
N ARG H 64 -11.14 -3.53 26.26
CA ARG H 64 -9.79 -3.56 26.82
C ARG H 64 -9.29 -4.97 27.12
N CYS H 65 -9.51 -5.90 26.19
CA CYS H 65 -9.12 -7.29 26.38
C CYS H 65 -8.07 -7.76 25.37
N GLU H 66 -7.51 -6.81 24.63
CA GLU H 66 -6.49 -7.09 23.62
C GLU H 66 -6.96 -8.11 22.60
N LEU H 67 -8.25 -8.11 22.31
CA LEU H 67 -8.84 -9.07 21.39
C LEU H 67 -8.36 -8.83 19.96
N THR H 68 -7.79 -9.86 19.35
CA THR H 68 -7.28 -9.77 17.98
C THR H 68 -8.27 -10.36 16.99
N LYS H 69 -8.92 -11.45 17.37
CA LYS H 69 -9.87 -12.13 16.49
C LYS H 69 -11.08 -12.62 17.26
N LEU H 70 -12.27 -12.21 16.81
CA LEU H 70 -13.50 -12.62 17.46
C LEU H 70 -14.22 -13.70 16.66
N GLN H 71 -14.17 -14.93 17.16
CA GLN H 71 -14.86 -16.05 16.52
C GLN H 71 -16.36 -15.87 16.65
N VAL H 72 -17.07 -15.95 15.53
CA VAL H 72 -18.51 -15.76 15.52
C VAL H 72 -19.24 -17.07 15.20
N ASP H 73 -19.35 -17.93 16.21
CA ASP H 73 -20.04 -19.20 16.04
C ASP H 73 -21.32 -19.23 16.86
N GLY H 74 -22.25 -20.10 16.48
CA GLY H 74 -23.50 -20.24 17.20
C GLY H 74 -24.39 -19.02 17.06
N THR H 75 -25.25 -18.83 18.06
CA THR H 75 -26.19 -17.71 18.04
C THR H 75 -26.57 -17.24 19.44
N LEU H 76 -26.74 -15.93 19.59
CA LEU H 76 -27.19 -15.34 20.86
C LEU H 76 -28.49 -14.57 20.62
N PRO H 77 -29.63 -15.27 20.71
CA PRO H 77 -30.96 -14.78 20.35
C PRO H 77 -31.40 -13.51 21.09
N VAL H 78 -30.88 -13.26 22.29
CA VAL H 78 -31.36 -12.14 23.09
C VAL H 78 -30.28 -11.13 23.48
N LEU H 79 -29.09 -11.27 22.92
CA LEU H 79 -28.02 -10.32 23.21
C LEU H 79 -28.23 -9.02 22.45
N GLY H 80 -28.29 -7.91 23.17
CA GLY H 80 -28.58 -6.62 22.57
C GLY H 80 -27.44 -5.62 22.64
N THR H 81 -26.54 -5.80 23.60
CA THR H 81 -25.42 -4.88 23.77
C THR H 81 -24.06 -5.59 23.74
N LEU H 82 -23.24 -5.20 22.78
CA LEU H 82 -21.89 -5.75 22.66
C LEU H 82 -20.85 -4.65 22.65
N ASP H 83 -19.85 -4.78 23.51
CA ASP H 83 -18.79 -3.77 23.61
C ASP H 83 -17.42 -4.35 23.30
N LEU H 84 -16.87 -3.99 22.15
CA LEU H 84 -15.57 -4.47 21.72
C LEU H 84 -14.58 -3.32 21.59
N SER H 85 -14.80 -2.26 22.36
CA SER H 85 -13.96 -1.07 22.27
C SER H 85 -12.56 -1.31 22.85
N HIS H 86 -11.59 -0.53 22.37
CA HIS H 86 -10.21 -0.58 22.86
C HIS H 86 -9.59 -1.96 22.75
N ASN H 87 -9.63 -2.54 21.55
CA ASN H 87 -9.02 -3.85 21.30
C ASN H 87 -8.05 -3.83 20.13
N GLN H 88 -7.75 -5.00 19.60
CA GLN H 88 -6.78 -5.13 18.51
C GLN H 88 -7.39 -5.81 17.29
N LEU H 89 -8.64 -5.48 17.00
CA LEU H 89 -9.33 -6.04 15.83
C LEU H 89 -8.87 -5.37 14.55
N GLN H 90 -8.26 -6.14 13.66
CA GLN H 90 -7.80 -5.61 12.38
C GLN H 90 -8.90 -5.67 11.34
N SER H 91 -9.90 -6.51 11.59
CA SER H 91 -11.02 -6.68 10.66
C SER H 91 -12.33 -6.82 11.43
N LEU H 92 -13.43 -6.40 10.81
CA LEU H 92 -14.74 -6.47 11.44
C LEU H 92 -15.44 -7.79 11.14
N PRO H 93 -15.70 -8.59 12.18
CA PRO H 93 -16.39 -9.88 12.04
C PRO H 93 -17.88 -9.69 11.76
N LEU H 94 -18.48 -10.65 11.06
CA LEU H 94 -19.90 -10.59 10.72
C LEU H 94 -20.76 -11.16 11.85
N LEU H 95 -21.57 -10.29 12.45
CA LEU H 95 -22.36 -10.66 13.62
C LEU H 95 -23.85 -10.77 13.30
N GLY H 96 -24.17 -10.93 12.01
CA GLY H 96 -25.56 -10.96 11.58
C GLY H 96 -26.28 -12.26 11.88
N GLN H 97 -25.60 -13.38 11.66
CA GLN H 97 -26.21 -14.69 11.85
C GLN H 97 -25.96 -15.23 13.25
N THR H 98 -25.67 -14.32 14.20
CA THR H 98 -25.37 -14.72 15.56
C THR H 98 -26.07 -13.79 16.57
N LEU H 99 -26.13 -12.51 16.22
CA LEU H 99 -26.78 -11.51 17.08
C LEU H 99 -27.96 -10.87 16.37
N PRO H 100 -29.11 -11.56 16.34
CA PRO H 100 -30.28 -11.06 15.63
C PRO H 100 -30.99 -9.94 16.38
N ALA H 101 -30.79 -9.88 17.70
CA ALA H 101 -31.47 -8.88 18.53
C ALA H 101 -30.49 -7.84 19.06
N LEU H 102 -29.36 -7.68 18.39
CA LEU H 102 -28.36 -6.70 18.80
C LEU H 102 -28.88 -5.28 18.58
N THR H 103 -28.86 -4.48 19.64
CA THR H 103 -29.38 -3.11 19.57
C THR H 103 -28.27 -2.08 19.60
N VAL H 104 -27.23 -2.34 20.39
CA VAL H 104 -26.09 -1.43 20.49
C VAL H 104 -24.76 -2.15 20.30
N LEU H 105 -23.95 -1.63 19.38
CA LEU H 105 -22.63 -2.21 19.11
C LEU H 105 -21.54 -1.15 19.22
N ASP H 106 -20.47 -1.47 19.94
CA ASP H 106 -19.38 -0.54 20.16
C ASP H 106 -18.03 -1.18 19.78
N VAL H 107 -17.57 -0.90 18.57
CA VAL H 107 -16.27 -1.37 18.13
C VAL H 107 -15.36 -0.17 17.87
N SER H 108 -15.20 0.67 18.88
CA SER H 108 -14.39 1.88 18.76
C SER H 108 -12.97 1.65 19.25
N PHE H 109 -12.07 2.55 18.87
CA PHE H 109 -10.67 2.50 19.29
C PHE H 109 -10.01 1.16 18.99
N ASN H 110 -10.24 0.66 17.77
CA ASN H 110 -9.60 -0.58 17.33
C ASN H 110 -8.57 -0.31 16.23
N ARG H 111 -8.50 -1.23 15.26
CA ARG H 111 -7.57 -1.09 14.15
C ARG H 111 -8.21 -1.50 12.84
N LEU H 112 -9.48 -1.13 12.67
CA LEU H 112 -10.21 -1.46 11.45
C LEU H 112 -9.76 -0.55 10.31
N THR H 113 -9.37 -1.17 9.20
CA THR H 113 -8.88 -0.42 8.05
C THR H 113 -9.93 -0.31 6.95
N SER H 114 -10.89 -1.23 6.97
CA SER H 114 -11.95 -1.26 5.96
C SER H 114 -13.20 -1.97 6.46
N LEU H 115 -14.30 -1.81 5.73
CA LEU H 115 -15.56 -2.47 6.07
C LEU H 115 -16.07 -3.25 4.87
N PRO H 116 -16.41 -4.54 5.09
CA PRO H 116 -16.86 -5.42 4.00
C PRO H 116 -18.26 -5.09 3.51
N LEU H 117 -18.58 -5.52 2.28
CA LEU H 117 -19.90 -5.29 1.72
C LEU H 117 -20.98 -5.95 2.55
N GLY H 118 -21.83 -5.12 3.16
CA GLY H 118 -22.87 -5.62 4.05
C GLY H 118 -22.30 -6.12 5.36
N ALA H 119 -21.69 -5.21 6.11
CA ALA H 119 -21.09 -5.56 7.39
C ALA H 119 -22.12 -5.45 8.51
N LEU H 120 -23.32 -5.01 8.18
CA LEU H 120 -24.39 -4.85 9.17
C LEU H 120 -25.64 -5.65 8.79
N ARG H 121 -25.48 -6.61 7.90
CA ARG H 121 -26.60 -7.43 7.44
C ARG H 121 -27.18 -8.26 8.57
N GLY H 122 -28.49 -8.15 8.77
CA GLY H 122 -29.18 -8.94 9.77
C GLY H 122 -29.42 -8.20 11.08
N LEU H 123 -28.95 -6.96 11.16
CA LEU H 123 -29.11 -6.16 12.36
C LEU H 123 -30.22 -5.13 12.20
N GLY H 124 -31.45 -5.61 12.00
CA GLY H 124 -32.59 -4.73 11.81
C GLY H 124 -33.07 -4.06 13.07
N GLU H 125 -32.49 -4.46 14.21
CA GLU H 125 -32.86 -3.89 15.49
C GLU H 125 -31.74 -3.03 16.06
N LEU H 126 -30.72 -2.79 15.25
CA LEU H 126 -29.58 -1.98 15.66
C LEU H 126 -29.94 -0.50 15.74
N GLN H 127 -29.51 0.16 16.81
CA GLN H 127 -29.82 1.58 16.99
C GLN H 127 -28.55 2.42 17.17
N GLU H 128 -27.50 1.81 17.70
CA GLU H 128 -26.25 2.51 17.93
C GLU H 128 -25.06 1.80 17.29
N LEU H 129 -24.16 2.58 16.70
CA LEU H 129 -22.95 2.03 16.08
C LEU H 129 -21.76 2.94 16.34
N TYR H 130 -20.76 2.41 17.03
CA TYR H 130 -19.59 3.20 17.41
C TYR H 130 -18.32 2.65 16.77
N LEU H 131 -17.77 3.41 15.83
CA LEU H 131 -16.53 3.04 15.16
C LEU H 131 -15.53 4.19 15.21
N LYS H 132 -15.32 4.73 16.40
CA LYS H 132 -14.42 5.88 16.57
C LYS H 132 -13.02 5.46 16.98
N GLY H 133 -12.02 6.01 16.31
CA GLY H 133 -10.64 5.77 16.66
C GLY H 133 -10.01 4.64 15.88
N ASN H 134 -10.51 4.41 14.67
CA ASN H 134 -9.97 3.38 13.79
C ASN H 134 -9.16 4.00 12.66
N GLU H 135 -8.87 3.20 11.65
CA GLU H 135 -8.14 3.68 10.47
C GLU H 135 -8.90 3.38 9.19
N LEU H 136 -10.20 3.65 9.20
CA LEU H 136 -11.04 3.43 8.02
C LEU H 136 -10.75 4.49 6.96
N LYS H 137 -10.49 4.03 5.73
CA LYS H 137 -10.21 4.93 4.63
C LYS H 137 -11.48 5.30 3.88
N THR H 138 -12.28 4.30 3.55
CA THR H 138 -13.54 4.51 2.85
C THR H 138 -14.67 3.74 3.51
N LEU H 139 -15.87 3.84 2.92
CA LEU H 139 -17.03 3.13 3.43
C LEU H 139 -17.76 2.41 2.30
N PRO H 140 -18.22 1.18 2.57
CA PRO H 140 -18.91 0.34 1.57
C PRO H 140 -20.31 0.86 1.26
N PRO H 141 -20.76 0.72 0.00
CA PRO H 141 -22.08 1.16 -0.45
C PRO H 141 -23.21 0.42 0.27
N GLY H 142 -24.26 1.15 0.63
CA GLY H 142 -25.41 0.56 1.30
C GLY H 142 -25.04 -0.05 2.64
N LEU H 143 -24.24 0.69 3.42
CA LEU H 143 -23.77 0.20 4.70
C LEU H 143 -24.86 0.24 5.77
N LEU H 144 -25.52 1.39 5.89
CA LEU H 144 -26.52 1.58 6.93
C LEU H 144 -27.92 1.23 6.45
N THR H 145 -28.00 0.56 5.30
CA THR H 145 -29.29 0.11 4.75
C THR H 145 -30.03 -0.92 5.61
N PRO H 146 -29.34 -1.99 6.06
CA PRO H 146 -30.08 -2.97 6.86
C PRO H 146 -30.37 -2.50 8.29
N THR H 147 -29.90 -1.30 8.65
CA THR H 147 -30.14 -0.75 9.97
C THR H 147 -30.90 0.58 9.90
N PRO H 148 -32.22 0.53 9.68
CA PRO H 148 -33.03 1.73 9.53
C PRO H 148 -33.37 2.39 10.87
N LYS H 149 -33.25 1.63 11.96
CA LYS H 149 -33.57 2.13 13.29
C LYS H 149 -32.36 2.80 13.94
N LEU H 150 -31.29 2.97 13.16
CA LEU H 150 -30.05 3.54 13.68
C LEU H 150 -30.26 4.96 14.20
N GLU H 151 -29.76 5.23 15.40
CA GLU H 151 -29.93 6.52 16.03
C GLU H 151 -28.58 7.19 16.31
N LYS H 152 -27.60 6.38 16.68
CA LYS H 152 -26.27 6.90 16.99
C LYS H 152 -25.23 6.36 16.01
N LEU H 153 -24.51 7.26 15.36
CA LEU H 153 -23.46 6.86 14.43
C LEU H 153 -22.14 7.54 14.77
N SER H 154 -21.13 6.74 15.07
CA SER H 154 -19.81 7.29 15.43
C SER H 154 -18.75 6.85 14.43
N LEU H 155 -18.33 7.79 13.58
CA LEU H 155 -17.26 7.54 12.62
C LEU H 155 -16.16 8.56 12.84
N ALA H 156 -16.11 9.13 14.04
CA ALA H 156 -15.15 10.18 14.37
C ALA H 156 -13.73 9.67 14.51
N ASN H 157 -12.77 10.57 14.33
CA ASN H 157 -11.35 10.26 14.49
C ASN H 157 -10.86 9.09 13.63
N ASN H 158 -11.38 9.01 12.42
CA ASN H 158 -10.90 8.01 11.45
C ASN H 158 -10.10 8.69 10.34
N ARG H 159 -9.90 7.97 9.24
CA ARG H 159 -9.17 8.52 8.10
C ARG H 159 -10.08 8.62 6.88
N LEU H 160 -11.38 8.80 7.12
CA LEU H 160 -12.34 8.92 6.05
C LEU H 160 -12.08 10.16 5.19
N THR H 161 -11.82 9.94 3.91
CA THR H 161 -11.56 11.03 2.98
C THR H 161 -12.80 11.34 2.14
N GLU H 162 -13.53 10.29 1.77
CA GLU H 162 -14.78 10.45 1.04
C GLU H 162 -15.95 9.89 1.84
N LEU H 163 -17.16 10.18 1.39
CA LEU H 163 -18.36 9.75 2.10
C LEU H 163 -19.48 9.43 1.12
N PRO H 164 -20.13 8.27 1.31
CA PRO H 164 -21.25 7.83 0.45
C PRO H 164 -22.41 8.83 0.47
N ALA H 165 -22.97 9.11 -0.70
CA ALA H 165 -24.08 10.05 -0.81
C ALA H 165 -25.35 9.50 -0.20
N GLY H 166 -25.49 8.18 -0.22
CA GLY H 166 -26.66 7.53 0.34
C GLY H 166 -26.35 6.77 1.61
N LEU H 167 -25.45 7.34 2.43
CA LEU H 167 -25.04 6.70 3.66
C LEU H 167 -26.11 6.79 4.74
N LEU H 168 -26.73 7.96 4.86
CA LEU H 168 -27.74 8.19 5.89
C LEU H 168 -29.16 8.01 5.36
N ASN H 169 -29.27 7.42 4.17
CA ASN H 169 -30.58 7.20 3.56
C ASN H 169 -31.44 6.22 4.34
N GLY H 170 -32.68 6.62 4.62
CA GLY H 170 -33.61 5.78 5.34
C GLY H 170 -33.59 6.00 6.84
N LEU H 171 -32.53 6.65 7.31
CA LEU H 171 -32.37 6.91 8.75
C LEU H 171 -33.24 8.07 9.20
N GLU H 172 -34.44 7.76 9.66
CA GLU H 172 -35.38 8.79 10.11
C GLU H 172 -35.39 8.92 11.64
N ASN H 173 -34.54 8.13 12.29
CA ASN H 173 -34.43 8.18 13.74
C ASN H 173 -33.05 8.65 14.20
N LEU H 174 -32.18 8.93 13.23
CA LEU H 174 -30.83 9.39 13.52
C LEU H 174 -30.86 10.77 14.18
N ASP H 175 -30.21 10.89 15.34
CA ASP H 175 -30.24 12.13 16.10
C ASP H 175 -28.84 12.68 16.36
N THR H 176 -27.84 11.81 16.31
CA THR H 176 -26.46 12.22 16.56
C THR H 176 -25.50 11.65 15.53
N LEU H 177 -24.68 12.51 14.95
CA LEU H 177 -23.73 12.10 13.93
C LEU H 177 -22.33 12.67 14.19
N LEU H 178 -21.40 11.80 14.53
CA LEU H 178 -20.02 12.22 14.80
C LEU H 178 -19.13 11.94 13.59
N LEU H 179 -18.56 13.00 13.02
CA LEU H 179 -17.69 12.87 11.86
C LEU H 179 -16.48 13.79 11.97
N GLN H 180 -16.08 14.11 13.21
CA GLN H 180 -14.97 15.01 13.42
C GLN H 180 -13.63 14.29 13.38
N GLU H 181 -12.57 15.06 13.12
CA GLU H 181 -11.20 14.53 13.04
C GLU H 181 -11.00 13.45 11.98
N ASN H 182 -11.49 13.73 10.77
CA ASN H 182 -11.24 12.85 9.63
C ASN H 182 -10.42 13.58 8.56
N SER H 183 -10.53 13.11 7.32
CA SER H 183 -9.84 13.76 6.21
C SER H 183 -10.80 14.06 5.06
N LEU H 184 -12.06 14.32 5.41
CA LEU H 184 -13.08 14.65 4.43
C LEU H 184 -12.80 16.00 3.79
N TYR H 185 -13.07 16.11 2.49
CA TYR H 185 -12.82 17.36 1.77
C TYR H 185 -14.10 17.95 1.18
N THR H 186 -15.16 17.15 1.13
CA THR H 186 -16.45 17.62 0.61
C THR H 186 -17.60 16.71 1.03
N ILE H 187 -18.82 17.21 0.86
CA ILE H 187 -20.02 16.42 1.12
C ILE H 187 -20.91 16.40 -0.11
N PRO H 188 -21.24 15.19 -0.61
CA PRO H 188 -22.07 15.01 -1.80
C PRO H 188 -23.43 15.68 -1.67
N LYS H 189 -23.94 16.21 -2.78
CA LYS H 189 -25.24 16.87 -2.80
C LYS H 189 -26.37 15.90 -2.48
N GLY H 190 -27.32 16.36 -1.68
CA GLY H 190 -28.44 15.51 -1.29
C GLY H 190 -28.02 14.43 -0.32
N PHE H 191 -27.12 14.78 0.60
CA PHE H 191 -26.62 13.83 1.59
C PHE H 191 -27.54 13.77 2.80
N PHE H 192 -27.73 14.90 3.47
CA PHE H 192 -28.56 14.97 4.65
C PHE H 192 -30.05 14.90 4.28
N GLY H 193 -30.39 15.44 3.12
CA GLY H 193 -31.77 15.47 2.67
C GLY H 193 -32.60 16.45 3.46
N SER H 194 -33.83 16.07 3.76
CA SER H 194 -34.73 16.92 4.54
C SER H 194 -34.90 16.37 5.95
N HIS H 195 -33.91 15.60 6.41
CA HIS H 195 -33.95 15.01 7.73
C HIS H 195 -33.39 15.94 8.80
N LEU H 196 -34.10 16.02 9.92
CA LEU H 196 -33.65 16.84 11.05
C LEU H 196 -32.60 16.09 11.87
N LEU H 197 -31.40 16.64 11.93
CA LEU H 197 -30.31 16.02 12.68
C LEU H 197 -29.87 16.92 13.83
N PRO H 198 -30.41 16.67 15.03
CA PRO H 198 -30.19 17.49 16.23
C PRO H 198 -28.71 17.68 16.56
N PHE H 199 -27.91 16.63 16.44
CA PHE H 199 -26.48 16.72 16.72
C PHE H 199 -25.65 16.30 15.51
N ALA H 200 -24.66 17.12 15.18
CA ALA H 200 -23.78 16.85 14.05
C ALA H 200 -22.39 17.46 14.26
N PHE H 201 -21.39 16.59 14.41
CA PHE H 201 -20.01 17.03 14.57
C PHE H 201 -19.27 16.89 13.25
N LEU H 202 -18.96 18.01 12.62
CA LEU H 202 -18.35 17.99 11.29
C LEU H 202 -17.04 18.78 11.24
N HIS H 203 -16.57 19.21 12.41
CA HIS H 203 -15.36 20.01 12.50
C HIS H 203 -14.11 19.15 12.39
N GLY H 204 -12.95 19.80 12.33
CA GLY H 204 -11.68 19.11 12.26
C GLY H 204 -11.43 18.42 10.93
N ASN H 205 -12.14 18.85 9.89
CA ASN H 205 -11.98 18.26 8.57
C ASN H 205 -11.46 19.27 7.55
N PRO H 206 -10.50 18.83 6.71
CA PRO H 206 -9.94 19.68 5.65
C PRO H 206 -10.89 19.83 4.47
N TRP H 207 -12.00 20.54 4.67
CA TRP H 207 -12.99 20.74 3.62
C TRP H 207 -12.43 21.57 2.48
N LEU H 208 -12.79 21.22 1.25
CA LEU H 208 -12.41 22.01 0.09
C LEU H 208 -13.56 22.92 -0.31
N CYS H 209 -13.42 24.20 -0.03
CA CYS H 209 -14.51 25.16 -0.22
C CYS H 209 -14.51 25.79 -1.62
N ASN H 210 -15.22 25.16 -2.54
CA ASN H 210 -15.39 25.68 -3.89
C ASN H 210 -16.86 25.84 -4.27
N CYS H 211 -17.21 25.41 -5.47
CA CYS H 211 -18.60 25.49 -5.93
C CYS H 211 -19.38 24.24 -5.53
N GLU H 212 -18.67 23.21 -5.10
CA GLU H 212 -19.30 21.95 -4.70
C GLU H 212 -19.68 21.98 -3.23
N ILE H 213 -19.03 22.84 -2.47
CA ILE H 213 -19.29 22.97 -1.03
C ILE H 213 -20.56 23.77 -0.80
N LEU H 214 -21.12 24.30 -1.88
CA LEU H 214 -22.30 25.16 -1.82
C LEU H 214 -23.48 24.49 -1.13
N TYR H 215 -23.71 23.21 -1.43
CA TYR H 215 -24.78 22.46 -0.80
C TYR H 215 -24.51 22.29 0.69
N PHE H 216 -23.26 22.02 1.03
CA PHE H 216 -22.85 21.86 2.42
C PHE H 216 -22.99 23.18 3.16
N ARG H 217 -22.72 24.27 2.47
CA ARG H 217 -22.80 25.60 3.07
C ARG H 217 -24.20 25.94 3.55
N ARG H 218 -25.18 25.81 2.66
CA ARG H 218 -26.56 26.17 2.98
C ARG H 218 -27.14 25.32 4.11
N TRP H 219 -26.76 24.05 4.15
CA TRP H 219 -27.22 23.16 5.21
C TRP H 219 -26.67 23.61 6.56
N LEU H 220 -25.44 24.09 6.56
CA LEU H 220 -24.82 24.62 7.77
C LEU H 220 -25.46 25.95 8.16
N GLN H 221 -26.03 26.64 7.16
CA GLN H 221 -26.70 27.91 7.40
C GLN H 221 -28.14 27.69 7.87
N ASP H 222 -28.71 26.55 7.50
CA ASP H 222 -30.08 26.21 7.89
C ASP H 222 -30.09 25.33 9.13
N ASN H 223 -28.95 24.71 9.43
CA ASN H 223 -28.83 23.86 10.61
C ASN H 223 -27.65 24.29 11.48
N ALA H 224 -27.48 25.60 11.64
CA ALA H 224 -26.39 26.15 12.44
C ALA H 224 -26.56 25.81 13.92
N GLU H 225 -27.80 25.65 14.34
CA GLU H 225 -28.10 25.30 15.73
C GLU H 225 -27.88 23.82 15.97
N ASN H 226 -27.65 23.07 14.90
CA ASN H 226 -27.50 21.62 15.00
C ASN H 226 -26.07 21.16 14.76
N VAL H 227 -25.14 22.12 14.73
CA VAL H 227 -23.72 21.81 14.58
C VAL H 227 -22.99 21.99 15.90
N TYR H 228 -22.39 20.91 16.39
CA TYR H 228 -21.74 20.94 17.69
C TYR H 228 -20.25 20.60 17.62
N VAL H 229 -19.53 20.88 18.71
CA VAL H 229 -18.10 20.60 18.79
C VAL H 229 -17.81 19.62 19.93
N TRP H 230 -17.02 18.59 19.63
CA TRP H 230 -16.68 17.60 20.64
C TRP H 230 -15.25 17.84 21.16
N LYS H 231 -15.15 18.34 22.39
CA LYS H 231 -13.86 18.58 23.02
C LYS H 231 -13.78 17.91 24.38
N GLN H 232 -12.68 17.22 24.64
CA GLN H 232 -12.51 16.49 25.89
C GLN H 232 -11.21 16.83 26.59
N VAL H 233 -11.30 17.34 27.82
CA VAL H 233 -10.13 17.67 28.62
C VAL H 233 -10.07 16.77 29.85
N VAL H 234 -9.02 15.96 29.92
CA VAL H 234 -8.83 14.99 31.00
C VAL H 234 -10.04 14.05 31.13
N ASP H 235 -10.89 14.32 32.12
CA ASP H 235 -12.08 13.51 32.32
C ASP H 235 -13.33 14.23 31.81
N VAL H 236 -13.21 15.55 31.67
CA VAL H 236 -14.33 16.38 31.24
C VAL H 236 -14.62 16.23 29.75
N LYS H 237 -15.88 15.92 29.44
CA LYS H 237 -16.34 15.88 28.05
C LYS H 237 -17.29 17.06 27.80
N ALA H 238 -16.94 17.90 26.82
CA ALA H 238 -17.74 19.08 26.53
C ALA H 238 -18.32 19.07 25.11
N VAL H 239 -19.60 19.41 24.99
CA VAL H 239 -20.25 19.52 23.70
C VAL H 239 -20.90 20.89 23.55
N THR H 240 -20.41 21.68 22.61
CA THR H 240 -20.87 23.05 22.42
C THR H 240 -21.29 23.34 20.98
N SER H 241 -22.42 23.99 20.83
CA SER H 241 -22.94 24.35 19.51
C SER H 241 -22.13 25.47 18.88
N ASN H 242 -21.45 25.16 17.77
CA ASN H 242 -20.66 26.15 17.05
C ASN H 242 -20.52 25.80 15.57
N VAL H 243 -21.32 26.47 14.75
CA VAL H 243 -21.31 26.23 13.30
C VAL H 243 -20.02 26.74 12.66
N ALA H 244 -19.35 27.67 13.33
CA ALA H 244 -18.11 28.24 12.82
C ALA H 244 -16.92 27.32 13.00
N SER H 245 -17.16 26.13 13.55
CA SER H 245 -16.11 25.16 13.77
C SER H 245 -15.80 24.37 12.49
N VAL H 246 -16.64 24.56 11.48
CA VAL H 246 -16.43 23.91 10.20
C VAL H 246 -15.58 24.79 9.30
N GLN H 247 -14.28 24.48 9.24
CA GLN H 247 -13.33 25.32 8.52
C GLN H 247 -12.91 24.76 7.16
N CYS H 248 -12.50 25.65 6.26
CA CYS H 248 -12.02 25.26 4.94
C CYS H 248 -10.54 24.89 5.00
N ASP H 249 -9.88 25.31 6.08
CA ASP H 249 -8.44 25.12 6.26
C ASP H 249 -7.63 25.69 5.10
N ASP H 252 -7.36 31.00 6.67
CA ASP H 252 -7.17 31.36 8.06
C ASP H 252 -8.47 31.24 8.85
N LYS H 253 -8.88 30.00 9.11
CA LYS H 253 -10.10 29.70 9.85
C LYS H 253 -11.36 30.32 9.22
N PHE H 254 -11.69 29.85 8.01
CA PHE H 254 -12.90 30.25 7.32
C PHE H 254 -14.07 29.34 7.73
N PRO H 255 -15.06 29.89 8.44
CA PRO H 255 -16.27 29.09 8.65
C PRO H 255 -16.96 28.84 7.31
N VAL H 256 -17.20 27.57 6.99
CA VAL H 256 -17.73 27.18 5.69
C VAL H 256 -19.03 27.91 5.33
N TYR H 257 -19.88 28.12 6.32
CA TYR H 257 -21.15 28.81 6.10
C TYR H 257 -20.98 30.30 5.84
N LYS H 258 -19.72 30.76 5.88
CA LYS H 258 -19.41 32.17 5.61
C LYS H 258 -18.70 32.32 4.27
N TYR H 259 -18.26 31.19 3.71
CA TYR H 259 -17.58 31.19 2.43
C TYR H 259 -18.50 31.61 1.29
N PRO H 260 -18.07 32.61 0.51
CA PRO H 260 -18.85 33.12 -0.64
C PRO H 260 -18.66 32.26 -1.88
N GLY H 261 -19.74 32.07 -2.64
CA GLY H 261 -19.66 31.34 -3.89
C GLY H 261 -19.43 32.28 -5.06
N LYS H 262 -18.16 32.62 -5.29
CA LYS H 262 -17.80 33.59 -6.32
C LYS H 262 -17.49 32.91 -7.65
N GLY H 263 -18.37 33.10 -8.62
CA GLY H 263 -18.16 32.56 -9.96
C GLY H 263 -18.74 31.16 -10.14
N CYS H 264 -19.63 30.77 -9.24
CA CYS H 264 -20.27 29.46 -9.33
C CYS H 264 -21.72 29.59 -9.81
N PRO H 265 -22.15 28.70 -10.71
CA PRO H 265 -23.53 28.71 -11.21
C PRO H 265 -24.48 27.95 -10.30
#